data_6QWN
#
_entry.id   6QWN
#
_cell.length_a   205.841
_cell.length_b   114.091
_cell.length_c   146.977
_cell.angle_alpha   90.00
_cell.angle_beta   116.25
_cell.angle_gamma   90.00
#
_symmetry.space_group_name_H-M   'C 1 2 1'
#
loop_
_entity.id
_entity.type
_entity.pdbx_description
1 polymer 'Pollen-specific leucine-rich repeat extensin-like protein 1'
2 polymer 'Protein RALF-like 4'
3 branched alpha-D-mannopyranose-(1-3)-beta-D-mannopyranose-(1-4)-2-acetamido-2-deoxy-beta-D-glucopyranose-(1-4)-2-acetamido-2-deoxy-beta-D-glucopyranose
4 branched 2-acetamido-2-deoxy-beta-D-glucopyranose-(1-3)-2-acetamido-2-deoxy-beta-D-glucopyranose
5 branched beta-D-mannopyranose-(1-4)-2-acetamido-2-deoxy-beta-D-glucopyranose-(1-6)-2-acetamido-2-deoxy-beta-D-glucopyranose
6 branched 2-acetamido-2-deoxy-beta-D-glucopyranose-(1-4)-2-acetamido-2-deoxy-beta-D-glucopyranose
7 branched beta-D-mannopyranose-(1-4)-2-acetamido-2-deoxy-beta-D-glucopyranose-(1-4)-2-acetamido-2-deoxy-beta-D-glucopyranose
8 non-polymer 2-acetamido-2-deoxy-beta-D-glucopyranose
#
loop_
_entity_poly.entity_id
_entity_poly.type
_entity_poly.pdbx_seq_one_letter_code
_entity_poly.pdbx_strand_id
1 'polypeptide(L)'
;MELTDEEASFLTRRQLLALSENGDLPDDIEYEVDLDLKFANNRLKRAYIALQAWKKAFYSDPFNTAANWVGPDVCSYKGV
FCAPALDDPSVLVVAGIDLNHADIAGYLPPELGLLTDVALFHVNSNRFCGVIPKSLSKLTLMYEFDVSNNRFVGPFPTVA
LSWPSLKFLDIRYNDFEGKLPPEIFDKDLDAIFLNNNRFESTIPETIGKSTASVVTFAHNKFSGCIPKTIGQMKNLNEIV
FIGNNLSGCLPNEIGSLNNVTVFDASSNGFVGSLPSTLSGLANVEQMDFSYNKFTGFVTDNICKLPKLSNFTFSYNFFNG
EAQSCVPGSSQEKQFDDTSNCLQNRPNQKSAKECLPVVSRPVDCSKDKCAGGLEGSENL
;
A,B,C,D,E
2 'polypeptide(L)' MGRRQLARGRRYIGYDALKKNNVPCSRRGRSYYDCKKRRRNNPYRRGCSAITHCYR F,G,H,I,J
#
loop_
_chem_comp.id
_chem_comp.type
_chem_comp.name
_chem_comp.formula
BMA D-saccharide, beta linking beta-D-mannopyranose 'C6 H12 O6'
MAN D-saccharide, alpha linking alpha-D-mannopyranose 'C6 H12 O6'
NAG D-saccharide, beta linking 2-acetamido-2-deoxy-beta-D-glucopyranose 'C8 H15 N O6'
#
# COMPACT_ATOMS: atom_id res chain seq x y z
N LEU A 35 3.50 -16.81 -11.63
CA LEU A 35 2.84 -17.97 -12.21
C LEU A 35 3.71 -19.23 -12.06
N ASP A 36 3.22 -20.20 -11.30
CA ASP A 36 3.95 -21.44 -11.07
C ASP A 36 2.98 -22.63 -11.00
N LEU A 37 1.88 -22.57 -11.75
CA LEU A 37 0.88 -23.63 -11.73
C LEU A 37 0.71 -24.20 -13.12
N LYS A 38 0.56 -25.53 -13.19
CA LYS A 38 0.34 -26.26 -14.42
C LYS A 38 -0.98 -26.99 -14.33
N PHE A 39 -1.73 -27.02 -15.43
CA PHE A 39 -3.05 -27.62 -15.45
C PHE A 39 -3.03 -28.91 -16.27
N ALA A 40 -4.13 -29.66 -16.15
CA ALA A 40 -4.26 -30.92 -16.88
C ALA A 40 -4.28 -30.68 -18.39
N ASN A 41 -4.82 -29.54 -18.82
CA ASN A 41 -4.88 -29.19 -20.23
C ASN A 41 -4.68 -27.69 -20.36
N ASN A 42 -4.61 -27.22 -21.60
CA ASN A 42 -4.49 -25.79 -21.85
C ASN A 42 -5.82 -25.07 -21.78
N ARG A 43 -6.93 -25.78 -21.99
CA ARG A 43 -8.24 -25.15 -22.04
C ARG A 43 -8.77 -24.82 -20.65
N LEU A 44 -8.45 -25.62 -19.64
CA LEU A 44 -8.83 -25.29 -18.27
C LEU A 44 -7.96 -24.18 -17.71
N LYS A 45 -6.78 -23.96 -18.27
CA LYS A 45 -5.94 -22.84 -17.85
C LYS A 45 -6.63 -21.51 -18.05
N ARG A 46 -7.30 -21.33 -19.20
CA ARG A 46 -8.06 -20.10 -19.43
C ARG A 46 -9.25 -19.98 -18.51
N ALA A 47 -9.86 -21.11 -18.12
CA ALA A 47 -10.98 -21.05 -17.20
C ALA A 47 -10.53 -20.55 -15.83
N TYR A 48 -9.34 -20.97 -15.39
CA TYR A 48 -8.79 -20.46 -14.15
C TYR A 48 -8.57 -18.96 -14.22
N ILE A 49 -8.09 -18.46 -15.37
CA ILE A 49 -7.89 -17.03 -15.55
C ILE A 49 -9.21 -16.28 -15.46
N ALA A 50 -10.26 -16.84 -16.07
CA ALA A 50 -11.56 -16.17 -16.04
C ALA A 50 -12.16 -16.20 -14.64
N LEU A 51 -12.15 -17.36 -13.99
CA LEU A 51 -12.77 -17.48 -12.67
C LEU A 51 -12.09 -16.61 -11.64
N GLN A 52 -10.74 -16.57 -11.65
CA GLN A 52 -10.04 -15.75 -10.67
C GLN A 52 -10.28 -14.27 -10.92
N ALA A 53 -10.31 -13.85 -12.19
CA ALA A 53 -10.68 -12.47 -12.50
C ALA A 53 -12.14 -12.22 -12.17
N TRP A 54 -13.01 -13.20 -12.42
CA TRP A 54 -14.41 -13.08 -12.05
C TRP A 54 -14.64 -13.25 -10.55
N LYS A 55 -13.71 -13.92 -9.85
CA LYS A 55 -13.73 -13.88 -8.39
C LYS A 55 -13.39 -12.49 -7.89
N LYS A 56 -12.43 -11.82 -8.55
CA LYS A 56 -12.08 -10.45 -8.20
C LYS A 56 -13.21 -9.48 -8.47
N ALA A 57 -14.20 -9.88 -9.27
CA ALA A 57 -15.37 -9.06 -9.53
C ALA A 57 -16.52 -9.35 -8.58
N PHE A 58 -16.35 -10.30 -7.66
CA PHE A 58 -17.36 -10.60 -6.65
C PHE A 58 -17.28 -9.55 -5.55
N TYR A 59 -18.27 -8.68 -5.47
CA TYR A 59 -18.29 -7.65 -4.44
C TYR A 59 -18.90 -8.12 -3.14
N SER A 60 -19.68 -9.21 -3.16
CA SER A 60 -20.28 -9.75 -1.94
C SER A 60 -20.68 -11.18 -2.19
N ASP A 61 -20.61 -11.99 -1.12
CA ASP A 61 -21.03 -13.39 -1.17
C ASP A 61 -21.33 -13.88 0.24
N PRO A 62 -22.56 -13.67 0.73
CA PRO A 62 -22.89 -14.09 2.09
C PRO A 62 -22.79 -15.58 2.35
N PHE A 63 -22.91 -16.42 1.32
CA PHE A 63 -22.86 -17.87 1.49
C PHE A 63 -21.43 -18.41 1.50
N ASN A 64 -20.43 -17.58 1.22
CA ASN A 64 -19.03 -17.99 1.16
C ASN A 64 -18.83 -19.13 0.15
N THR A 65 -19.66 -19.14 -0.89
CA THR A 65 -19.54 -20.13 -1.96
C THR A 65 -18.33 -19.90 -2.85
N ALA A 66 -17.70 -18.73 -2.77
CA ALA A 66 -16.54 -18.39 -3.59
C ALA A 66 -15.23 -18.57 -2.85
N ALA A 67 -15.27 -18.93 -1.56
CA ALA A 67 -14.04 -19.17 -0.82
C ALA A 67 -13.29 -20.38 -1.34
N ASN A 68 -13.97 -21.29 -2.04
CA ASN A 68 -13.34 -22.47 -2.62
C ASN A 68 -12.55 -22.17 -3.88
N TRP A 69 -12.72 -20.99 -4.48
CA TRP A 69 -12.11 -20.69 -5.78
C TRP A 69 -10.66 -20.24 -5.60
N VAL A 70 -9.83 -21.19 -5.16
CA VAL A 70 -8.38 -21.01 -5.12
C VAL A 70 -7.73 -22.34 -5.46
N GLY A 71 -6.68 -22.30 -6.27
CA GLY A 71 -5.96 -23.50 -6.65
C GLY A 71 -6.24 -23.89 -8.09
N PRO A 72 -5.39 -24.77 -8.63
CA PRO A 72 -5.56 -25.16 -10.04
C PRO A 72 -6.64 -26.21 -10.26
N ASP A 73 -7.04 -26.95 -9.22
CA ASP A 73 -8.05 -27.99 -9.36
C ASP A 73 -9.42 -27.33 -9.48
N VAL A 74 -9.68 -26.79 -10.67
CA VAL A 74 -10.91 -26.03 -10.92
C VAL A 74 -12.14 -26.92 -10.82
N CYS A 75 -12.03 -28.19 -11.22
CA CYS A 75 -13.19 -29.08 -11.23
C CYS A 75 -13.78 -29.33 -9.84
N SER A 76 -13.07 -28.99 -8.77
CA SER A 76 -13.60 -29.11 -7.43
C SER A 76 -14.16 -27.80 -6.89
N TYR A 77 -14.06 -26.71 -7.66
CA TYR A 77 -14.66 -25.44 -7.26
C TYR A 77 -16.17 -25.58 -7.12
N LYS A 78 -16.73 -24.93 -6.11
CA LYS A 78 -18.17 -24.91 -5.95
C LYS A 78 -18.80 -24.04 -7.03
N GLY A 79 -19.75 -24.62 -7.77
CA GLY A 79 -20.50 -23.93 -8.80
C GLY A 79 -20.12 -24.33 -10.21
N VAL A 80 -18.87 -24.72 -10.44
CA VAL A 80 -18.43 -25.16 -11.75
C VAL A 80 -18.40 -26.67 -11.78
N PHE A 81 -18.56 -27.24 -12.98
CA PHE A 81 -18.66 -28.68 -13.14
C PHE A 81 -17.94 -29.10 -14.41
N CYS A 82 -17.26 -30.24 -14.35
CA CYS A 82 -16.45 -30.72 -15.46
C CYS A 82 -17.07 -31.96 -16.07
N ALA A 83 -16.74 -32.20 -17.33
CA ALA A 83 -17.22 -33.35 -18.07
C ALA A 83 -16.23 -33.62 -19.19
N PRO A 84 -16.18 -34.86 -19.70
CA PRO A 84 -15.30 -35.14 -20.84
C PRO A 84 -15.72 -34.29 -22.05
N ALA A 85 -14.74 -33.61 -22.63
CA ALA A 85 -15.03 -32.67 -23.71
C ALA A 85 -15.59 -33.40 -24.92
N LEU A 86 -16.63 -32.82 -25.53
CA LEU A 86 -17.20 -33.37 -26.74
C LEU A 86 -16.20 -33.35 -27.89
N ASP A 87 -15.20 -32.47 -27.83
CA ASP A 87 -14.15 -32.46 -28.83
C ASP A 87 -13.32 -33.74 -28.77
N ASP A 88 -12.89 -34.12 -27.57
CA ASP A 88 -12.12 -35.34 -27.37
C ASP A 88 -12.39 -35.87 -25.97
N PRO A 89 -12.87 -37.11 -25.83
CA PRO A 89 -13.11 -37.67 -24.49
C PRO A 89 -11.85 -37.86 -23.66
N SER A 90 -10.66 -37.75 -24.27
CA SER A 90 -9.43 -37.88 -23.51
C SER A 90 -9.25 -36.72 -22.55
N VAL A 91 -9.70 -35.53 -22.94
CA VAL A 91 -9.52 -34.31 -22.16
C VAL A 91 -10.84 -33.93 -21.53
N LEU A 92 -10.79 -33.45 -20.28
CA LEU A 92 -11.95 -32.96 -19.56
C LEU A 92 -11.89 -31.44 -19.46
N VAL A 93 -13.05 -30.79 -19.56
CA VAL A 93 -13.12 -29.34 -19.60
C VAL A 93 -14.26 -28.87 -18.70
N VAL A 94 -14.20 -27.59 -18.31
CA VAL A 94 -15.30 -26.97 -17.60
C VAL A 94 -16.48 -26.85 -18.55
N ALA A 95 -17.52 -27.63 -18.30
CA ALA A 95 -18.66 -27.73 -19.22
C ALA A 95 -19.83 -26.86 -18.82
N GLY A 96 -19.96 -26.51 -17.55
CA GLY A 96 -21.08 -25.72 -17.09
C GLY A 96 -20.79 -25.02 -15.79
N ILE A 97 -21.53 -23.95 -15.56
CA ILE A 97 -21.45 -23.17 -14.33
C ILE A 97 -22.86 -23.06 -13.77
N ASP A 98 -23.02 -23.44 -12.51
CA ASP A 98 -24.31 -23.43 -11.84
C ASP A 98 -24.15 -22.68 -10.53
N LEU A 99 -24.84 -21.55 -10.43
CA LEU A 99 -24.77 -20.64 -9.29
C LEU A 99 -26.17 -20.27 -8.82
N ASN A 100 -27.01 -21.29 -8.58
CA ASN A 100 -28.38 -21.02 -8.19
C ASN A 100 -28.35 -20.35 -6.82
N HIS A 101 -29.52 -20.12 -6.22
CA HIS A 101 -29.83 -18.81 -5.66
C HIS A 101 -28.58 -18.11 -5.12
N ALA A 102 -27.99 -18.61 -4.03
CA ALA A 102 -26.69 -18.17 -3.52
C ALA A 102 -26.42 -16.68 -3.76
N ASP A 103 -27.05 -15.78 -3.01
CA ASP A 103 -26.91 -14.35 -3.28
C ASP A 103 -25.46 -13.95 -3.50
N ILE A 104 -25.14 -13.56 -4.72
CA ILE A 104 -23.79 -13.16 -5.14
C ILE A 104 -23.87 -11.82 -5.83
N ALA A 105 -23.02 -10.89 -5.42
CA ALA A 105 -23.04 -9.54 -5.98
C ALA A 105 -21.76 -9.26 -6.74
N GLY A 106 -21.87 -8.39 -7.74
CA GLY A 106 -20.74 -8.02 -8.55
C GLY A 106 -21.17 -7.71 -9.97
N TYR A 107 -20.21 -7.80 -10.88
CA TYR A 107 -20.46 -7.63 -12.31
C TYR A 107 -19.72 -8.73 -13.05
N LEU A 108 -20.10 -8.91 -14.32
CA LEU A 108 -19.45 -9.89 -15.17
C LEU A 108 -18.34 -9.22 -15.96
N PRO A 109 -17.07 -9.49 -15.67
CA PRO A 109 -15.98 -8.84 -16.39
C PRO A 109 -15.81 -9.42 -17.78
N PRO A 110 -15.19 -8.68 -18.70
CA PRO A 110 -14.98 -9.21 -20.06
C PRO A 110 -14.00 -10.37 -20.14
N GLU A 111 -13.27 -10.66 -19.06
CA GLU A 111 -12.33 -11.78 -19.06
C GLU A 111 -13.01 -13.13 -19.16
N LEU A 112 -14.34 -13.18 -19.11
CA LEU A 112 -15.07 -14.43 -19.27
C LEU A 112 -15.06 -14.97 -20.68
N GLY A 113 -14.55 -14.21 -21.66
CA GLY A 113 -14.49 -14.72 -23.02
C GLY A 113 -13.56 -15.92 -23.16
N LEU A 114 -12.57 -16.02 -22.26
CA LEU A 114 -11.69 -17.19 -22.26
C LEU A 114 -12.42 -18.43 -21.76
N LEU A 115 -13.56 -18.26 -21.09
CA LEU A 115 -14.33 -19.36 -20.50
C LEU A 115 -15.17 -20.06 -21.57
N THR A 116 -14.47 -20.73 -22.49
CA THR A 116 -15.11 -21.38 -23.62
C THR A 116 -15.72 -22.72 -23.22
N ASP A 117 -16.48 -23.29 -24.15
CA ASP A 117 -17.16 -24.59 -24.11
C ASP A 117 -18.28 -24.70 -23.10
N VAL A 118 -18.54 -23.68 -22.28
CA VAL A 118 -19.64 -23.78 -21.32
C VAL A 118 -20.96 -23.63 -22.06
N ALA A 119 -21.95 -24.41 -21.63
CA ALA A 119 -23.27 -24.42 -22.24
C ALA A 119 -24.37 -24.02 -21.29
N LEU A 120 -24.22 -24.29 -20.00
CA LEU A 120 -25.21 -23.92 -19.00
C LEU A 120 -24.61 -22.89 -18.06
N PHE A 121 -25.31 -21.76 -17.88
CA PHE A 121 -24.82 -20.63 -17.10
C PHE A 121 -25.95 -20.19 -16.17
N HIS A 122 -26.11 -20.90 -15.05
CA HIS A 122 -27.20 -20.64 -14.12
C HIS A 122 -26.70 -19.65 -13.07
N VAL A 123 -27.05 -18.38 -13.26
CA VAL A 123 -26.60 -17.28 -12.41
C VAL A 123 -27.84 -16.55 -11.91
N ASN A 124 -28.85 -17.30 -11.48
CA ASN A 124 -30.12 -16.71 -11.09
C ASN A 124 -30.19 -16.36 -9.60
N SER A 125 -30.99 -15.34 -9.32
CA SER A 125 -31.35 -14.90 -7.96
C SER A 125 -30.15 -14.42 -7.15
N ASN A 126 -29.15 -13.87 -7.83
CA ASN A 126 -27.99 -13.28 -7.17
C ASN A 126 -27.83 -11.82 -7.62
N ARG A 127 -27.38 -10.97 -6.70
CA ARG A 127 -27.31 -9.53 -6.95
C ARG A 127 -26.21 -9.13 -7.92
N PHE A 128 -26.15 -9.73 -9.11
CA PHE A 128 -25.19 -9.27 -10.10
C PHE A 128 -25.70 -7.99 -10.77
N CYS A 129 -24.74 -7.21 -11.28
CA CYS A 129 -25.03 -5.96 -11.97
C CYS A 129 -24.16 -5.86 -13.22
N GLY A 130 -24.31 -4.74 -13.93
CA GLY A 130 -23.57 -4.52 -15.15
C GLY A 130 -24.15 -5.22 -16.37
N VAL A 131 -23.97 -4.62 -17.54
CA VAL A 131 -24.49 -5.21 -18.77
C VAL A 131 -23.72 -6.49 -19.08
N ILE A 132 -24.37 -7.40 -19.78
CA ILE A 132 -23.68 -8.63 -20.23
C ILE A 132 -22.51 -8.24 -21.13
N PRO A 133 -21.30 -8.72 -20.87
CA PRO A 133 -20.16 -8.30 -21.68
C PRO A 133 -20.24 -8.83 -23.10
N LYS A 134 -19.75 -8.01 -24.04
CA LYS A 134 -19.70 -8.42 -25.43
C LYS A 134 -18.79 -9.62 -25.64
N SER A 135 -17.75 -9.76 -24.80
CA SER A 135 -16.79 -10.85 -24.95
C SER A 135 -17.41 -12.22 -24.70
N LEU A 136 -18.63 -12.30 -24.14
CA LEU A 136 -19.29 -13.58 -23.97
C LEU A 136 -19.72 -14.19 -25.29
N SER A 137 -19.61 -13.46 -26.40
CA SER A 137 -19.94 -14.01 -27.71
C SER A 137 -19.00 -15.15 -28.11
N LYS A 138 -17.84 -15.24 -27.47
CA LYS A 138 -16.92 -16.35 -27.70
C LYS A 138 -17.46 -17.68 -27.17
N LEU A 139 -18.56 -17.67 -26.42
CA LEU A 139 -19.16 -18.88 -25.87
C LEU A 139 -20.07 -19.51 -26.92
N THR A 140 -19.43 -19.99 -27.99
CA THR A 140 -20.17 -20.55 -29.12
C THR A 140 -21.00 -21.77 -28.74
N LEU A 141 -20.69 -22.42 -27.61
CA LEU A 141 -21.39 -23.61 -27.17
C LEU A 141 -22.50 -23.29 -26.17
N MET A 142 -22.85 -22.02 -26.00
CA MET A 142 -23.89 -21.64 -25.05
C MET A 142 -25.22 -22.26 -25.46
N TYR A 143 -25.80 -23.05 -24.55
CA TYR A 143 -27.04 -23.76 -24.81
C TYR A 143 -28.20 -23.27 -23.94
N GLU A 144 -27.96 -22.97 -22.67
CA GLU A 144 -28.97 -22.43 -21.78
C GLU A 144 -28.33 -21.32 -20.95
N PHE A 145 -29.00 -20.16 -20.91
CA PHE A 145 -28.45 -18.95 -20.31
C PHE A 145 -29.47 -18.41 -19.31
N ASP A 146 -29.11 -18.36 -18.03
CA ASP A 146 -30.05 -18.12 -16.93
C ASP A 146 -29.55 -16.97 -16.05
N VAL A 147 -29.82 -15.73 -16.50
CA VAL A 147 -29.51 -14.54 -15.72
C VAL A 147 -30.76 -13.97 -15.04
N SER A 148 -31.73 -14.84 -14.76
CA SER A 148 -32.98 -14.40 -14.17
C SER A 148 -32.78 -13.89 -12.74
N ASN A 149 -33.63 -12.95 -12.33
CA ASN A 149 -33.62 -12.35 -11.00
C ASN A 149 -32.26 -11.73 -10.68
N ASN A 150 -31.86 -10.79 -11.53
CA ASN A 150 -30.61 -10.06 -11.37
C ASN A 150 -30.88 -8.57 -11.52
N ARG A 151 -29.85 -7.77 -11.21
CA ARG A 151 -29.92 -6.32 -11.30
C ARG A 151 -29.29 -5.80 -12.58
N PHE A 152 -29.23 -6.64 -13.61
CA PHE A 152 -28.69 -6.24 -14.90
C PHE A 152 -29.53 -5.13 -15.51
N VAL A 153 -28.88 -4.01 -15.79
CA VAL A 153 -29.53 -2.83 -16.37
C VAL A 153 -28.86 -2.54 -17.69
N GLY A 154 -29.49 -2.95 -18.80
CA GLY A 154 -29.03 -2.58 -20.10
C GLY A 154 -30.15 -2.38 -21.11
N PRO A 155 -29.78 -2.16 -22.37
CA PRO A 155 -30.70 -2.47 -23.47
C PRO A 155 -30.80 -3.99 -23.64
N PHE A 156 -31.38 -4.44 -24.72
CA PHE A 156 -31.44 -5.90 -24.83
C PHE A 156 -30.05 -6.45 -25.19
N PRO A 157 -29.67 -7.63 -24.66
CA PRO A 157 -28.33 -8.16 -24.93
C PRO A 157 -28.17 -8.69 -26.35
N THR A 158 -27.74 -7.81 -27.26
CA THR A 158 -27.47 -8.14 -28.65
C THR A 158 -26.30 -9.10 -28.79
N VAL A 159 -25.70 -9.50 -27.68
CA VAL A 159 -24.62 -10.48 -27.70
C VAL A 159 -25.22 -11.85 -27.43
N ALA A 160 -26.36 -11.88 -26.75
CA ALA A 160 -27.10 -13.11 -26.53
C ALA A 160 -27.71 -13.66 -27.81
N LEU A 161 -27.60 -12.94 -28.93
CA LEU A 161 -28.12 -13.39 -30.20
C LEU A 161 -27.08 -14.09 -31.06
N SER A 162 -25.79 -13.97 -30.73
CA SER A 162 -24.74 -14.61 -31.51
C SER A 162 -24.56 -16.07 -31.14
N TRP A 163 -25.23 -16.54 -30.09
CA TRP A 163 -25.14 -17.90 -29.59
C TRP A 163 -26.06 -18.80 -30.41
N PRO A 164 -25.51 -19.65 -31.28
CA PRO A 164 -26.35 -20.46 -32.18
C PRO A 164 -27.07 -21.60 -31.49
N SER A 165 -26.39 -22.26 -30.56
CA SER A 165 -26.96 -23.43 -29.88
C SER A 165 -27.89 -23.06 -28.76
N LEU A 166 -28.12 -21.76 -28.52
CA LEU A 166 -28.97 -21.33 -27.41
C LEU A 166 -30.40 -21.80 -27.65
N LYS A 167 -30.97 -22.49 -26.65
CA LYS A 167 -32.35 -22.94 -26.69
C LYS A 167 -33.17 -22.47 -25.51
N PHE A 168 -32.54 -22.19 -24.37
CA PHE A 168 -33.21 -21.70 -23.17
C PHE A 168 -32.64 -20.34 -22.82
N LEU A 169 -33.49 -19.31 -22.83
CA LEU A 169 -33.07 -17.96 -22.50
C LEU A 169 -34.12 -17.31 -21.62
N ASP A 170 -33.70 -16.88 -20.43
CA ASP A 170 -34.57 -16.15 -19.52
C ASP A 170 -33.83 -14.93 -18.99
N ILE A 171 -34.40 -13.75 -19.19
CA ILE A 171 -33.87 -12.50 -18.65
C ILE A 171 -34.96 -11.85 -17.81
N ARG A 172 -35.62 -12.64 -16.98
CA ARG A 172 -36.78 -12.19 -16.24
C ARG A 172 -36.37 -11.63 -14.89
N TYR A 173 -37.17 -10.68 -14.40
CA TYR A 173 -36.88 -9.92 -13.19
C TYR A 173 -35.54 -9.19 -13.34
N ASN A 174 -35.37 -8.52 -14.47
CA ASN A 174 -34.24 -7.68 -14.77
C ASN A 174 -34.74 -6.33 -15.26
N ASP A 175 -33.87 -5.32 -15.23
CA ASP A 175 -34.23 -3.99 -15.72
C ASP A 175 -33.63 -3.76 -17.11
N PHE A 176 -34.15 -4.49 -18.09
CA PHE A 176 -33.81 -4.23 -19.48
C PHE A 176 -34.74 -3.17 -20.05
N GLU A 177 -34.24 -2.44 -21.04
CA GLU A 177 -34.94 -1.26 -21.56
C GLU A 177 -35.00 -1.31 -23.07
N GLY A 178 -35.97 -0.59 -23.63
CA GLY A 178 -36.01 -0.36 -25.06
C GLY A 178 -36.78 -1.39 -25.85
N LYS A 179 -36.41 -1.55 -27.11
CA LYS A 179 -37.12 -2.44 -28.02
C LYS A 179 -36.65 -3.87 -27.85
N LEU A 180 -37.55 -4.81 -28.10
CA LEU A 180 -37.17 -6.21 -28.22
C LEU A 180 -36.84 -6.47 -29.69
N PRO A 181 -35.60 -6.85 -30.01
CA PRO A 181 -35.22 -6.99 -31.42
C PRO A 181 -35.96 -8.15 -32.07
N PRO A 182 -36.47 -7.95 -33.29
CA PRO A 182 -37.19 -9.04 -33.98
C PRO A 182 -36.30 -10.22 -34.32
N GLU A 183 -34.97 -10.06 -34.28
CA GLU A 183 -34.06 -11.15 -34.61
C GLU A 183 -34.08 -12.28 -33.60
N ILE A 184 -34.74 -12.10 -32.45
CA ILE A 184 -34.72 -13.14 -31.41
C ILE A 184 -35.57 -14.33 -31.83
N PHE A 185 -36.70 -14.09 -32.49
CA PHE A 185 -37.59 -15.18 -32.83
C PHE A 185 -37.17 -15.92 -34.09
N ASP A 186 -36.30 -15.32 -34.91
CA ASP A 186 -35.80 -16.01 -36.09
C ASP A 186 -34.90 -17.18 -35.74
N LYS A 187 -34.35 -17.20 -34.54
CA LYS A 187 -33.46 -18.27 -34.12
C LYS A 187 -34.27 -19.44 -33.57
N ASP A 188 -33.73 -20.65 -33.73
CA ASP A 188 -34.39 -21.85 -33.22
C ASP A 188 -34.22 -21.88 -31.71
N LEU A 189 -35.11 -21.17 -31.03
CA LEU A 189 -35.17 -21.14 -29.58
C LEU A 189 -36.29 -22.04 -29.09
N ASP A 190 -36.16 -22.49 -27.83
CA ASP A 190 -37.19 -23.33 -27.22
C ASP A 190 -37.93 -22.64 -26.09
N ALA A 191 -37.32 -21.66 -25.44
CA ALA A 191 -37.96 -20.92 -24.36
C ALA A 191 -37.40 -19.52 -24.30
N ILE A 192 -38.29 -18.54 -24.12
CA ILE A 192 -37.93 -17.14 -23.99
C ILE A 192 -38.71 -16.57 -22.82
N PHE A 193 -37.99 -16.02 -21.84
CA PHE A 193 -38.61 -15.43 -20.66
C PHE A 193 -38.20 -13.97 -20.56
N LEU A 194 -39.20 -13.10 -20.45
CA LEU A 194 -39.00 -11.65 -20.47
C LEU A 194 -39.79 -10.96 -19.37
N ASN A 195 -40.14 -11.67 -18.30
CA ASN A 195 -41.05 -11.13 -17.31
C ASN A 195 -40.36 -10.08 -16.44
N ASN A 196 -41.17 -9.12 -15.96
CA ASN A 196 -40.71 -8.12 -14.99
C ASN A 196 -39.53 -7.31 -15.51
N ASN A 197 -39.66 -6.82 -16.74
CA ASN A 197 -38.65 -5.97 -17.36
C ASN A 197 -39.30 -4.66 -17.79
N ARG A 198 -38.54 -3.84 -18.53
CA ARG A 198 -39.04 -2.54 -18.95
C ARG A 198 -38.99 -2.37 -20.46
N PHE A 199 -39.50 -3.35 -21.19
CA PHE A 199 -39.61 -3.22 -22.64
C PHE A 199 -40.71 -2.23 -23.00
N GLU A 200 -40.47 -1.44 -24.04
CA GLU A 200 -41.34 -0.32 -24.39
C GLU A 200 -41.78 -0.31 -25.84
N SER A 201 -41.25 -1.20 -26.68
CA SER A 201 -41.66 -1.32 -28.07
C SER A 201 -42.93 -2.14 -28.21
N THR A 202 -43.16 -2.67 -29.40
CA THR A 202 -44.30 -3.54 -29.70
C THR A 202 -43.77 -4.93 -29.99
N ILE A 203 -44.68 -5.90 -29.95
CA ILE A 203 -44.27 -7.28 -30.24
C ILE A 203 -43.90 -7.40 -31.72
N PRO A 204 -42.72 -7.89 -32.05
CA PRO A 204 -42.29 -7.95 -33.45
C PRO A 204 -43.17 -8.88 -34.28
N GLU A 205 -43.29 -8.55 -35.56
CA GLU A 205 -44.04 -9.41 -36.48
C GLU A 205 -43.35 -10.75 -36.69
N THR A 206 -42.05 -10.84 -36.37
CA THR A 206 -41.28 -12.07 -36.50
C THR A 206 -41.64 -13.12 -35.46
N ILE A 207 -42.60 -12.83 -34.58
CA ILE A 207 -42.95 -13.78 -33.52
C ILE A 207 -43.38 -15.12 -34.10
N GLY A 208 -43.96 -15.12 -35.30
CA GLY A 208 -44.43 -16.36 -35.89
C GLY A 208 -43.33 -17.31 -36.30
N LYS A 209 -42.12 -16.79 -36.52
CA LYS A 209 -41.00 -17.62 -36.98
C LYS A 209 -40.36 -18.43 -35.86
N SER A 210 -40.79 -18.26 -34.61
CA SER A 210 -40.10 -18.88 -33.49
C SER A 210 -40.63 -20.28 -33.21
N THR A 211 -39.70 -21.20 -32.98
CA THR A 211 -40.01 -22.54 -32.49
C THR A 211 -40.30 -22.56 -30.99
N ALA A 212 -39.92 -21.50 -30.27
CA ALA A 212 -40.05 -21.38 -28.81
C ALA A 212 -41.31 -22.02 -28.24
N SER A 213 -41.11 -23.12 -27.49
CA SER A 213 -42.23 -23.80 -26.86
C SER A 213 -42.97 -22.89 -25.88
N VAL A 214 -42.22 -22.16 -25.05
CA VAL A 214 -42.78 -21.26 -24.05
C VAL A 214 -42.21 -19.87 -24.25
N VAL A 215 -43.07 -18.86 -24.15
CA VAL A 215 -42.67 -17.46 -24.22
C VAL A 215 -43.45 -16.71 -23.17
N THR A 216 -42.81 -15.72 -22.54
CA THR A 216 -43.42 -14.96 -21.45
C THR A 216 -43.12 -13.48 -21.63
N PHE A 217 -44.18 -12.67 -21.74
CA PHE A 217 -44.04 -11.22 -21.84
C PHE A 217 -44.62 -10.51 -20.62
N ALA A 218 -44.73 -11.20 -19.49
CA ALA A 218 -45.53 -10.71 -18.38
C ALA A 218 -44.85 -9.54 -17.67
N HIS A 219 -45.68 -8.71 -17.04
CA HIS A 219 -45.23 -7.55 -16.25
C HIS A 219 -44.24 -6.68 -17.02
N ASN A 220 -44.59 -6.37 -18.27
CA ASN A 220 -43.79 -5.50 -19.10
C ASN A 220 -44.68 -4.43 -19.72
N LYS A 221 -44.05 -3.38 -20.26
CA LYS A 221 -44.78 -2.26 -20.84
C LYS A 221 -44.87 -2.39 -22.35
N PHE A 222 -45.23 -3.57 -22.85
CA PHE A 222 -45.39 -3.76 -24.28
C PHE A 222 -46.58 -2.97 -24.80
N SER A 223 -46.31 -2.06 -25.73
CA SER A 223 -47.35 -1.29 -26.41
C SER A 223 -47.72 -1.97 -27.72
N GLY A 224 -48.78 -1.46 -28.35
CA GLY A 224 -49.19 -1.97 -29.64
C GLY A 224 -50.23 -3.07 -29.53
N CYS A 225 -50.38 -3.78 -30.65
CA CYS A 225 -51.29 -4.92 -30.73
C CYS A 225 -50.52 -6.22 -30.87
N ILE A 226 -51.23 -7.32 -30.63
CA ILE A 226 -50.67 -8.65 -30.92
C ILE A 226 -50.58 -8.83 -32.43
N PRO A 227 -49.44 -9.23 -32.97
CA PRO A 227 -49.36 -9.43 -34.42
C PRO A 227 -50.24 -10.58 -34.87
N LYS A 228 -50.63 -10.55 -36.15
CA LYS A 228 -51.44 -11.59 -36.76
C LYS A 228 -50.58 -12.69 -37.38
N THR A 229 -49.42 -12.97 -36.78
CA THR A 229 -48.51 -14.00 -37.26
C THR A 229 -48.32 -15.12 -36.26
N ILE A 230 -49.15 -15.18 -35.21
CA ILE A 230 -48.99 -16.21 -34.18
C ILE A 230 -49.10 -17.60 -34.78
N GLY A 231 -50.26 -17.93 -35.35
CA GLY A 231 -50.54 -19.29 -35.76
C GLY A 231 -49.52 -19.93 -36.69
N GLN A 232 -48.48 -19.19 -37.08
CA GLN A 232 -47.33 -19.76 -37.75
C GLN A 232 -46.35 -20.43 -36.75
N MET A 233 -46.83 -20.83 -35.58
CA MET A 233 -45.99 -21.45 -34.56
C MET A 233 -45.93 -22.96 -34.77
N LYS A 234 -47.09 -23.60 -34.70
CA LYS A 234 -47.30 -25.04 -34.78
C LYS A 234 -46.63 -25.82 -33.65
N ASN A 235 -45.97 -25.14 -32.71
CA ASN A 235 -45.41 -25.86 -31.57
C ASN A 235 -45.55 -25.14 -30.23
N LEU A 236 -46.10 -23.93 -30.20
CA LEU A 236 -46.14 -23.15 -28.97
C LEU A 236 -47.03 -23.84 -27.92
N ASN A 237 -46.45 -24.14 -26.77
CA ASN A 237 -47.19 -24.79 -25.68
C ASN A 237 -47.78 -23.77 -24.72
N GLU A 238 -46.92 -23.05 -23.99
CA GLU A 238 -47.36 -22.05 -23.03
C GLU A 238 -47.09 -20.64 -23.54
N ILE A 239 -47.87 -19.69 -23.06
CA ILE A 239 -47.70 -18.28 -23.39
C ILE A 239 -48.48 -17.44 -22.37
N VAL A 240 -47.94 -16.27 -22.02
CA VAL A 240 -48.52 -15.41 -21.01
C VAL A 240 -48.34 -13.95 -21.42
N PHE A 241 -49.32 -13.12 -21.09
CA PHE A 241 -49.27 -11.68 -21.38
C PHE A 241 -49.76 -10.86 -20.19
N ILE A 242 -49.45 -11.28 -18.96
CA ILE A 242 -50.01 -10.63 -17.78
C ILE A 242 -49.37 -9.26 -17.58
N GLY A 243 -50.19 -8.26 -17.31
CA GLY A 243 -49.70 -6.96 -16.87
C GLY A 243 -49.00 -6.13 -17.91
N ASN A 244 -49.52 -6.07 -19.13
CA ASN A 244 -48.93 -5.27 -20.19
C ASN A 244 -49.88 -4.15 -20.59
N ASN A 245 -49.29 -3.10 -21.16
CA ASN A 245 -50.07 -1.98 -21.70
C ASN A 245 -50.35 -2.19 -23.18
N LEU A 246 -50.89 -3.37 -23.49
CA LEU A 246 -51.20 -3.78 -24.85
C LEU A 246 -52.67 -3.50 -25.16
N SER A 247 -52.96 -3.22 -26.42
CA SER A 247 -54.31 -2.86 -26.84
C SER A 247 -54.66 -3.61 -28.12
N GLY A 248 -55.84 -3.31 -28.66
CA GLY A 248 -56.27 -3.80 -29.95
C GLY A 248 -57.21 -5.00 -29.83
N CYS A 249 -58.06 -5.16 -30.84
CA CYS A 249 -58.91 -6.35 -30.93
C CYS A 249 -58.04 -7.59 -31.12
N LEU A 250 -58.54 -8.71 -30.64
CA LEU A 250 -57.75 -9.94 -30.61
C LEU A 250 -57.56 -10.49 -32.01
N PRO A 251 -56.32 -10.67 -32.48
CA PRO A 251 -56.10 -11.31 -33.79
C PRO A 251 -56.59 -12.75 -33.81
N ASN A 252 -57.68 -13.00 -34.53
CA ASN A 252 -58.32 -14.31 -34.56
C ASN A 252 -57.41 -15.43 -35.06
N GLU A 253 -56.21 -15.13 -35.56
CA GLU A 253 -55.38 -16.22 -36.08
C GLU A 253 -54.80 -17.09 -34.96
N ILE A 254 -55.09 -16.77 -33.71
CA ILE A 254 -54.56 -17.55 -32.59
C ILE A 254 -55.16 -18.96 -32.54
N GLY A 255 -56.27 -19.18 -33.23
CA GLY A 255 -56.93 -20.48 -33.20
C GLY A 255 -56.14 -21.60 -33.84
N SER A 256 -55.13 -21.27 -34.65
CA SER A 256 -54.32 -22.30 -35.30
C SER A 256 -53.41 -23.03 -34.32
N LEU A 257 -53.34 -22.60 -33.06
CA LEU A 257 -52.49 -23.25 -32.05
C LEU A 257 -53.21 -24.49 -31.53
N ASN A 258 -53.15 -25.57 -32.32
CA ASN A 258 -53.89 -26.77 -31.96
C ASN A 258 -53.33 -27.41 -30.70
N ASN A 259 -52.01 -27.44 -30.55
CA ASN A 259 -51.36 -28.00 -29.36
C ASN A 259 -50.76 -26.84 -28.57
N VAL A 260 -51.61 -26.24 -27.74
CA VAL A 260 -51.24 -25.13 -26.87
C VAL A 260 -51.83 -25.45 -25.50
N THR A 261 -51.10 -25.11 -24.43
CA THR A 261 -51.55 -25.44 -23.09
C THR A 261 -51.93 -24.25 -22.23
N VAL A 262 -51.13 -23.19 -22.23
CA VAL A 262 -51.41 -22.01 -21.41
C VAL A 262 -51.50 -20.78 -22.30
N PHE A 263 -52.63 -20.07 -22.18
CA PHE A 263 -52.85 -18.82 -22.90
C PHE A 263 -53.42 -17.81 -21.90
N ASP A 264 -52.69 -16.72 -21.67
CA ASP A 264 -53.08 -15.75 -20.65
C ASP A 264 -52.86 -14.34 -21.16
N ALA A 265 -53.84 -13.47 -20.94
CA ALA A 265 -53.78 -12.08 -21.36
C ALA A 265 -54.34 -11.18 -20.26
N SER A 266 -53.98 -11.47 -19.00
CA SER A 266 -54.54 -10.76 -17.86
C SER A 266 -53.93 -9.37 -17.74
N SER A 267 -54.69 -8.48 -17.07
CA SER A 267 -54.23 -7.13 -16.71
C SER A 267 -53.79 -6.33 -17.93
N ASN A 268 -54.44 -6.54 -19.06
CA ASN A 268 -54.16 -5.84 -20.30
C ASN A 268 -55.32 -4.92 -20.67
N GLY A 269 -55.12 -4.15 -21.73
CA GLY A 269 -56.11 -3.21 -22.22
C GLY A 269 -56.85 -3.66 -23.46
N PHE A 270 -56.94 -4.98 -23.68
CA PHE A 270 -57.58 -5.49 -24.88
C PHE A 270 -59.05 -5.10 -24.93
N VAL A 271 -59.52 -4.74 -26.13
CA VAL A 271 -60.90 -4.38 -26.35
C VAL A 271 -61.43 -5.23 -27.50
N GLY A 272 -62.73 -5.51 -27.48
CA GLY A 272 -63.38 -6.26 -28.52
C GLY A 272 -64.07 -7.49 -27.99
N SER A 273 -64.52 -8.32 -28.92
CA SER A 273 -65.21 -9.57 -28.59
C SER A 273 -64.29 -10.76 -28.82
N LEU A 274 -64.66 -11.88 -28.21
CA LEU A 274 -63.87 -13.10 -28.36
C LEU A 274 -64.15 -13.72 -29.72
N PRO A 275 -63.12 -14.06 -30.49
CA PRO A 275 -63.36 -14.64 -31.82
C PRO A 275 -63.90 -16.05 -31.71
N SER A 276 -64.67 -16.46 -32.73
CA SER A 276 -65.21 -17.81 -32.76
C SER A 276 -64.21 -18.86 -33.20
N THR A 277 -63.14 -18.45 -33.88
CA THR A 277 -62.16 -19.40 -34.39
C THR A 277 -61.23 -19.96 -33.32
N LEU A 278 -61.28 -19.44 -32.09
CA LEU A 278 -60.45 -20.00 -31.03
C LEU A 278 -60.85 -21.42 -30.65
N SER A 279 -61.92 -21.95 -31.27
CA SER A 279 -62.35 -23.33 -31.02
C SER A 279 -61.33 -24.36 -31.47
N GLY A 280 -60.29 -23.96 -32.18
CA GLY A 280 -59.25 -24.86 -32.62
C GLY A 280 -58.22 -25.19 -31.56
N LEU A 281 -58.29 -24.53 -30.40
CA LEU A 281 -57.37 -24.75 -29.29
C LEU A 281 -57.80 -25.99 -28.48
N ALA A 282 -57.75 -27.14 -29.15
CA ALA A 282 -58.28 -28.36 -28.54
C ALA A 282 -57.46 -28.82 -27.35
N ASN A 283 -56.17 -28.50 -27.30
CA ASN A 283 -55.29 -28.98 -26.26
C ASN A 283 -55.10 -27.97 -25.12
N VAL A 284 -55.86 -26.87 -25.12
CA VAL A 284 -55.66 -25.85 -24.10
C VAL A 284 -56.16 -26.37 -22.74
N GLU A 285 -55.39 -26.08 -21.69
CA GLU A 285 -55.71 -26.54 -20.35
C GLU A 285 -56.10 -25.41 -19.40
N GLN A 286 -55.50 -24.23 -19.53
CA GLN A 286 -55.87 -23.09 -18.71
C GLN A 286 -55.82 -21.80 -19.52
N MET A 287 -56.77 -20.91 -19.24
CA MET A 287 -56.82 -19.60 -19.89
C MET A 287 -57.27 -18.56 -18.89
N ASP A 288 -56.73 -17.35 -19.04
CA ASP A 288 -57.06 -16.23 -18.18
C ASP A 288 -57.17 -14.97 -19.03
N PHE A 289 -58.26 -14.22 -18.83
CA PHE A 289 -58.47 -12.97 -19.56
C PHE A 289 -58.93 -11.86 -18.62
N SER A 290 -58.54 -11.92 -17.36
CA SER A 290 -59.06 -11.00 -16.35
C SER A 290 -58.43 -9.62 -16.46
N TYR A 291 -59.08 -8.66 -15.82
CA TYR A 291 -58.60 -7.27 -15.72
C TYR A 291 -58.36 -6.65 -17.10
N ASN A 292 -59.26 -6.95 -18.02
CA ASN A 292 -59.23 -6.42 -19.38
C ASN A 292 -60.49 -5.59 -19.61
N LYS A 293 -60.67 -5.13 -20.84
CA LYS A 293 -61.87 -4.40 -21.24
C LYS A 293 -62.46 -5.05 -22.48
N PHE A 294 -62.60 -6.36 -22.41
CA PHE A 294 -63.19 -7.15 -23.47
C PHE A 294 -64.69 -6.87 -23.52
N THR A 295 -65.26 -6.99 -24.71
CA THR A 295 -66.70 -6.86 -24.89
C THR A 295 -67.22 -8.13 -25.58
N GLY A 296 -68.49 -8.09 -25.98
CA GLY A 296 -69.04 -9.11 -26.84
C GLY A 296 -69.59 -10.34 -26.15
N PHE A 297 -69.53 -11.47 -26.84
CA PHE A 297 -70.24 -12.68 -26.46
C PHE A 297 -69.23 -13.73 -26.02
N VAL A 298 -69.61 -14.55 -25.04
CA VAL A 298 -68.81 -15.71 -24.65
C VAL A 298 -69.37 -16.92 -25.39
N THR A 299 -68.52 -17.60 -26.16
CA THR A 299 -68.96 -18.79 -26.87
C THR A 299 -68.97 -20.01 -25.96
N ASP A 300 -70.04 -20.80 -26.07
CA ASP A 300 -70.16 -22.06 -25.34
C ASP A 300 -69.46 -23.22 -26.02
N ASN A 301 -69.01 -23.05 -27.26
CA ASN A 301 -68.46 -24.15 -28.04
C ASN A 301 -67.18 -24.74 -27.46
N ILE A 302 -66.07 -23.98 -27.50
CA ILE A 302 -64.81 -24.52 -27.01
C ILE A 302 -64.74 -24.56 -25.48
N CYS A 303 -65.51 -23.72 -24.78
CA CYS A 303 -65.35 -23.62 -23.34
C CYS A 303 -65.64 -24.93 -22.63
N LYS A 304 -66.24 -25.91 -23.30
CA LYS A 304 -66.39 -27.26 -22.73
C LYS A 304 -65.33 -28.15 -23.40
N LEU A 305 -64.10 -28.03 -22.93
CA LEU A 305 -62.99 -28.88 -23.34
C LEU A 305 -62.58 -29.80 -22.21
N PRO A 306 -62.40 -31.10 -22.48
CA PRO A 306 -62.11 -32.04 -21.40
C PRO A 306 -60.80 -31.74 -20.68
N LYS A 307 -59.89 -30.99 -21.31
CA LYS A 307 -58.60 -30.66 -20.71
C LYS A 307 -58.57 -29.27 -20.10
N LEU A 308 -59.47 -28.38 -20.51
CA LEU A 308 -59.44 -27.01 -20.01
C LEU A 308 -59.82 -26.95 -18.54
N SER A 309 -58.98 -26.31 -17.74
CA SER A 309 -59.22 -26.10 -16.31
C SER A 309 -58.99 -24.64 -15.97
N ASN A 310 -59.64 -24.19 -14.90
CA ASN A 310 -59.51 -22.82 -14.37
C ASN A 310 -59.59 -21.77 -15.48
N PHE A 311 -60.80 -21.62 -16.03
CA PHE A 311 -61.06 -20.66 -17.10
C PHE A 311 -61.59 -19.39 -16.45
N THR A 312 -60.71 -18.40 -16.26
CA THR A 312 -61.05 -17.15 -15.62
C THR A 312 -61.25 -16.04 -16.65
N PHE A 313 -62.41 -15.37 -16.57
CA PHE A 313 -62.71 -14.22 -17.42
C PHE A 313 -63.24 -13.05 -16.58
N SER A 314 -62.93 -13.03 -15.29
CA SER A 314 -63.48 -12.05 -14.36
C SER A 314 -62.94 -10.65 -14.62
N TYR A 315 -63.63 -9.67 -14.05
CA TYR A 315 -63.25 -8.26 -14.13
C TYR A 315 -63.20 -7.77 -15.58
N ASN A 316 -64.23 -8.12 -16.34
CA ASN A 316 -64.31 -7.78 -17.75
C ASN A 316 -65.73 -7.33 -18.07
N PHE A 317 -65.96 -7.02 -19.34
CA PHE A 317 -67.29 -6.67 -19.84
C PHE A 317 -67.72 -7.77 -20.79
N PHE A 318 -68.85 -8.42 -20.50
CA PHE A 318 -69.34 -9.46 -21.39
C PHE A 318 -70.86 -9.42 -21.39
N ASN A 319 -71.42 -8.85 -22.46
CA ASN A 319 -72.86 -8.88 -22.65
C ASN A 319 -73.36 -10.29 -22.90
N GLY A 320 -72.47 -11.18 -23.36
CA GLY A 320 -72.84 -12.56 -23.59
C GLY A 320 -73.05 -13.34 -22.30
N GLU A 321 -73.52 -14.57 -22.46
CA GLU A 321 -73.85 -15.43 -21.34
C GLU A 321 -72.89 -16.61 -21.27
N ALA A 322 -72.80 -17.19 -20.07
CA ALA A 322 -71.93 -18.33 -19.80
C ALA A 322 -72.76 -19.56 -19.46
N GLN A 323 -73.82 -19.81 -20.24
CA GLN A 323 -74.72 -20.92 -20.01
C GLN A 323 -73.97 -22.22 -19.72
N SER A 324 -73.17 -22.69 -20.67
CA SER A 324 -72.32 -23.85 -20.47
C SER A 324 -70.90 -23.49 -20.10
N CYS A 325 -70.47 -22.26 -20.35
CA CYS A 325 -69.11 -21.84 -20.09
C CYS A 325 -68.94 -21.40 -18.64
N SER A 329 -70.75 -22.27 -14.86
CA SER A 329 -70.06 -22.32 -13.58
C SER A 329 -70.36 -23.62 -12.84
N SER A 330 -70.93 -24.59 -13.55
CA SER A 330 -71.12 -25.91 -12.98
C SER A 330 -69.78 -26.50 -12.56
N GLN A 331 -69.79 -27.29 -11.49
CA GLN A 331 -68.54 -27.68 -10.85
C GLN A 331 -68.11 -29.07 -11.33
N GLU A 332 -67.56 -29.07 -12.54
CA GLU A 332 -66.64 -30.09 -13.02
C GLU A 332 -65.30 -29.50 -13.40
N LYS A 333 -65.26 -28.18 -13.64
CA LYS A 333 -64.05 -27.43 -13.91
C LYS A 333 -64.14 -26.14 -13.10
N GLN A 334 -63.28 -25.17 -13.39
CA GLN A 334 -63.22 -23.94 -12.60
C GLN A 334 -63.45 -22.73 -13.51
N PHE A 335 -64.48 -21.95 -13.21
CA PHE A 335 -64.79 -20.74 -13.95
C PHE A 335 -64.98 -19.58 -12.99
N ASP A 336 -64.61 -18.38 -13.45
CA ASP A 336 -64.67 -17.17 -12.64
C ASP A 336 -65.44 -16.11 -13.40
N ASP A 337 -66.47 -15.55 -12.77
CA ASP A 337 -67.34 -14.57 -13.40
C ASP A 337 -67.63 -13.40 -12.46
N THR A 338 -66.58 -12.72 -12.01
CA THR A 338 -66.73 -11.63 -11.05
C THR A 338 -66.42 -10.32 -11.76
N SER A 339 -67.27 -9.31 -11.50
CA SER A 339 -67.17 -8.02 -12.18
C SER A 339 -67.23 -8.22 -13.69
N ASN A 340 -68.11 -9.12 -14.13
CA ASN A 340 -68.30 -9.40 -15.55
C ASN A 340 -69.62 -8.87 -16.11
N CYS A 341 -70.46 -8.26 -15.28
CA CYS A 341 -71.74 -7.68 -15.72
C CYS A 341 -72.68 -8.76 -16.28
N LEU A 342 -72.82 -9.85 -15.55
CA LEU A 342 -73.80 -10.89 -15.87
C LEU A 342 -74.98 -10.71 -14.94
N GLN A 343 -76.13 -10.29 -15.49
CA GLN A 343 -77.29 -10.00 -14.66
C GLN A 343 -77.81 -11.24 -13.95
N ASN A 344 -77.65 -12.41 -14.56
CA ASN A 344 -78.13 -13.64 -13.94
C ASN A 344 -77.21 -14.12 -12.83
N ARG A 345 -75.91 -13.76 -12.89
CA ARG A 345 -74.82 -14.14 -11.99
C ARG A 345 -74.58 -13.06 -10.94
N PRO A 346 -74.12 -13.42 -9.76
CA PRO A 346 -73.80 -12.43 -8.72
C PRO A 346 -72.44 -11.79 -8.99
N ASN A 347 -72.03 -10.93 -8.06
CA ASN A 347 -70.74 -10.24 -8.12
C ASN A 347 -70.56 -9.49 -9.44
N GLN A 348 -71.60 -8.80 -9.87
CA GLN A 348 -71.54 -8.04 -11.11
C GLN A 348 -71.19 -6.59 -10.81
N LYS A 349 -71.22 -5.75 -11.83
CA LYS A 349 -70.83 -4.34 -11.72
C LYS A 349 -72.04 -3.45 -11.98
N SER A 350 -72.18 -2.43 -11.13
CA SER A 350 -73.20 -1.38 -11.26
C SER A 350 -73.55 -1.09 -12.71
N ALA A 351 -74.83 -1.23 -13.07
CA ALA A 351 -75.29 -0.96 -14.43
C ALA A 351 -74.84 0.40 -14.95
N LYS A 352 -74.55 1.34 -14.05
CA LYS A 352 -73.97 2.62 -14.46
C LYS A 352 -72.49 2.48 -14.83
N GLU A 353 -71.81 1.45 -14.33
CA GLU A 353 -70.43 1.21 -14.75
C GLU A 353 -70.33 0.23 -15.91
N CYS A 354 -71.32 -0.65 -16.08
CA CYS A 354 -71.33 -1.57 -17.20
C CYS A 354 -71.94 -0.91 -18.43
N LEU A 355 -71.11 -0.61 -19.42
CA LEU A 355 -71.53 0.04 -20.65
C LEU A 355 -72.31 1.35 -20.48
N PRO A 356 -71.79 2.30 -19.69
CA PRO A 356 -72.35 3.66 -19.72
C PRO A 356 -71.83 4.49 -20.88
N VAL A 357 -70.92 3.91 -21.65
CA VAL A 357 -70.33 4.49 -22.83
C VAL A 357 -70.93 3.73 -24.00
N VAL A 358 -70.42 3.96 -25.21
CA VAL A 358 -70.93 3.24 -26.37
C VAL A 358 -70.97 1.75 -26.09
N SER A 359 -72.18 1.19 -26.11
CA SER A 359 -72.38 -0.24 -25.87
C SER A 359 -72.01 -1.06 -27.08
N ARG A 360 -71.81 -0.42 -28.22
CA ARG A 360 -71.22 -1.06 -29.37
C ARG A 360 -69.77 -1.44 -29.07
N PRO A 361 -69.38 -2.69 -29.29
CA PRO A 361 -67.96 -3.04 -29.17
C PRO A 361 -67.22 -2.43 -30.34
N VAL A 362 -65.88 -2.45 -30.28
CA VAL A 362 -65.15 -2.04 -31.46
C VAL A 362 -65.52 -3.03 -32.56
N ASP A 363 -65.57 -2.54 -33.81
CA ASP A 363 -66.06 -3.39 -34.88
C ASP A 363 -65.14 -4.56 -35.17
N CYS A 364 -63.89 -4.54 -34.68
CA CYS A 364 -62.89 -5.56 -34.99
C CYS A 364 -62.75 -5.74 -36.50
N SER A 365 -63.25 -4.75 -37.24
CA SER A 365 -63.13 -4.63 -38.68
C SER A 365 -62.62 -3.23 -38.94
N LYS A 366 -61.78 -3.08 -39.97
CA LYS A 366 -61.13 -1.84 -40.33
C LYS A 366 -60.05 -1.55 -39.31
N ASP A 367 -60.05 -2.31 -38.22
CA ASP A 367 -59.00 -2.21 -37.21
C ASP A 367 -57.70 -2.78 -37.77
N LYS A 368 -56.60 -2.06 -37.53
CA LYS A 368 -55.30 -2.49 -38.03
C LYS A 368 -54.79 -3.76 -37.35
N CYS A 369 -55.40 -4.16 -36.23
CA CYS A 369 -54.96 -5.31 -35.46
C CYS A 369 -55.86 -6.52 -35.61
N ALA A 370 -56.91 -6.44 -36.42
CA ALA A 370 -57.85 -7.55 -36.55
C ALA A 370 -58.29 -7.84 -37.98
N GLY A 371 -57.92 -7.03 -38.97
CA GLY A 371 -58.27 -7.31 -40.34
C GLY A 371 -57.97 -6.16 -41.29
N GLY A 372 -58.94 -5.79 -42.12
CA GLY A 372 -58.75 -4.72 -43.07
C GLY A 372 -59.02 -3.34 -42.51
N ARG B 10 -50.39 -30.26 -13.63
CA ARG B 10 -50.26 -29.71 -12.29
C ARG B 10 -49.06 -28.77 -12.20
N ARG B 11 -48.06 -29.02 -13.03
CA ARG B 11 -46.83 -28.25 -13.06
C ARG B 11 -46.75 -27.43 -14.34
N TYR B 12 -46.96 -26.12 -14.23
CA TYR B 12 -46.89 -25.20 -15.36
C TYR B 12 -45.72 -24.24 -15.14
N ILE B 13 -44.78 -24.23 -16.07
CA ILE B 13 -43.60 -23.38 -15.93
C ILE B 13 -43.86 -21.96 -16.45
N GLY B 14 -44.86 -21.77 -17.31
CA GLY B 14 -45.20 -20.42 -17.74
C GLY B 14 -45.70 -19.55 -16.62
N TYR B 15 -46.41 -20.14 -15.65
CA TYR B 15 -46.85 -19.41 -14.48
C TYR B 15 -45.80 -19.39 -13.37
N ASP B 16 -45.00 -20.45 -13.25
CA ASP B 16 -43.95 -20.48 -12.26
C ASP B 16 -42.79 -19.56 -12.61
N ALA B 17 -42.74 -19.04 -13.84
CA ALA B 17 -41.71 -18.09 -14.20
C ALA B 17 -41.93 -16.72 -13.56
N LEU B 18 -43.17 -16.42 -13.17
CA LEU B 18 -43.46 -15.18 -12.46
C LEU B 18 -42.87 -15.15 -11.04
N LYS B 19 -42.37 -16.27 -10.55
CA LYS B 19 -41.72 -16.35 -9.23
C LYS B 19 -40.21 -16.30 -9.43
N LYS B 20 -39.63 -15.12 -9.16
CA LYS B 20 -38.21 -14.91 -9.40
C LYS B 20 -37.31 -15.95 -8.72
N ASN B 21 -37.79 -16.59 -7.66
CA ASN B 21 -36.92 -17.44 -6.85
C ASN B 21 -36.92 -18.91 -7.26
N ASN B 22 -37.88 -19.35 -8.08
CA ASN B 22 -38.00 -20.77 -8.37
C ASN B 22 -37.17 -21.14 -9.60
N VAL B 23 -36.77 -22.40 -9.66
CA VAL B 23 -35.93 -22.90 -10.75
C VAL B 23 -36.54 -24.14 -11.37
N PRO B 24 -36.32 -24.39 -12.66
CA PRO B 24 -36.87 -25.61 -13.28
C PRO B 24 -36.23 -26.90 -12.77
N CYS B 25 -35.09 -26.82 -12.10
CA CYS B 25 -34.41 -28.01 -11.60
C CYS B 25 -33.80 -27.73 -10.24
N SER B 26 -34.21 -28.49 -9.23
CA SER B 26 -33.68 -28.29 -7.89
C SER B 26 -32.25 -28.84 -7.78
N ARG B 27 -31.98 -29.95 -8.45
CA ARG B 27 -30.64 -30.55 -8.41
C ARG B 27 -29.64 -29.63 -9.11
N ARG B 28 -28.70 -29.10 -8.34
CA ARG B 28 -27.73 -28.16 -8.89
C ARG B 28 -26.74 -28.86 -9.81
N GLY B 29 -26.27 -28.12 -10.81
CA GLY B 29 -25.29 -28.60 -11.78
C GLY B 29 -25.89 -29.25 -13.01
N ARG B 30 -26.94 -30.05 -12.82
CA ARG B 30 -27.59 -30.71 -13.94
C ARG B 30 -28.25 -29.69 -14.86
N SER B 31 -28.38 -30.07 -16.13
CA SER B 31 -29.06 -29.20 -17.08
C SER B 31 -30.56 -29.18 -16.79
N TYR B 32 -31.20 -28.07 -17.11
CA TYR B 32 -32.63 -27.95 -16.87
C TYR B 32 -33.45 -28.94 -17.70
N TYR B 33 -32.87 -29.49 -18.76
CA TYR B 33 -33.61 -30.46 -19.57
C TYR B 33 -33.47 -31.88 -19.05
N ASP B 34 -32.38 -32.20 -18.36
CA ASP B 34 -32.12 -33.55 -17.90
C ASP B 34 -32.13 -33.62 -16.37
N CYS B 35 -33.14 -33.01 -15.76
CA CYS B 35 -33.21 -32.88 -14.30
C CYS B 35 -33.61 -34.20 -13.62
N LYS B 36 -32.77 -35.22 -13.83
CA LYS B 36 -32.98 -36.52 -13.20
C LYS B 36 -31.74 -36.88 -12.36
N LYS B 37 -31.67 -38.14 -11.95
CA LYS B 37 -30.62 -38.59 -11.05
C LYS B 37 -29.23 -38.39 -11.66
N ARG B 38 -28.33 -37.87 -10.85
CA ARG B 38 -27.01 -37.39 -11.27
C ARG B 38 -25.92 -38.45 -11.07
N ARG B 39 -26.17 -39.67 -11.57
CA ARG B 39 -25.18 -40.74 -11.50
C ARG B 39 -23.79 -40.26 -11.93
N ARG B 40 -23.72 -39.55 -13.05
CA ARG B 40 -22.47 -38.93 -13.48
C ARG B 40 -22.49 -37.41 -13.45
N ASN B 41 -23.66 -36.79 -13.38
CA ASN B 41 -23.80 -35.33 -13.32
C ASN B 41 -23.09 -34.70 -14.52
N ASN B 42 -23.52 -35.11 -15.70
CA ASN B 42 -22.90 -34.68 -16.95
C ASN B 42 -23.60 -33.43 -17.46
N PRO B 43 -22.94 -32.27 -17.48
CA PRO B 43 -23.60 -31.06 -18.01
C PRO B 43 -23.88 -31.11 -19.50
N TYR B 44 -23.30 -32.07 -20.21
CA TYR B 44 -23.52 -32.21 -21.65
C TYR B 44 -24.45 -33.36 -21.99
N ARG B 45 -25.55 -33.52 -21.23
CA ARG B 45 -26.55 -34.52 -21.57
C ARG B 45 -27.91 -33.87 -21.53
N ARG B 46 -28.68 -34.03 -22.60
CA ARG B 46 -29.98 -33.38 -22.76
C ARG B 46 -31.04 -34.48 -22.84
N GLY B 47 -31.75 -34.71 -21.75
CA GLY B 47 -32.79 -35.71 -21.70
C GLY B 47 -33.98 -35.37 -22.58
N CYS B 48 -34.79 -34.41 -22.12
CA CYS B 48 -35.98 -33.99 -22.82
C CYS B 48 -35.67 -33.01 -23.94
N SER B 49 -36.66 -32.81 -24.81
CA SER B 49 -36.56 -31.96 -25.99
C SER B 49 -37.27 -30.62 -25.78
N ALA B 50 -38.42 -30.62 -25.12
CA ALA B 50 -39.22 -29.43 -24.88
C ALA B 50 -39.40 -29.24 -23.38
N ILE B 51 -39.50 -27.97 -22.96
CA ILE B 51 -39.40 -27.60 -21.54
C ILE B 51 -40.81 -27.50 -20.97
N THR B 52 -41.71 -28.35 -21.44
CA THR B 52 -43.02 -28.53 -20.84
C THR B 52 -43.30 -29.96 -20.40
N HIS B 53 -42.77 -30.94 -21.12
CA HIS B 53 -42.88 -32.34 -20.72
C HIS B 53 -41.86 -32.75 -19.67
N CYS B 54 -40.84 -31.93 -19.43
CA CYS B 54 -39.77 -32.22 -18.47
C CYS B 54 -39.66 -31.09 -17.44
N TYR B 55 -40.56 -31.08 -16.46
CA TYR B 55 -40.51 -30.09 -15.39
C TYR B 55 -40.20 -30.80 -14.08
N ARG B 56 -38.92 -31.13 -13.90
CA ARG B 56 -38.31 -31.70 -12.69
C ARG B 56 -38.09 -33.20 -12.87
N LEU C 35 -9.57 16.73 -25.03
CA LEU C 35 -8.72 17.00 -26.18
C LEU C 35 -9.55 17.58 -27.34
N ASP C 36 -8.89 18.38 -28.18
CA ASP C 36 -9.52 19.04 -29.33
C ASP C 36 -10.70 19.91 -28.89
N LEU C 37 -10.61 20.47 -27.68
CA LEU C 37 -11.65 21.30 -27.11
C LEU C 37 -11.03 22.29 -26.14
N LYS C 38 -11.58 23.50 -26.09
CA LYS C 38 -11.08 24.54 -25.21
C LYS C 38 -12.16 24.91 -24.20
N PHE C 39 -11.76 25.03 -22.94
CA PHE C 39 -12.65 25.32 -21.82
C PHE C 39 -12.30 26.67 -21.22
N ALA C 40 -13.17 27.13 -20.31
CA ALA C 40 -12.93 28.42 -19.66
C ALA C 40 -11.66 28.38 -18.80
N ASN C 41 -11.42 27.25 -18.13
CA ASN C 41 -10.21 27.03 -17.36
C ASN C 41 -9.89 25.54 -17.43
N ASN C 42 -8.88 25.11 -16.68
CA ASN C 42 -8.55 23.70 -16.67
C ASN C 42 -9.38 22.90 -15.68
N ARG C 43 -10.00 23.56 -14.70
CA ARG C 43 -10.66 22.82 -13.63
C ARG C 43 -11.95 22.17 -14.10
N LEU C 44 -12.71 22.83 -14.99
CA LEU C 44 -13.86 22.17 -15.59
C LEU C 44 -13.44 21.23 -16.71
N LYS C 45 -12.27 21.44 -17.31
CA LYS C 45 -11.75 20.50 -18.30
C LYS C 45 -11.56 19.12 -17.69
N ARG C 46 -11.07 19.07 -16.45
CA ARG C 46 -10.95 17.79 -15.75
C ARG C 46 -12.33 17.19 -15.47
N ALA C 47 -13.34 18.03 -15.25
CA ALA C 47 -14.69 17.53 -15.03
C ALA C 47 -15.28 16.92 -16.30
N TYR C 48 -14.98 17.50 -17.46
CA TYR C 48 -15.47 16.95 -18.71
C TYR C 48 -14.95 15.53 -18.93
N ILE C 49 -13.69 15.28 -18.60
CA ILE C 49 -13.14 13.94 -18.72
C ILE C 49 -13.86 12.99 -17.77
N ALA C 50 -14.13 13.45 -16.54
CA ALA C 50 -14.82 12.61 -15.56
C ALA C 50 -16.26 12.38 -15.95
N LEU C 51 -16.98 13.44 -16.31
CA LEU C 51 -18.39 13.31 -16.65
C LEU C 51 -18.59 12.47 -17.90
N GLN C 52 -17.79 12.71 -18.94
CA GLN C 52 -17.93 11.94 -20.17
C GLN C 52 -17.55 10.48 -19.98
N ALA C 53 -16.49 10.21 -19.20
CA ALA C 53 -16.16 8.83 -18.89
C ALA C 53 -17.23 8.19 -18.02
N TRP C 54 -17.80 8.95 -17.08
CA TRP C 54 -18.92 8.45 -16.31
C TRP C 54 -20.20 8.42 -17.13
N LYS C 55 -20.26 9.22 -18.20
CA LYS C 55 -21.35 9.09 -19.17
C LYS C 55 -21.26 7.77 -19.91
N LYS C 56 -20.03 7.30 -20.19
CA LYS C 56 -19.85 6.01 -20.83
C LYS C 56 -20.31 4.86 -19.93
N ALA C 57 -20.51 5.12 -18.65
CA ALA C 57 -21.01 4.12 -17.71
C ALA C 57 -22.54 4.17 -17.56
N PHE C 58 -23.22 5.04 -18.30
CA PHE C 58 -24.68 5.13 -18.24
C PHE C 58 -25.27 3.96 -19.01
N TYR C 59 -25.82 2.99 -18.30
CA TYR C 59 -26.44 1.83 -18.93
C TYR C 59 -27.91 2.06 -19.25
N SER C 60 -28.56 3.01 -18.58
CA SER C 60 -29.97 3.28 -18.81
C SER C 60 -30.30 4.65 -18.25
N ASP C 61 -31.28 5.31 -18.86
CA ASP C 61 -31.75 6.60 -18.40
C ASP C 61 -33.16 6.85 -18.92
N PRO C 62 -34.19 6.36 -18.21
CA PRO C 62 -35.57 6.56 -18.71
C PRO C 62 -35.97 8.01 -18.81
N PHE C 63 -35.37 8.89 -18.00
CA PHE C 63 -35.67 10.31 -18.08
C PHE C 63 -34.77 11.06 -19.05
N ASN C 64 -33.75 10.39 -19.60
CA ASN C 64 -32.81 10.98 -20.56
C ASN C 64 -32.15 12.23 -19.99
N THR C 65 -31.92 12.25 -18.67
CA THR C 65 -31.26 13.38 -18.03
C THR C 65 -29.79 13.50 -18.40
N ALA C 66 -29.20 12.46 -19.00
CA ALA C 66 -27.79 12.49 -19.38
C ALA C 66 -27.58 12.77 -20.86
N ALA C 67 -28.65 12.90 -21.65
CA ALA C 67 -28.50 13.22 -23.06
C ALA C 67 -27.93 14.61 -23.28
N ASN C 68 -28.02 15.48 -22.29
CA ASN C 68 -27.50 16.84 -22.39
C ASN C 68 -25.99 16.92 -22.20
N TRP C 69 -25.34 15.83 -21.76
CA TRP C 69 -23.92 15.88 -21.41
C TRP C 69 -23.07 15.74 -22.67
N VAL C 70 -23.15 16.76 -23.52
CA VAL C 70 -22.30 16.91 -24.69
C VAL C 70 -21.99 18.39 -24.86
N GLY C 71 -20.74 18.70 -25.17
CA GLY C 71 -20.32 20.07 -25.36
C GLY C 71 -19.45 20.59 -24.23
N PRO C 72 -18.75 21.69 -24.48
CA PRO C 72 -17.83 22.23 -23.47
C PRO C 72 -18.52 23.01 -22.36
N ASP C 73 -19.75 23.49 -22.57
CA ASP C 73 -20.45 24.28 -21.55
C ASP C 73 -20.95 23.34 -20.46
N VAL C 74 -20.01 22.92 -19.61
CA VAL C 74 -20.33 21.95 -18.56
C VAL C 74 -21.30 22.56 -17.56
N CYS C 75 -21.17 23.87 -17.30
CA CYS C 75 -22.04 24.53 -16.32
C CYS C 75 -23.50 24.52 -16.76
N SER C 76 -23.78 24.23 -18.02
CA SER C 76 -25.14 24.12 -18.51
C SER C 76 -25.63 22.67 -18.56
N TYR C 77 -24.79 21.70 -18.23
CA TYR C 77 -25.23 20.31 -18.15
C TYR C 77 -26.27 20.16 -17.06
N LYS C 78 -27.29 19.34 -17.33
CA LYS C 78 -28.29 19.05 -16.32
C LYS C 78 -27.70 18.14 -15.25
N GLY C 79 -27.80 18.56 -13.99
CA GLY C 79 -27.35 17.78 -12.85
C GLY C 79 -26.08 18.31 -12.20
N VAL C 80 -25.21 18.96 -12.97
CA VAL C 80 -23.98 19.52 -12.43
C VAL C 80 -24.20 21.02 -12.23
N PHE C 81 -23.45 21.60 -11.31
CA PHE C 81 -23.65 22.99 -10.94
C PHE C 81 -22.32 23.67 -10.68
N CYS C 82 -22.22 24.93 -11.09
CA CYS C 82 -20.99 25.70 -11.00
C CYS C 82 -21.14 26.82 -9.99
N ALA C 83 -20.00 27.26 -9.48
CA ALA C 83 -19.94 28.34 -8.50
C ALA C 83 -18.57 28.98 -8.60
N PRO C 84 -18.43 30.24 -8.18
CA PRO C 84 -17.11 30.85 -8.17
C PRO C 84 -16.16 30.08 -7.26
N ALA C 85 -14.99 29.74 -7.79
CA ALA C 85 -14.06 28.86 -7.08
C ALA C 85 -13.60 29.51 -5.79
N LEU C 86 -13.56 28.69 -4.73
CA LEU C 86 -13.06 29.17 -3.44
C LEU C 86 -11.60 29.59 -3.50
N ASP C 87 -10.84 29.08 -4.47
CA ASP C 87 -9.47 29.55 -4.64
C ASP C 87 -9.44 30.99 -5.11
N ASP C 88 -10.20 31.31 -6.17
CA ASP C 88 -10.32 32.64 -6.74
C ASP C 88 -11.68 32.72 -7.44
N PRO C 89 -12.51 33.71 -7.11
CA PRO C 89 -13.82 33.82 -7.78
C PRO C 89 -13.72 34.08 -9.28
N SER C 90 -12.53 34.37 -9.81
CA SER C 90 -12.38 34.62 -11.23
C SER C 90 -12.67 33.37 -12.06
N VAL C 91 -12.34 32.19 -11.53
CA VAL C 91 -12.48 30.94 -12.26
C VAL C 91 -13.71 30.20 -11.74
N LEU C 92 -14.41 29.51 -12.63
CA LEU C 92 -15.59 28.72 -12.30
C LEU C 92 -15.26 27.24 -12.28
N VAL C 93 -15.88 26.51 -11.34
CA VAL C 93 -15.60 25.10 -11.14
C VAL C 93 -16.91 24.35 -10.95
N VAL C 94 -16.88 23.05 -11.24
CA VAL C 94 -18.00 22.16 -10.97
C VAL C 94 -18.13 21.98 -9.46
N ALA C 95 -19.19 22.53 -8.87
CA ALA C 95 -19.34 22.54 -7.42
C ALA C 95 -20.26 21.45 -6.88
N GLY C 96 -21.19 20.94 -7.68
CA GLY C 96 -22.12 19.94 -7.16
C GLY C 96 -22.77 19.11 -8.25
N ILE C 97 -23.19 17.91 -7.86
CA ILE C 97 -23.93 17.00 -8.71
C ILE C 97 -25.18 16.55 -7.96
N ASP C 98 -26.34 16.72 -8.58
CA ASP C 98 -27.62 16.37 -7.96
C ASP C 98 -28.46 15.56 -8.92
N LEU C 99 -28.71 14.30 -8.56
CA LEU C 99 -29.49 13.32 -9.32
C LEU C 99 -30.46 12.60 -8.39
N ASN C 100 -31.22 13.36 -7.61
CA ASN C 100 -32.04 12.77 -6.55
C ASN C 100 -33.19 11.91 -7.05
N HIS C 101 -33.63 12.05 -8.30
CA HIS C 101 -34.73 11.20 -8.80
C HIS C 101 -34.54 10.63 -10.20
N ALA C 102 -33.48 11.01 -10.92
CA ALA C 102 -33.20 10.47 -12.24
C ALA C 102 -32.81 9.01 -12.10
N ASP C 103 -33.73 8.10 -12.41
CA ASP C 103 -33.50 6.65 -12.25
C ASP C 103 -32.43 6.20 -13.23
N ILE C 104 -31.19 6.54 -12.92
CA ILE C 104 -30.04 6.29 -13.80
C ILE C 104 -29.19 5.16 -13.21
N ALA C 105 -28.92 4.15 -14.02
CA ALA C 105 -28.23 2.96 -13.57
C ALA C 105 -26.85 2.86 -14.20
N GLY C 106 -25.95 2.17 -13.51
CA GLY C 106 -24.58 1.99 -13.95
C GLY C 106 -23.67 1.85 -12.76
N TYR C 107 -22.40 2.18 -12.96
CA TYR C 107 -21.42 2.17 -11.88
C TYR C 107 -20.59 3.45 -11.95
N LEU C 108 -19.91 3.74 -10.84
CA LEU C 108 -19.06 4.93 -10.75
C LEU C 108 -17.63 4.55 -11.09
N PRO C 109 -17.08 5.02 -12.22
CA PRO C 109 -15.71 4.69 -12.57
C PRO C 109 -14.73 5.48 -11.73
N PRO C 110 -13.48 5.02 -11.62
CA PRO C 110 -12.49 5.77 -10.82
C PRO C 110 -12.11 7.13 -11.40
N GLU C 111 -12.51 7.43 -12.64
CA GLU C 111 -12.20 8.72 -13.23
C GLU C 111 -12.91 9.89 -12.55
N LEU C 112 -13.80 9.62 -11.60
CA LEU C 112 -14.46 10.70 -10.87
C LEU C 112 -13.52 11.42 -9.91
N GLY C 113 -12.30 10.91 -9.72
CA GLY C 113 -11.33 11.59 -8.89
C GLY C 113 -10.91 12.95 -9.40
N LEU C 114 -11.11 13.19 -10.71
CA LEU C 114 -10.78 14.49 -11.28
C LEU C 114 -11.70 15.60 -10.77
N LEU C 115 -12.83 15.24 -10.16
CA LEU C 115 -13.76 16.23 -9.61
C LEU C 115 -13.24 16.71 -8.26
N THR C 116 -12.14 17.44 -8.30
CA THR C 116 -11.45 17.86 -7.09
C THR C 116 -12.13 19.01 -6.38
N ASP C 117 -12.99 19.75 -7.05
CA ASP C 117 -13.65 20.91 -6.45
C ASP C 117 -15.12 20.69 -6.12
N VAL C 118 -15.69 19.54 -6.47
CA VAL C 118 -17.09 19.28 -6.16
C VAL C 118 -17.26 19.02 -4.67
N ALA C 119 -18.37 19.50 -4.11
CA ALA C 119 -18.64 19.35 -2.69
C ALA C 119 -19.91 18.59 -2.35
N LEU C 120 -20.96 18.69 -3.16
CA LEU C 120 -22.22 17.99 -2.91
C LEU C 120 -22.46 16.97 -4.01
N PHE C 121 -22.78 15.73 -3.61
CA PHE C 121 -22.89 14.59 -4.52
C PHE C 121 -24.19 13.85 -4.22
N HIS C 122 -25.31 14.37 -4.76
CA HIS C 122 -26.64 13.82 -4.51
C HIS C 122 -26.96 12.80 -5.60
N VAL C 123 -26.85 11.52 -5.24
CA VAL C 123 -27.04 10.41 -6.17
C VAL C 123 -28.13 9.48 -5.65
N ASN C 124 -29.27 10.04 -5.29
CA ASN C 124 -30.37 9.27 -4.72
C ASN C 124 -31.30 8.74 -5.81
N SER C 125 -31.90 7.57 -5.54
CA SER C 125 -32.98 7.02 -6.37
C SER C 125 -32.52 6.76 -7.81
N ASN C 126 -31.31 6.25 -7.98
CA ASN C 126 -30.76 6.03 -9.30
C ASN C 126 -30.56 4.57 -9.68
N ARG C 127 -30.27 3.69 -8.71
CA ARG C 127 -29.90 2.28 -8.94
C ARG C 127 -28.49 2.14 -9.53
N PHE C 128 -27.54 2.86 -8.95
CA PHE C 128 -26.16 2.61 -9.32
C PHE C 128 -25.64 1.37 -8.60
N CYS C 129 -24.61 0.75 -9.16
CA CYS C 129 -24.02 -0.43 -8.57
C CYS C 129 -22.50 -0.30 -8.57
N GLY C 130 -21.83 -1.35 -8.07
CA GLY C 130 -20.39 -1.33 -7.93
C GLY C 130 -19.95 -0.60 -6.69
N VAL C 131 -18.81 -0.98 -6.12
CA VAL C 131 -18.33 -0.33 -4.90
C VAL C 131 -17.92 1.11 -5.23
N ILE C 132 -17.99 1.97 -4.21
CA ILE C 132 -17.53 3.36 -4.37
C ILE C 132 -16.05 3.35 -4.74
N PRO C 133 -15.64 4.08 -5.78
CA PRO C 133 -14.23 3.99 -6.20
C PRO C 133 -13.29 4.58 -5.16
N LYS C 134 -12.12 3.95 -5.03
CA LYS C 134 -11.10 4.45 -4.11
C LYS C 134 -10.61 5.83 -4.52
N SER C 135 -10.57 6.11 -5.81
CA SER C 135 -10.09 7.41 -6.30
C SER C 135 -11.00 8.56 -5.90
N LEU C 136 -12.22 8.27 -5.40
CA LEU C 136 -13.11 9.33 -4.95
C LEU C 136 -12.61 10.01 -3.68
N SER C 137 -11.56 9.47 -3.05
CA SER C 137 -10.98 10.10 -1.87
C SER C 137 -10.33 11.45 -2.19
N LYS C 138 -9.95 11.68 -3.45
CA LYS C 138 -9.35 12.94 -3.84
C LYS C 138 -10.33 14.10 -3.77
N LEU C 139 -11.62 13.83 -3.53
CA LEU C 139 -12.64 14.87 -3.44
C LEU C 139 -12.57 15.50 -2.04
N THR C 140 -11.45 16.20 -1.80
CA THR C 140 -11.17 16.75 -0.48
C THR C 140 -12.21 17.75 -0.01
N LEU C 141 -13.00 18.32 -0.92
CA LEU C 141 -14.00 19.31 -0.57
C LEU C 141 -15.38 18.71 -0.33
N MET C 142 -15.48 17.39 -0.20
CA MET C 142 -16.77 16.74 0.02
C MET C 142 -17.42 17.21 1.31
N TYR C 143 -18.61 17.77 1.20
CA TYR C 143 -19.35 18.31 2.34
C TYR C 143 -20.62 17.54 2.66
N GLU C 144 -21.36 17.11 1.64
CA GLU C 144 -22.56 16.29 1.81
C GLU C 144 -22.55 15.18 0.76
N PHE C 145 -22.77 13.94 1.21
CA PHE C 145 -22.61 12.76 0.36
C PHE C 145 -23.86 11.91 0.47
N ASP C 146 -24.57 11.73 -0.67
CA ASP C 146 -25.91 11.14 -0.70
C ASP C 146 -25.96 10.01 -1.74
N VAL C 147 -25.54 8.81 -1.32
CA VAL C 147 -25.60 7.61 -2.16
C VAL C 147 -26.75 6.72 -1.70
N SER C 148 -27.90 7.32 -1.46
CA SER C 148 -29.05 6.61 -0.91
C SER C 148 -29.97 6.07 -2.01
N ASN C 149 -30.65 4.97 -1.70
CA ASN C 149 -31.58 4.30 -2.62
C ASN C 149 -30.89 3.92 -3.92
N ASN C 150 -29.80 3.17 -3.77
CA ASN C 150 -28.99 2.70 -4.88
C ASN C 150 -28.70 1.22 -4.70
N ARG C 151 -28.16 0.60 -5.74
CA ARG C 151 -27.85 -0.82 -5.75
C ARG C 151 -26.38 -1.10 -5.44
N PHE C 152 -25.69 -0.16 -4.79
CA PHE C 152 -24.30 -0.38 -4.41
C PHE C 152 -24.22 -1.55 -3.44
N VAL C 153 -23.48 -2.59 -3.81
CA VAL C 153 -23.31 -3.75 -2.95
C VAL C 153 -21.82 -3.91 -2.69
N GLY C 154 -21.36 -3.47 -1.51
CA GLY C 154 -20.02 -3.72 -1.07
C GLY C 154 -19.97 -4.03 0.41
N PRO C 155 -18.77 -4.13 0.95
CA PRO C 155 -18.60 -3.97 2.41
C PRO C 155 -18.75 -2.50 2.80
N PHE C 156 -18.33 -2.16 4.00
CA PHE C 156 -18.46 -0.72 4.24
C PHE C 156 -17.21 -0.02 3.71
N PRO C 157 -17.36 1.17 3.13
CA PRO C 157 -16.19 1.80 2.50
C PRO C 157 -15.18 2.31 3.50
N THR C 158 -14.24 1.45 3.89
CA THR C 158 -13.16 1.90 4.76
C THR C 158 -12.23 2.87 4.05
N VAL C 159 -12.42 3.06 2.75
CA VAL C 159 -11.75 4.11 1.99
C VAL C 159 -12.82 5.16 1.70
N ALA C 160 -12.39 6.33 1.22
CA ALA C 160 -13.26 7.41 0.76
C ALA C 160 -14.06 8.05 1.88
N LEU C 161 -13.94 7.60 3.12
CA LEU C 161 -14.65 8.19 4.24
C LEU C 161 -13.83 9.25 4.95
N SER C 162 -12.54 9.35 4.64
CA SER C 162 -11.62 10.29 5.28
C SER C 162 -11.71 11.70 4.73
N TRP C 163 -12.80 12.09 4.08
CA TRP C 163 -12.97 13.48 3.70
C TRP C 163 -13.02 14.34 4.96
N PRO C 164 -12.12 15.30 5.14
CA PRO C 164 -12.14 16.09 6.38
C PRO C 164 -13.36 16.96 6.52
N SER C 165 -13.84 17.55 5.42
CA SER C 165 -14.98 18.47 5.45
C SER C 165 -16.33 17.76 5.45
N LEU C 166 -16.36 16.43 5.46
CA LEU C 166 -17.61 15.70 5.39
C LEU C 166 -18.47 15.95 6.62
N LYS C 167 -19.72 16.36 6.39
CA LYS C 167 -20.66 16.58 7.49
C LYS C 167 -21.95 15.79 7.29
N PHE C 168 -22.30 15.50 6.04
CA PHE C 168 -23.51 14.75 5.71
C PHE C 168 -23.15 13.47 4.97
N LEU C 169 -23.58 12.33 5.53
CA LEU C 169 -23.32 11.03 4.94
C LEU C 169 -24.61 10.22 5.00
N ASP C 170 -25.05 9.73 3.84
CA ASP C 170 -26.25 8.91 3.74
C ASP C 170 -25.94 7.65 2.96
N ILE C 171 -26.14 6.49 3.59
CA ILE C 171 -25.99 5.19 2.94
C ILE C 171 -27.29 4.38 3.14
N ARG C 172 -28.44 5.01 2.96
CA ARG C 172 -29.69 4.34 3.28
C ARG C 172 -30.26 3.65 2.05
N TYR C 173 -30.95 2.54 2.30
CA TYR C 173 -31.51 1.68 1.24
C TYR C 173 -30.42 1.23 0.28
N ASN C 174 -29.32 0.71 0.85
CA ASN C 174 -28.22 0.12 0.10
C ASN C 174 -27.90 -1.25 0.69
N ASP C 175 -27.18 -2.06 -0.10
CA ASP C 175 -26.77 -3.43 0.28
C ASP C 175 -25.30 -3.52 0.68
N PHE C 176 -24.96 -2.98 1.86
CA PHE C 176 -23.63 -3.18 2.42
C PHE C 176 -23.58 -4.39 3.34
N GLU C 177 -22.37 -4.90 3.56
CA GLU C 177 -22.14 -6.13 4.31
C GLU C 177 -21.08 -5.91 5.39
N GLY C 178 -21.14 -6.73 6.43
CA GLY C 178 -20.07 -6.81 7.41
C GLY C 178 -20.24 -5.88 8.59
N LYS C 179 -19.09 -5.56 9.20
CA LYS C 179 -19.03 -4.73 10.40
C LYS C 179 -19.00 -3.25 10.04
N LEU C 180 -19.55 -2.44 10.93
CA LEU C 180 -19.41 -0.99 10.83
C LEU C 180 -18.15 -0.55 11.59
N PRO C 181 -17.16 0.03 10.92
CA PRO C 181 -15.91 0.38 11.59
C PRO C 181 -16.11 1.51 12.58
N PRO C 182 -15.52 1.40 13.78
CA PRO C 182 -15.67 2.45 14.79
C PRO C 182 -15.02 3.78 14.40
N GLU C 183 -14.16 3.80 13.38
CA GLU C 183 -13.47 5.03 12.99
C GLU C 183 -14.40 6.09 12.39
N ILE C 184 -15.65 5.75 12.12
CA ILE C 184 -16.55 6.70 11.46
C ILE C 184 -16.97 7.81 12.42
N PHE C 185 -17.17 7.49 13.70
CA PHE C 185 -17.70 8.46 14.65
C PHE C 185 -16.66 9.43 15.17
N ASP C 186 -15.37 9.14 15.01
CA ASP C 186 -14.33 10.06 15.48
C ASP C 186 -14.32 11.38 14.71
N LYS C 187 -14.90 11.41 13.51
CA LYS C 187 -14.92 12.60 12.69
C LYS C 187 -16.11 13.49 13.06
N ASP C 188 -15.94 14.80 12.87
CA ASP C 188 -17.01 15.75 13.16
C ASP C 188 -18.09 15.68 12.09
N LEU C 189 -19.02 14.74 12.25
CA LEU C 189 -20.14 14.60 11.32
C LEU C 189 -21.40 15.24 11.92
N ASP C 190 -22.33 15.60 11.04
CA ASP C 190 -23.59 16.20 11.44
C ASP C 190 -24.79 15.30 11.19
N ALA C 191 -24.69 14.38 10.23
CA ALA C 191 -25.78 13.46 9.94
C ALA C 191 -25.21 12.17 9.38
N ILE C 192 -25.73 11.05 9.87
CA ILE C 192 -25.32 9.71 9.42
C ILE C 192 -26.59 8.90 9.22
N PHE C 193 -26.79 8.37 8.02
CA PHE C 193 -27.95 7.55 7.72
C PHE C 193 -27.47 6.18 7.24
N LEU C 194 -27.90 5.12 7.94
CA LEU C 194 -27.46 3.77 7.62
C LEU C 194 -28.60 2.75 7.70
N ASN C 195 -29.85 3.19 7.68
CA ASN C 195 -30.95 2.27 7.92
C ASN C 195 -31.22 1.40 6.69
N ASN C 196 -31.77 0.22 6.94
CA ASN C 196 -32.11 -0.77 5.91
C ASN C 196 -30.90 -1.17 5.10
N ASN C 197 -29.79 -1.39 5.79
CA ASN C 197 -28.54 -1.86 5.21
C ASN C 197 -28.06 -3.04 6.03
N ARG C 198 -27.59 -4.10 5.37
CA ARG C 198 -27.17 -5.29 6.09
C ARG C 198 -25.90 -5.01 6.89
N PHE C 199 -25.91 -5.44 8.15
CA PHE C 199 -24.74 -5.38 9.01
C PHE C 199 -24.84 -6.51 10.03
N GLU C 200 -23.71 -7.13 10.35
CA GLU C 200 -23.67 -8.35 11.16
C GLU C 200 -22.66 -8.19 12.30
N SER C 201 -22.78 -7.10 13.05
CA SER C 201 -21.91 -6.86 14.19
C SER C 201 -22.67 -6.11 15.29
N THR C 202 -21.93 -5.39 16.13
CA THR C 202 -22.50 -4.58 17.18
C THR C 202 -22.20 -3.11 16.89
N ILE C 203 -22.96 -2.25 17.55
CA ILE C 203 -22.71 -0.80 17.40
C ILE C 203 -21.41 -0.45 18.10
N PRO C 204 -20.47 0.23 17.44
CA PRO C 204 -19.19 0.52 18.07
C PRO C 204 -19.35 1.44 19.27
N GLU C 205 -18.45 1.26 20.25
CA GLU C 205 -18.46 2.11 21.43
C GLU C 205 -18.05 3.54 21.12
N THR C 206 -17.44 3.79 19.95
CA THR C 206 -17.03 5.13 19.57
C THR C 206 -18.20 6.04 19.23
N ILE C 207 -19.44 5.54 19.31
CA ILE C 207 -20.60 6.35 18.96
C ILE C 207 -20.68 7.62 19.80
N GLY C 208 -20.14 7.58 21.02
CA GLY C 208 -20.18 8.73 21.90
C GLY C 208 -19.30 9.88 21.45
N LYS C 209 -18.28 9.59 20.64
CA LYS C 209 -17.35 10.62 20.21
C LYS C 209 -17.90 11.49 19.08
N SER C 210 -19.08 11.16 18.54
CA SER C 210 -19.60 11.85 17.37
C SER C 210 -20.45 13.05 17.77
N THR C 211 -20.25 14.15 17.05
CA THR C 211 -21.13 15.31 17.14
C THR C 211 -22.44 15.11 16.40
N ALA C 212 -22.52 14.09 15.54
CA ALA C 212 -23.69 13.78 14.70
C ALA C 212 -25.03 14.04 15.38
N SER C 213 -25.74 15.05 14.87
CA SER C 213 -27.05 15.39 15.41
C SER C 213 -28.03 14.22 15.26
N VAL C 214 -28.06 13.61 14.08
CA VAL C 214 -28.98 12.51 13.79
C VAL C 214 -28.20 11.32 13.26
N VAL C 215 -28.57 10.13 13.72
CA VAL C 215 -28.00 8.88 13.23
C VAL C 215 -29.12 7.85 13.13
N THR C 216 -29.05 6.98 12.13
CA THR C 216 -30.11 6.00 11.89
C THR C 216 -29.51 4.65 11.58
N PHE C 217 -29.80 3.67 12.45
CA PHE C 217 -29.39 2.28 12.29
C PHE C 217 -30.60 1.37 12.16
N ALA C 218 -31.74 1.89 11.68
CA ALA C 218 -33.00 1.23 11.96
C ALA C 218 -33.21 -0.14 11.34
N HIS C 219 -33.41 -0.23 10.02
CA HIS C 219 -33.69 -1.55 9.43
C HIS C 219 -32.42 -2.32 9.11
N ASN C 220 -31.55 -2.47 10.11
CA ASN C 220 -30.31 -3.20 9.93
C ASN C 220 -30.27 -4.34 10.93
N LYS C 221 -29.35 -5.28 10.70
CA LYS C 221 -29.26 -6.50 11.49
C LYS C 221 -28.14 -6.44 12.52
N PHE C 222 -27.98 -5.30 13.17
CA PHE C 222 -26.96 -5.15 14.21
C PHE C 222 -27.30 -6.06 15.39
N SER C 223 -26.36 -6.94 15.73
CA SER C 223 -26.49 -7.81 16.89
C SER C 223 -25.83 -7.17 18.11
N GLY C 224 -26.01 -7.81 19.26
CA GLY C 224 -25.39 -7.36 20.49
C GLY C 224 -26.27 -6.42 21.29
N CYS C 225 -25.63 -5.75 22.25
CA CYS C 225 -26.28 -4.80 23.13
C CYS C 225 -25.85 -3.37 22.79
N ILE C 226 -26.61 -2.42 23.33
CA ILE C 226 -26.28 -1.00 23.18
C ILE C 226 -25.03 -0.67 24.00
N PRO C 227 -24.03 -0.03 23.41
CA PRO C 227 -22.85 0.35 24.18
C PRO C 227 -23.19 1.38 25.27
N LYS C 228 -22.31 1.43 26.28
CA LYS C 228 -22.47 2.38 27.38
C LYS C 228 -21.78 3.71 27.09
N THR C 229 -21.73 4.13 25.83
CA THR C 229 -21.08 5.39 25.46
C THR C 229 -22.03 6.39 24.82
N ILE C 230 -23.34 6.14 24.86
CA ILE C 230 -24.29 7.05 24.23
C ILE C 230 -24.18 8.45 24.83
N GLY C 231 -24.45 8.58 26.13
CA GLY C 231 -24.55 9.87 26.76
C GLY C 231 -23.32 10.77 26.64
N GLN C 232 -22.26 10.28 26.00
CA GLN C 232 -21.15 11.15 25.63
C GLN C 232 -21.46 12.02 24.42
N MET C 233 -22.61 11.82 23.77
CA MET C 233 -22.99 12.59 22.59
C MET C 233 -23.73 13.83 23.07
N LYS C 234 -23.09 14.99 22.94
CA LYS C 234 -23.63 16.24 23.48
C LYS C 234 -24.47 17.00 22.47
N ASN C 235 -24.71 16.45 21.28
CA ASN C 235 -25.55 17.12 20.30
C ASN C 235 -26.60 16.22 19.65
N LEU C 236 -26.59 14.93 19.93
CA LEU C 236 -27.51 13.96 19.32
C LEU C 236 -28.96 14.44 19.39
N ASN C 237 -29.56 14.72 18.23
CA ASN C 237 -30.97 15.17 18.21
C ASN C 237 -31.91 13.99 18.01
N GLU C 238 -31.87 13.36 16.85
CA GLU C 238 -32.72 12.22 16.55
C GLU C 238 -31.91 10.94 16.53
N ILE C 239 -32.60 9.82 16.76
CA ILE C 239 -31.99 8.49 16.72
C ILE C 239 -33.11 7.47 16.61
N VAL C 240 -32.84 6.38 15.86
CA VAL C 240 -33.84 5.37 15.58
C VAL C 240 -33.17 4.00 15.54
N PHE C 241 -33.88 2.99 16.05
CA PHE C 241 -33.39 1.60 16.02
C PHE C 241 -34.52 0.63 15.69
N ILE C 242 -35.43 1.00 14.79
CA ILE C 242 -36.60 0.15 14.53
C ILE C 242 -36.16 -1.10 13.79
N GLY C 243 -36.60 -2.26 14.27
CA GLY C 243 -36.38 -3.49 13.50
C GLY C 243 -34.96 -4.01 13.47
N ASN C 244 -34.26 -4.00 14.60
CA ASN C 244 -32.90 -4.50 14.69
C ASN C 244 -32.83 -5.74 15.58
N ASN C 245 -31.78 -6.54 15.38
CA ASN C 245 -31.56 -7.73 16.18
C ASN C 245 -30.64 -7.44 17.37
N LEU C 246 -30.98 -6.43 18.16
CA LEU C 246 -30.20 -6.09 19.35
C LEU C 246 -30.83 -6.74 20.58
N SER C 247 -29.97 -7.01 21.57
CA SER C 247 -30.41 -7.68 22.79
C SER C 247 -29.87 -6.98 24.03
N GLY C 248 -30.06 -7.58 25.19
CA GLY C 248 -29.56 -7.01 26.43
C GLY C 248 -30.50 -5.98 27.01
N CYS C 249 -30.10 -5.46 28.17
CA CYS C 249 -30.87 -4.46 28.88
C CYS C 249 -30.52 -3.07 28.37
N LEU C 250 -31.45 -2.13 28.56
CA LEU C 250 -31.23 -0.76 28.14
C LEU C 250 -30.27 -0.07 29.09
N PRO C 251 -29.13 0.43 28.61
CA PRO C 251 -28.17 1.08 29.51
C PRO C 251 -28.71 2.42 30.03
N ASN C 252 -28.71 2.56 31.35
CA ASN C 252 -29.24 3.75 32.01
C ASN C 252 -28.52 5.04 31.62
N GLU C 253 -27.43 4.96 30.85
CA GLU C 253 -26.67 6.15 30.48
C GLU C 253 -27.38 7.03 29.47
N ILE C 254 -28.59 6.68 29.05
CA ILE C 254 -29.31 7.47 28.05
C ILE C 254 -29.77 8.82 28.59
N GLY C 255 -29.80 8.99 29.91
CA GLY C 255 -30.29 10.24 30.49
C GLY C 255 -29.43 11.45 30.18
N SER C 256 -28.18 11.25 29.78
CA SER C 256 -27.31 12.36 29.43
C SER C 256 -27.68 13.03 28.12
N LEU C 257 -28.65 12.48 27.38
CA LEU C 257 -29.06 13.02 26.09
C LEU C 257 -30.01 14.19 26.32
N ASN C 258 -29.40 15.35 26.64
CA ASN C 258 -30.19 16.53 26.93
C ASN C 258 -30.89 17.05 25.69
N ASN C 259 -30.25 16.95 24.52
CA ASN C 259 -30.78 17.47 23.27
C ASN C 259 -31.33 16.38 22.37
N VAL C 260 -31.95 15.35 22.91
CA VAL C 260 -32.50 14.29 22.08
C VAL C 260 -33.97 14.58 21.81
N THR C 261 -34.40 14.33 20.59
CA THR C 261 -35.76 14.59 20.15
C THR C 261 -36.54 13.32 19.84
N VAL C 262 -35.94 12.39 19.11
CA VAL C 262 -36.57 11.13 18.74
C VAL C 262 -35.70 9.98 19.23
N PHE C 263 -36.29 9.08 20.01
CA PHE C 263 -35.61 7.89 20.48
C PHE C 263 -36.53 6.70 20.24
N ASP C 264 -36.09 5.77 19.40
CA ASP C 264 -36.94 4.65 19.00
C ASP C 264 -36.11 3.38 18.97
N ALA C 265 -36.67 2.30 19.53
CA ALA C 265 -36.02 1.00 19.59
C ALA C 265 -37.01 -0.11 19.29
N SER C 266 -37.85 0.09 18.27
CA SER C 266 -38.92 -0.84 17.99
C SER C 266 -38.39 -2.14 17.38
N SER C 267 -39.18 -3.20 17.56
CA SER C 267 -38.93 -4.51 16.93
C SER C 267 -37.55 -5.06 17.30
N ASN C 268 -37.13 -4.80 18.53
CA ASN C 268 -35.85 -5.30 19.05
C ASN C 268 -36.10 -6.36 20.11
N GLY C 269 -35.01 -6.99 20.54
CA GLY C 269 -35.09 -8.04 21.54
C GLY C 269 -34.63 -7.62 22.93
N PHE C 270 -34.65 -6.32 23.21
CA PHE C 270 -34.20 -5.84 24.52
C PHE C 270 -35.12 -6.36 25.62
N VAL C 271 -34.53 -6.74 26.74
CA VAL C 271 -35.26 -7.24 27.90
C VAL C 271 -34.86 -6.42 29.11
N GLY C 272 -35.77 -6.32 30.07
CA GLY C 272 -35.54 -5.61 31.31
C GLY C 272 -36.58 -4.54 31.54
N SER C 273 -36.32 -3.71 32.56
CA SER C 273 -37.22 -2.64 32.92
C SER C 273 -36.65 -1.30 32.44
N LEU C 274 -37.53 -0.30 32.39
CA LEU C 274 -37.10 1.01 31.94
C LEU C 274 -36.32 1.70 33.05
N PRO C 275 -35.14 2.24 32.76
CA PRO C 275 -34.35 2.91 33.81
C PRO C 275 -35.00 4.21 34.23
N SER C 276 -34.68 4.62 35.46
CA SER C 276 -35.23 5.86 35.99
C SER C 276 -34.59 7.09 35.36
N THR C 277 -33.46 6.92 34.68
CA THR C 277 -32.76 8.04 34.08
C THR C 277 -33.47 8.62 32.86
N LEU C 278 -34.55 7.99 32.41
CA LEU C 278 -35.29 8.54 31.26
C LEU C 278 -35.94 9.88 31.57
N SER C 279 -35.95 10.31 32.84
CA SER C 279 -36.46 11.63 33.18
C SER C 279 -35.55 12.74 32.70
N GLY C 280 -34.32 12.41 32.30
CA GLY C 280 -33.39 13.38 31.77
C GLY C 280 -33.59 13.73 30.32
N LEU C 281 -34.45 12.97 29.62
CA LEU C 281 -34.75 13.22 28.22
C LEU C 281 -35.84 14.30 28.10
N ALA C 282 -35.51 15.49 28.59
CA ALA C 282 -36.49 16.56 28.68
C ALA C 282 -36.89 17.08 27.30
N ASN C 283 -36.01 16.96 26.31
CA ASN C 283 -36.24 17.53 24.98
C ASN C 283 -36.85 16.54 24.01
N VAL C 284 -37.21 15.34 24.47
CA VAL C 284 -37.78 14.33 23.59
C VAL C 284 -39.23 14.70 23.24
N GLU C 285 -39.61 14.49 21.98
CA GLU C 285 -40.96 14.78 21.53
C GLU C 285 -41.76 13.54 21.20
N GLN C 286 -41.15 12.51 20.62
CA GLN C 286 -41.84 11.25 20.39
C GLN C 286 -40.87 10.08 20.57
N MET C 287 -41.41 8.98 21.09
CA MET C 287 -40.66 7.76 21.35
C MET C 287 -41.50 6.54 21.01
N ASP C 288 -40.83 5.49 20.58
CA ASP C 288 -41.48 4.23 20.26
C ASP C 288 -40.62 3.08 20.79
N PHE C 289 -41.25 2.14 21.47
CA PHE C 289 -40.59 0.97 22.02
C PHE C 289 -41.38 -0.29 21.72
N SER C 290 -42.09 -0.31 20.59
CA SER C 290 -43.02 -1.39 20.32
C SER C 290 -42.27 -2.66 19.89
N TYR C 291 -43.00 -3.78 19.96
CA TYR C 291 -42.50 -5.08 19.53
C TYR C 291 -41.22 -5.46 20.28
N ASN C 292 -41.19 -5.14 21.57
CA ASN C 292 -40.06 -5.47 22.43
C ASN C 292 -40.53 -6.41 23.54
N LYS C 293 -39.61 -6.73 24.44
CA LYS C 293 -39.88 -7.61 25.57
C LYS C 293 -39.37 -6.99 26.88
N PHE C 294 -39.79 -5.75 27.15
CA PHE C 294 -39.35 -5.06 28.35
C PHE C 294 -40.28 -5.40 29.51
N THR C 295 -39.69 -5.58 30.68
CA THR C 295 -40.45 -5.79 31.91
C THR C 295 -40.73 -4.47 32.59
N GLY C 296 -41.21 -4.52 33.83
CA GLY C 296 -41.37 -3.32 34.63
C GLY C 296 -42.68 -2.61 34.38
N PHE C 297 -42.79 -1.43 35.01
CA PHE C 297 -43.95 -0.57 34.88
C PHE C 297 -43.51 0.82 34.48
N VAL C 298 -44.42 1.51 33.77
CA VAL C 298 -44.09 2.82 33.22
C VAL C 298 -44.00 3.86 34.34
N THR C 299 -42.90 4.60 34.35
CA THR C 299 -42.70 5.66 35.34
C THR C 299 -43.56 6.87 35.00
N ASP C 300 -44.04 7.55 36.04
CA ASP C 300 -44.89 8.72 35.83
C ASP C 300 -44.10 9.92 35.33
N ASN C 301 -42.77 9.88 35.43
CA ASN C 301 -41.97 11.01 34.97
C ASN C 301 -41.99 11.13 33.45
N ILE C 302 -42.14 10.02 32.73
CA ILE C 302 -42.04 10.07 31.28
C ILE C 302 -43.27 10.77 30.68
N CYS C 303 -44.45 10.57 31.28
CA CYS C 303 -45.63 11.28 30.81
C CYS C 303 -45.62 12.75 31.22
N LYS C 304 -44.74 13.13 32.14
CA LYS C 304 -44.60 14.51 32.62
C LYS C 304 -43.42 15.22 32.00
N LEU C 305 -43.20 15.04 30.70
CA LEU C 305 -42.17 15.76 29.97
C LEU C 305 -42.85 16.80 29.08
N PRO C 306 -42.45 18.07 29.18
CA PRO C 306 -43.22 19.13 28.50
C PRO C 306 -43.18 19.05 26.98
N LYS C 307 -42.17 18.39 26.40
CA LYS C 307 -42.05 18.35 24.95
C LYS C 307 -42.55 17.04 24.33
N LEU C 308 -42.65 15.98 25.12
CA LEU C 308 -43.10 14.69 24.60
C LEU C 308 -44.56 14.77 24.16
N SER C 309 -44.85 14.29 22.96
CA SER C 309 -46.21 14.32 22.42
C SER C 309 -46.72 12.95 22.00
N ASN C 310 -45.88 12.12 21.38
CA ASN C 310 -46.27 10.80 20.92
C ASN C 310 -45.39 9.77 21.61
N PHE C 311 -45.99 8.67 22.07
CA PHE C 311 -45.20 7.66 22.79
C PHE C 311 -45.92 6.33 22.69
N THR C 312 -45.46 5.47 21.78
CA THR C 312 -46.03 4.15 21.57
C THR C 312 -45.15 3.12 22.27
N PHE C 313 -45.76 2.29 23.12
CA PHE C 313 -45.05 1.24 23.83
C PHE C 313 -45.76 -0.10 23.71
N SER C 314 -46.57 -0.30 22.67
CA SER C 314 -47.37 -1.49 22.55
C SER C 314 -46.48 -2.71 22.30
N TYR C 315 -47.04 -3.90 22.57
CA TYR C 315 -46.33 -5.16 22.33
C TYR C 315 -45.01 -5.19 23.10
N ASN C 316 -45.06 -4.79 24.38
CA ASN C 316 -43.81 -4.65 25.12
C ASN C 316 -43.89 -5.20 26.54
N PHE C 317 -44.74 -6.21 26.76
CA PHE C 317 -44.84 -6.92 28.03
C PHE C 317 -44.85 -6.03 29.28
N PHE C 318 -45.50 -4.87 29.22
CA PHE C 318 -45.60 -4.01 30.39
C PHE C 318 -46.85 -4.36 31.19
N ASN C 319 -46.70 -4.37 32.52
CA ASN C 319 -47.77 -4.79 33.40
C ASN C 319 -48.35 -3.67 34.27
N GLY C 320 -47.71 -2.52 34.32
CA GLY C 320 -48.19 -1.43 35.16
C GLY C 320 -47.90 -0.08 34.56
N GLU C 321 -48.73 0.89 34.93
CA GLU C 321 -48.54 2.28 34.54
C GLU C 321 -48.72 3.16 35.78
N ALA C 322 -47.93 4.22 35.86
CA ALA C 322 -48.00 5.13 37.01
C ALA C 322 -49.00 6.26 36.81
N GLN C 323 -49.45 6.48 35.58
CA GLN C 323 -50.40 7.53 35.27
C GLN C 323 -51.38 7.00 34.23
N SER C 324 -52.60 7.54 34.25
CA SER C 324 -53.60 7.15 33.26
C SER C 324 -53.26 7.75 31.91
N CYS C 325 -52.13 7.35 31.34
CA CYS C 325 -51.68 7.83 30.04
C CYS C 325 -52.25 7.00 28.89
N VAL C 326 -52.87 5.86 29.18
CA VAL C 326 -53.28 4.91 28.15
C VAL C 326 -54.36 5.48 27.23
N PRO C 327 -55.22 6.45 27.64
CA PRO C 327 -56.03 7.13 26.63
C PRO C 327 -55.41 8.44 26.18
N GLY C 328 -54.33 8.86 26.86
CA GLY C 328 -53.76 10.17 26.70
C GLY C 328 -54.31 11.21 27.65
N SER C 329 -55.58 11.07 28.03
CA SER C 329 -56.26 11.92 29.00
C SER C 329 -56.34 13.38 28.58
N SER C 330 -55.92 13.70 27.36
CA SER C 330 -55.93 15.07 26.85
C SER C 330 -55.62 15.04 25.37
N GLN C 331 -55.94 16.14 24.69
CA GLN C 331 -55.64 16.27 23.28
C GLN C 331 -54.18 16.54 22.99
N GLU C 332 -53.36 16.74 24.03
CA GLU C 332 -51.97 17.12 23.83
C GLU C 332 -51.07 15.91 23.58
N LYS C 333 -51.43 14.74 24.11
CA LYS C 333 -50.57 13.57 24.01
C LYS C 333 -51.38 12.33 23.67
N GLN C 334 -50.75 11.42 22.93
CA GLN C 334 -51.36 10.19 22.44
C GLN C 334 -50.48 9.02 22.82
N PHE C 335 -51.04 8.03 23.52
CA PHE C 335 -50.29 6.86 23.91
C PHE C 335 -50.99 5.58 23.48
N ASP C 336 -50.19 4.55 23.18
CA ASP C 336 -50.67 3.28 22.66
C ASP C 336 -50.10 2.15 23.51
N ASP C 337 -50.97 1.26 24.00
CA ASP C 337 -50.56 0.15 24.85
C ASP C 337 -51.21 -1.15 24.40
N THR C 338 -51.04 -1.49 23.13
CA THR C 338 -51.68 -2.69 22.59
C THR C 338 -50.87 -3.93 22.92
N SER C 339 -51.58 -5.00 23.29
CA SER C 339 -50.97 -6.28 23.66
C SER C 339 -50.00 -6.13 24.84
N ASN C 340 -50.38 -5.30 25.81
CA ASN C 340 -49.63 -5.17 27.05
C ASN C 340 -50.41 -5.79 28.20
N CYS C 341 -49.67 -6.21 29.24
CA CYS C 341 -50.28 -6.80 30.42
C CYS C 341 -50.92 -5.74 31.33
N LEU C 342 -51.71 -4.83 30.75
CA LEU C 342 -52.42 -3.82 31.54
C LEU C 342 -53.88 -4.27 31.69
N GLN C 343 -54.25 -4.66 32.91
CA GLN C 343 -55.60 -5.17 33.16
C GLN C 343 -56.66 -4.09 32.97
N ASN C 344 -56.32 -2.82 33.23
CA ASN C 344 -57.30 -1.75 33.15
C ASN C 344 -57.63 -1.37 31.71
N ARG C 345 -56.71 -1.60 30.78
CA ARG C 345 -57.01 -1.17 29.43
C ARG C 345 -57.58 -2.33 28.62
N PRO C 346 -58.48 -2.08 27.68
CA PRO C 346 -58.98 -3.15 26.81
C PRO C 346 -57.94 -3.45 25.73
N ASN C 347 -58.28 -4.42 24.87
CA ASN C 347 -57.39 -4.84 23.79
C ASN C 347 -55.99 -5.12 24.31
N GLN C 348 -55.94 -5.77 25.48
CA GLN C 348 -54.69 -6.08 26.14
C GLN C 348 -54.24 -7.51 25.81
N LYS C 349 -53.21 -7.97 26.48
CA LYS C 349 -52.61 -9.26 26.16
C LYS C 349 -53.43 -10.40 26.77
N SER C 350 -53.67 -11.42 25.96
CA SER C 350 -54.28 -12.67 26.40
C SER C 350 -53.59 -13.18 27.65
N ALA C 351 -54.34 -13.24 28.76
CA ALA C 351 -53.78 -13.71 30.03
C ALA C 351 -53.06 -15.04 29.90
N LYS C 352 -53.36 -15.84 28.88
CA LYS C 352 -52.57 -17.03 28.59
C LYS C 352 -51.24 -16.71 27.95
N GLU C 353 -51.13 -15.56 27.28
CA GLU C 353 -49.87 -15.09 26.72
C GLU C 353 -49.10 -14.23 27.72
N CYS C 354 -49.81 -13.59 28.64
CA CYS C 354 -49.20 -12.84 29.72
C CYS C 354 -48.85 -13.78 30.86
N LEU C 355 -48.01 -13.29 31.78
CA LEU C 355 -47.49 -14.04 32.91
C LEU C 355 -46.80 -15.36 32.53
N PRO C 356 -45.88 -15.36 31.54
CA PRO C 356 -44.99 -16.52 31.38
C PRO C 356 -43.82 -16.42 32.33
N VAL C 357 -42.80 -17.26 32.16
CA VAL C 357 -41.61 -17.08 32.97
C VAL C 357 -40.87 -15.83 32.52
N VAL C 358 -41.08 -15.42 31.26
CA VAL C 358 -40.57 -14.13 30.79
C VAL C 358 -41.12 -13.00 31.65
N SER C 359 -42.30 -13.19 32.26
CA SER C 359 -42.86 -12.15 33.11
C SER C 359 -42.22 -12.11 34.48
N ARG C 360 -41.10 -12.82 34.66
CA ARG C 360 -40.22 -12.55 35.77
C ARG C 360 -39.02 -11.81 35.20
N PRO C 361 -38.74 -10.60 35.65
CA PRO C 361 -37.66 -9.81 35.05
C PRO C 361 -36.28 -10.33 35.41
N VAL C 362 -35.30 -9.75 34.72
CA VAL C 362 -33.89 -9.98 34.99
C VAL C 362 -33.42 -8.83 35.86
N ASP C 363 -32.34 -9.06 36.61
CA ASP C 363 -31.88 -8.09 37.60
C ASP C 363 -31.52 -6.75 36.98
N CYS C 364 -31.39 -6.67 35.66
CA CYS C 364 -31.01 -5.44 34.94
C CYS C 364 -29.70 -4.86 35.46
N SER C 365 -28.92 -5.66 36.19
CA SER C 365 -27.60 -5.23 36.64
C SER C 365 -26.56 -6.29 36.31
N LYS C 366 -27.00 -7.55 36.23
CA LYS C 366 -26.09 -8.65 35.91
C LYS C 366 -25.73 -8.70 34.44
N ASP C 367 -26.44 -7.97 33.59
CA ASP C 367 -26.10 -7.93 32.17
C ASP C 367 -24.78 -7.20 31.98
N LYS C 368 -23.94 -7.73 31.07
CA LYS C 368 -22.63 -7.13 30.84
C LYS C 368 -22.71 -5.72 30.26
N CYS C 369 -23.87 -5.34 29.72
CA CYS C 369 -24.08 -4.01 29.15
C CYS C 369 -24.96 -3.13 30.04
N ALA C 370 -25.28 -3.59 31.25
CA ALA C 370 -26.19 -2.86 32.13
C ALA C 370 -25.70 -2.76 33.57
N GLY C 371 -24.60 -3.40 33.92
CA GLY C 371 -24.05 -3.27 35.26
C GLY C 371 -23.15 -2.06 35.41
N GLY C 372 -23.57 -1.10 36.22
CA GLY C 372 -22.80 0.11 36.42
C GLY C 372 -23.29 1.27 35.58
N ARG D 10 -43.84 17.84 13.66
CA ARG D 10 -44.70 17.31 12.62
C ARG D 10 -43.96 16.34 11.72
N ARG D 11 -42.99 16.87 10.98
CA ARG D 11 -42.19 16.12 10.02
C ARG D 11 -40.75 16.02 10.53
N TYR D 12 -40.32 14.82 10.88
CA TYR D 12 -38.97 14.58 11.37
C TYR D 12 -38.18 13.82 10.32
N ILE D 13 -36.87 14.06 10.29
CA ILE D 13 -36.02 13.45 9.27
C ILE D 13 -35.54 12.05 9.64
N GLY D 14 -35.52 11.70 10.92
CA GLY D 14 -35.18 10.34 11.30
C GLY D 14 -36.17 9.32 10.79
N TYR D 15 -37.45 9.70 10.70
CA TYR D 15 -38.48 8.84 10.15
C TYR D 15 -38.61 8.97 8.63
N ASP D 16 -38.31 10.15 8.07
CA ASP D 16 -38.38 10.30 6.63
C ASP D 16 -37.28 9.54 5.90
N ALA D 17 -36.28 9.03 6.62
CA ALA D 17 -35.27 8.19 6.01
C ALA D 17 -35.82 6.81 5.65
N LEU D 18 -36.91 6.40 6.31
CA LEU D 18 -37.58 5.14 5.97
C LEU D 18 -38.23 5.19 4.60
N LYS D 19 -38.44 6.38 4.04
CA LYS D 19 -39.00 6.55 2.70
C LYS D 19 -37.86 6.79 1.72
N LYS D 20 -37.48 5.73 1.00
CA LYS D 20 -36.33 5.79 0.10
C LYS D 20 -36.41 6.92 -0.91
N ASN D 21 -37.61 7.43 -1.20
CA ASN D 21 -37.79 8.38 -2.28
C ASN D 21 -37.65 9.83 -1.84
N ASN D 22 -37.72 10.10 -0.55
CA ASN D 22 -37.74 11.47 -0.05
C ASN D 22 -36.33 11.98 0.22
N VAL D 23 -36.18 13.30 0.09
CA VAL D 23 -34.90 13.99 0.28
C VAL D 23 -35.12 15.18 1.21
N PRO D 24 -34.11 15.63 1.95
CA PRO D 24 -34.32 16.78 2.85
C PRO D 24 -34.61 18.08 2.12
N CYS D 25 -34.34 18.16 0.81
CA CYS D 25 -34.64 19.35 0.02
C CYS D 25 -35.10 18.88 -1.34
N SER D 26 -36.33 19.24 -1.72
CA SER D 26 -36.89 18.79 -2.99
C SER D 26 -36.28 19.52 -4.17
N ARG D 27 -35.95 20.80 -4.01
CA ARG D 27 -35.36 21.57 -5.10
C ARG D 27 -33.98 21.01 -5.42
N ARG D 28 -33.82 20.50 -6.65
CA ARG D 28 -32.57 19.87 -7.04
C ARG D 28 -31.46 20.90 -7.14
N GLY D 29 -30.24 20.45 -6.85
CA GLY D 29 -29.06 21.30 -6.91
C GLY D 29 -28.79 22.02 -5.62
N ARG D 30 -29.85 22.48 -4.95
CA ARG D 30 -29.71 23.20 -3.71
C ARG D 30 -29.11 22.29 -2.63
N SER D 31 -28.40 22.92 -1.70
CA SER D 31 -27.82 22.17 -0.59
C SER D 31 -28.90 21.76 0.39
N TYR D 32 -28.68 20.63 1.06
CA TYR D 32 -29.65 20.18 2.06
C TYR D 32 -29.75 21.13 3.25
N TYR D 33 -28.73 21.98 3.45
CA TYR D 33 -28.77 22.93 4.55
C TYR D 33 -29.47 24.24 4.18
N ASP D 34 -29.39 24.65 2.91
CA ASP D 34 -29.99 25.89 2.44
C ASP D 34 -31.04 25.54 1.39
N CYS D 35 -32.32 25.65 1.76
CA CYS D 35 -33.38 25.24 0.85
C CYS D 35 -34.55 26.22 0.88
N LYS D 36 -34.33 27.46 1.30
CA LYS D 36 -35.40 28.46 1.34
C LYS D 36 -35.59 29.14 -0.01
N LYS D 37 -34.58 29.86 -0.47
CA LYS D 37 -34.67 30.63 -1.71
C LYS D 37 -33.39 30.46 -2.51
N ARG D 38 -33.55 30.30 -3.83
CA ARG D 38 -32.47 29.87 -4.71
C ARG D 38 -31.28 30.82 -4.71
N ARG D 39 -31.48 32.05 -5.20
CA ARG D 39 -30.44 33.08 -5.25
C ARG D 39 -29.15 32.53 -5.84
N ARG D 40 -29.29 32.03 -7.08
CA ARG D 40 -28.18 31.56 -7.91
C ARG D 40 -27.58 30.25 -7.41
N ASN D 41 -28.44 29.36 -6.89
CA ASN D 41 -28.13 27.98 -6.50
C ASN D 41 -26.67 27.71 -6.16
N ASN D 42 -26.12 28.38 -5.16
CA ASN D 42 -24.69 28.29 -4.86
C ASN D 42 -24.43 27.08 -3.97
N PRO D 43 -23.75 26.03 -4.47
CA PRO D 43 -23.48 24.86 -3.64
C PRO D 43 -22.52 25.11 -2.49
N TYR D 44 -21.80 26.22 -2.49
CA TYR D 44 -20.87 26.55 -1.40
C TYR D 44 -21.52 27.52 -0.43
N ARG D 45 -22.69 27.13 0.05
CA ARG D 45 -23.46 27.91 1.01
C ARG D 45 -23.87 27.00 2.16
N ARG D 46 -23.84 27.53 3.38
CA ARG D 46 -24.09 26.75 4.57
C ARG D 46 -25.45 27.06 5.20
N GLY D 47 -25.80 28.33 5.35
CA GLY D 47 -27.08 28.69 5.90
C GLY D 47 -27.26 28.11 7.30
N CYS D 48 -27.99 27.00 7.35
CA CYS D 48 -28.28 26.32 8.60
C CYS D 48 -27.10 25.43 9.00
N SER D 49 -27.07 25.03 10.27
CA SER D 49 -25.94 24.29 10.81
C SER D 49 -26.22 22.80 10.97
N ALA D 50 -27.39 22.44 11.50
CA ALA D 50 -27.76 21.05 11.72
C ALA D 50 -29.08 20.77 11.03
N ILE D 51 -29.24 19.55 10.52
CA ILE D 51 -30.36 19.23 9.65
C ILE D 51 -31.47 18.61 10.49
N THR D 52 -31.56 19.04 11.74
CA THR D 52 -32.66 18.73 12.63
C THR D 52 -33.38 19.96 13.16
N HIS D 53 -32.67 21.07 13.34
CA HIS D 53 -33.32 22.33 13.71
C HIS D 53 -33.94 23.03 12.52
N CYS D 54 -33.53 22.67 11.31
CA CYS D 54 -34.08 23.23 10.08
C CYS D 54 -34.50 22.09 9.16
N TYR D 55 -35.78 22.04 8.80
CA TYR D 55 -36.28 21.04 7.88
C TYR D 55 -36.79 21.70 6.61
N ARG D 56 -36.55 21.03 5.48
CA ARG D 56 -37.00 21.35 4.11
C ARG D 56 -35.84 21.94 3.33
N TYR E 31 -3.08 7.06 9.62
CA TYR E 31 -4.47 7.12 9.21
C TYR E 31 -5.37 7.61 10.34
N GLU E 32 -5.40 6.86 11.44
CA GLU E 32 -6.26 7.17 12.58
C GLU E 32 -5.41 7.66 13.76
N VAL E 33 -6.07 7.88 14.90
CA VAL E 33 -5.48 8.58 16.03
C VAL E 33 -4.98 7.58 17.07
N ASP E 34 -3.96 7.99 17.82
CA ASP E 34 -3.39 7.20 18.89
C ASP E 34 -3.49 7.88 20.25
N LEU E 35 -3.03 9.13 20.36
CA LEU E 35 -2.83 9.75 21.65
C LEU E 35 -4.15 10.22 22.26
N ASP E 36 -4.06 10.69 23.50
CA ASP E 36 -5.20 11.16 24.29
C ASP E 36 -5.34 12.68 24.26
N LEU E 37 -5.02 13.32 23.14
CA LEU E 37 -5.08 14.76 23.01
C LEU E 37 -6.10 15.13 21.95
N LYS E 38 -6.83 16.21 22.20
CA LYS E 38 -7.91 16.67 21.33
C LYS E 38 -7.60 18.06 20.78
N PHE E 39 -7.95 18.26 19.52
CA PHE E 39 -7.72 19.49 18.79
C PHE E 39 -9.05 20.19 18.53
N ALA E 40 -8.96 21.42 18.01
CA ALA E 40 -10.16 22.20 17.74
C ALA E 40 -11.04 21.52 16.70
N ASN E 41 -10.44 20.83 15.74
CA ASN E 41 -11.19 20.10 14.72
C ASN E 41 -10.40 18.85 14.37
N ASN E 42 -10.87 18.12 13.34
CA ASN E 42 -10.19 16.92 12.89
C ASN E 42 -9.06 17.21 11.91
N ARG E 43 -9.07 18.37 11.27
CA ARG E 43 -8.07 18.65 10.24
C ARG E 43 -6.70 18.95 10.86
N LEU E 44 -6.67 19.61 12.02
CA LEU E 44 -5.41 19.77 12.73
C LEU E 44 -5.01 18.50 13.46
N LYS E 45 -5.99 17.68 13.84
CA LYS E 45 -5.67 16.37 14.40
C LYS E 45 -4.98 15.51 13.34
N ARG E 46 -5.48 15.53 12.11
CA ARG E 46 -4.81 14.84 11.02
C ARG E 46 -3.47 15.50 10.69
N ALA E 47 -3.39 16.82 10.82
CA ALA E 47 -2.13 17.52 10.59
C ALA E 47 -1.10 17.20 11.66
N TYR E 48 -1.55 17.04 12.91
CA TYR E 48 -0.63 16.70 13.99
C TYR E 48 0.07 15.37 13.73
N ILE E 49 -0.65 14.39 13.18
CA ILE E 49 -0.04 13.13 12.82
C ILE E 49 1.01 13.34 11.74
N ALA E 50 0.71 14.21 10.76
CA ALA E 50 1.66 14.47 9.69
C ALA E 50 2.88 15.23 10.18
N LEU E 51 2.67 16.28 10.98
CA LEU E 51 3.80 17.10 11.43
C LEU E 51 4.73 16.30 12.34
N GLN E 52 4.18 15.52 13.26
CA GLN E 52 5.01 14.74 14.17
C GLN E 52 5.76 13.64 13.43
N ALA E 53 5.09 12.97 12.49
CA ALA E 53 5.78 11.97 11.67
C ALA E 53 6.83 12.61 10.79
N TRP E 54 6.54 13.80 10.26
CA TRP E 54 7.52 14.54 9.47
C TRP E 54 8.59 15.18 10.35
N LYS E 55 8.30 15.42 11.63
CA LYS E 55 9.34 15.79 12.58
C LYS E 55 10.28 14.62 12.86
N LYS E 56 9.72 13.41 12.98
CA LYS E 56 10.54 12.22 13.19
C LYS E 56 11.39 11.88 11.97
N ALA E 57 11.08 12.44 10.81
CA ALA E 57 11.89 12.23 9.62
C ALA E 57 12.97 13.30 9.45
N PHE E 58 13.05 14.25 10.38
CA PHE E 58 14.09 15.27 10.35
C PHE E 58 15.37 14.68 10.91
N TYR E 59 16.37 14.48 10.04
CA TYR E 59 17.64 13.94 10.48
C TYR E 59 18.60 15.00 11.00
N SER E 60 18.36 16.27 10.70
CA SER E 60 19.23 17.33 11.17
C SER E 60 18.50 18.67 11.12
N ASP E 61 18.87 19.55 12.05
CA ASP E 61 18.33 20.90 12.14
C ASP E 61 19.30 21.78 12.93
N PRO E 62 20.31 22.35 12.29
CA PRO E 62 21.29 23.18 13.03
C PRO E 62 20.68 24.43 13.63
N PHE E 63 19.61 24.97 13.05
CA PHE E 63 18.98 26.16 13.59
C PHE E 63 17.91 25.85 14.64
N ASN E 64 17.57 24.58 14.83
CA ASN E 64 16.55 24.14 15.80
C ASN E 64 15.21 24.83 15.57
N THR E 65 14.90 25.14 14.32
CA THR E 65 13.61 25.75 13.98
C THR E 65 12.44 24.80 14.14
N ALA E 66 12.69 23.50 14.29
CA ALA E 66 11.66 22.49 14.43
C ALA E 66 11.42 22.07 15.87
N ALA E 67 12.18 22.63 16.82
CA ALA E 67 12.00 22.28 18.23
C ALA E 67 10.65 22.71 18.76
N ASN E 68 9.98 23.65 18.10
CA ASN E 68 8.67 24.11 18.54
C ASN E 68 7.54 23.14 18.22
N TRP E 69 7.79 22.10 17.42
CA TRP E 69 6.71 21.23 16.96
C TRP E 69 6.39 20.17 18.01
N VAL E 70 5.90 20.66 19.15
CA VAL E 70 5.35 19.82 20.21
C VAL E 70 4.21 20.59 20.86
N GLY E 71 3.12 19.90 21.16
CA GLY E 71 1.97 20.52 21.77
C GLY E 71 0.82 20.69 20.81
N PRO E 72 -0.38 20.96 21.35
CA PRO E 72 -1.56 21.06 20.49
C PRO E 72 -1.67 22.38 19.72
N ASP E 73 -0.99 23.43 20.15
CA ASP E 73 -1.08 24.72 19.47
C ASP E 73 -0.24 24.66 18.19
N VAL E 74 -0.79 23.95 17.19
CA VAL E 74 -0.07 23.74 15.94
C VAL E 74 0.12 25.06 15.20
N CYS E 75 -0.88 25.94 15.25
CA CYS E 75 -0.79 27.22 14.56
C CYS E 75 0.30 28.12 15.11
N SER E 76 0.84 27.81 16.30
CA SER E 76 1.95 28.56 16.88
C SER E 76 3.30 27.93 16.59
N TYR E 77 3.33 26.80 15.88
CA TYR E 77 4.60 26.21 15.47
C TYR E 77 5.36 27.17 14.57
N LYS E 78 6.67 27.22 14.74
CA LYS E 78 7.51 28.06 13.90
C LYS E 78 7.58 27.47 12.49
N GLY E 79 7.21 28.28 11.49
CA GLY E 79 7.29 27.90 10.10
C GLY E 79 5.94 27.61 9.46
N VAL E 80 4.96 27.17 10.24
CA VAL E 80 3.63 26.85 9.72
C VAL E 80 2.70 28.02 10.01
N PHE E 81 1.65 28.15 9.20
CA PHE E 81 0.75 29.27 9.29
C PHE E 81 -0.68 28.81 9.02
N CYS E 82 -1.62 29.38 9.77
CA CYS E 82 -3.03 29.00 9.70
C CYS E 82 -3.87 30.13 9.13
N ALA E 83 -5.04 29.77 8.60
CA ALA E 83 -5.98 30.71 8.04
C ALA E 83 -7.37 30.10 8.12
N PRO E 84 -8.42 30.93 8.13
CA PRO E 84 -9.78 30.38 8.15
C PRO E 84 -10.06 29.55 6.90
N ALA E 85 -10.60 28.35 7.13
CA ALA E 85 -10.81 27.40 6.04
C ALA E 85 -11.83 27.94 5.03
N LEU E 86 -11.51 27.77 3.75
CA LEU E 86 -12.42 28.16 2.68
C LEU E 86 -13.71 27.35 2.69
N ASP E 87 -13.70 26.16 3.29
CA ASP E 87 -14.93 25.37 3.41
C ASP E 87 -15.95 26.08 4.29
N ASP E 88 -15.53 26.47 5.50
CA ASP E 88 -16.36 27.20 6.44
C ASP E 88 -15.45 28.02 7.36
N PRO E 89 -15.69 29.32 7.48
CA PRO E 89 -14.82 30.15 8.34
C PRO E 89 -14.88 29.77 9.82
N SER E 90 -15.78 28.88 10.23
CA SER E 90 -15.87 28.49 11.62
C SER E 90 -14.62 27.76 12.09
N VAL E 91 -13.99 26.99 11.22
CA VAL E 91 -12.84 26.16 11.58
C VAL E 91 -11.56 26.80 11.03
N LEU E 92 -10.48 26.64 11.78
CA LEU E 92 -9.17 27.10 11.40
C LEU E 92 -8.35 25.91 10.91
N VAL E 93 -7.53 26.12 9.88
CA VAL E 93 -6.80 25.03 9.23
C VAL E 93 -5.37 25.45 8.95
N VAL E 94 -4.52 24.44 8.75
CA VAL E 94 -3.14 24.64 8.33
C VAL E 94 -3.16 25.13 6.88
N ALA E 95 -2.80 26.41 6.67
CA ALA E 95 -2.92 27.02 5.36
C ALA E 95 -1.62 27.07 4.58
N GLY E 96 -0.47 27.09 5.26
CA GLY E 96 0.79 27.20 4.54
C GLY E 96 1.95 26.73 5.40
N ILE E 97 3.01 26.31 4.72
CA ILE E 97 4.25 25.89 5.35
C ILE E 97 5.40 26.65 4.70
N ASP E 98 6.18 27.35 5.51
CA ASP E 98 7.30 28.17 5.02
C ASP E 98 8.53 27.84 5.86
N LEU E 99 9.54 27.24 5.24
CA LEU E 99 10.77 26.88 5.93
C LEU E 99 11.97 27.31 5.11
N ASN E 100 11.94 28.53 4.58
CA ASN E 100 13.01 29.04 3.73
C ASN E 100 14.25 29.35 4.57
N HIS E 101 15.42 29.26 3.94
CA HIS E 101 16.70 29.60 4.57
C HIS E 101 16.87 28.86 5.90
N ALA E 102 16.67 27.55 5.85
CA ALA E 102 16.73 26.69 7.03
C ALA E 102 17.35 25.36 6.64
N ASP E 103 18.68 25.27 6.72
CA ASP E 103 19.37 24.06 6.29
C ASP E 103 18.95 22.86 7.13
N ILE E 104 17.73 22.38 6.91
CA ILE E 104 17.16 21.28 7.68
C ILE E 104 17.10 20.06 6.77
N ALA E 105 17.56 18.93 7.28
CA ALA E 105 17.73 17.72 6.48
C ALA E 105 16.76 16.63 6.88
N GLY E 106 16.50 15.74 5.93
CA GLY E 106 15.62 14.62 6.11
C GLY E 106 14.97 14.25 4.79
N TYR E 107 13.84 13.55 4.89
CA TYR E 107 13.05 13.20 3.72
C TYR E 107 11.58 13.47 4.01
N LEU E 108 10.78 13.50 2.94
CA LEU E 108 9.35 13.72 3.05
C LEU E 108 8.67 12.37 3.15
N PRO E 109 8.08 12.01 4.29
CA PRO E 109 7.41 10.72 4.40
C PRO E 109 6.08 10.75 3.70
N PRO E 110 5.55 9.59 3.29
CA PRO E 110 4.23 9.58 2.63
C PRO E 110 3.08 9.94 3.55
N GLU E 111 3.29 9.94 4.87
CA GLU E 111 2.23 10.32 5.80
C GLU E 111 1.91 11.81 5.75
N LEU E 112 2.71 12.60 5.02
CA LEU E 112 2.43 14.03 4.89
C LEU E 112 1.24 14.31 3.98
N GLY E 113 0.74 13.31 3.25
CA GLY E 113 -0.43 13.50 2.41
C GLY E 113 -1.69 13.83 3.18
N LEU E 114 -1.75 13.45 4.46
CA LEU E 114 -2.89 13.78 5.30
C LEU E 114 -3.00 15.26 5.60
N LEU E 115 -1.95 16.04 5.34
CA LEU E 115 -1.93 17.48 5.62
C LEU E 115 -2.68 18.21 4.50
N THR E 116 -4.00 18.00 4.49
CA THR E 116 -4.84 18.56 3.44
C THR E 116 -5.08 20.06 3.69
N ASP E 117 -5.73 20.70 2.74
CA ASP E 117 -6.11 22.12 2.74
C ASP E 117 -4.92 23.07 2.65
N VAL E 118 -3.69 22.57 2.66
CA VAL E 118 -2.53 23.44 2.57
C VAL E 118 -2.40 23.98 1.15
N ALA E 119 -1.99 25.23 1.02
CA ALA E 119 -1.85 25.87 -0.28
C ALA E 119 -0.45 26.36 -0.59
N LEU E 120 0.32 26.77 0.41
CA LEU E 120 1.67 27.27 0.21
C LEU E 120 2.67 26.33 0.87
N PHE E 121 3.67 25.90 0.10
CA PHE E 121 4.64 24.89 0.56
C PHE E 121 6.05 25.38 0.20
N HIS E 122 6.60 26.26 1.05
CA HIS E 122 7.90 26.87 0.83
C HIS E 122 8.95 26.02 1.52
N VAL E 123 9.71 25.26 0.71
CA VAL E 123 10.68 24.29 1.18
C VAL E 123 12.04 24.63 0.58
N ASN E 124 12.41 25.91 0.62
CA ASN E 124 13.63 26.38 0.00
C ASN E 124 14.83 26.30 0.94
N SER E 125 16.00 26.08 0.35
CA SER E 125 17.30 26.16 1.00
C SER E 125 17.47 25.17 2.14
N ASN E 126 16.82 24.01 2.05
CA ASN E 126 16.98 22.97 3.07
C ASN E 126 17.50 21.68 2.42
N ARG E 127 18.05 20.82 3.27
CA ARG E 127 18.73 19.61 2.81
C ARG E 127 17.81 18.38 2.79
N PHE E 128 16.65 18.50 2.17
CA PHE E 128 15.78 17.35 2.01
C PHE E 128 16.28 16.42 0.91
N CYS E 129 15.91 15.14 1.03
CA CYS E 129 16.23 14.14 0.04
C CYS E 129 15.01 13.26 -0.20
N GLY E 130 15.16 12.30 -1.11
CA GLY E 130 14.07 11.40 -1.45
C GLY E 130 13.08 12.08 -2.38
N VAL E 131 12.43 11.30 -3.26
CA VAL E 131 11.46 11.90 -4.17
C VAL E 131 10.24 12.35 -3.37
N ILE E 132 9.55 13.37 -3.89
CA ILE E 132 8.32 13.81 -3.24
C ILE E 132 7.31 12.67 -3.24
N PRO E 133 6.65 12.38 -2.11
CA PRO E 133 5.77 11.21 -2.05
C PRO E 133 4.58 11.32 -2.99
N LYS E 134 4.16 10.16 -3.50
CA LYS E 134 2.99 10.10 -4.38
C LYS E 134 1.74 10.55 -3.66
N SER E 135 1.66 10.35 -2.34
CA SER E 135 0.48 10.73 -1.58
C SER E 135 0.23 12.22 -1.55
N LEU E 136 1.20 13.04 -2.00
CA LEU E 136 0.99 14.48 -2.07
C LEU E 136 -0.03 14.88 -3.12
N SER E 137 -0.49 13.94 -3.95
CA SER E 137 -1.53 14.25 -4.92
C SER E 137 -2.86 14.60 -4.26
N LYS E 138 -3.06 14.17 -3.01
CA LYS E 138 -4.26 14.53 -2.28
C LYS E 138 -4.29 15.99 -1.86
N LEU E 139 -3.18 16.72 -2.02
CA LEU E 139 -3.13 18.14 -1.71
C LEU E 139 -3.78 18.95 -2.83
N THR E 140 -5.09 18.73 -2.99
CA THR E 140 -5.83 19.30 -4.11
C THR E 140 -5.82 20.83 -4.11
N LEU E 141 -5.55 21.46 -2.96
CA LEU E 141 -5.54 22.90 -2.85
C LEU E 141 -4.15 23.50 -3.02
N MET E 142 -3.20 22.73 -3.52
CA MET E 142 -1.84 23.25 -3.69
C MET E 142 -1.83 24.41 -4.66
N TYR E 143 -1.38 25.57 -4.18
CA TYR E 143 -1.35 26.81 -4.94
C TYR E 143 0.04 27.31 -5.22
N GLU E 144 0.97 27.15 -4.29
CA GLU E 144 2.35 27.60 -4.45
C GLU E 144 3.29 26.50 -3.95
N PHE E 145 4.24 26.10 -4.79
CA PHE E 145 5.12 24.98 -4.50
C PHE E 145 6.57 25.40 -4.76
N ASP E 146 7.38 25.44 -3.69
CA ASP E 146 8.73 26.01 -3.74
C ASP E 146 9.73 25.02 -3.11
N VAL E 147 10.19 24.04 -3.89
CA VAL E 147 11.19 23.10 -3.41
C VAL E 147 12.59 23.45 -3.93
N SER E 148 12.82 24.73 -4.21
CA SER E 148 14.10 25.18 -4.73
C SER E 148 15.23 24.96 -3.71
N ASN E 149 16.43 24.76 -4.24
CA ASN E 149 17.66 24.56 -3.43
C ASN E 149 17.50 23.37 -2.49
N ASN E 150 17.20 22.21 -3.08
CA ASN E 150 17.05 20.97 -2.32
C ASN E 150 17.82 19.85 -3.00
N ARG E 151 17.92 18.73 -2.29
CA ARG E 151 18.64 17.55 -2.77
C ARG E 151 17.70 16.47 -3.29
N PHE E 152 16.49 16.86 -3.72
CA PHE E 152 15.54 15.90 -4.27
C PHE E 152 16.11 15.23 -5.50
N VAL E 153 16.22 13.91 -5.47
CA VAL E 153 16.78 13.12 -6.56
C VAL E 153 15.69 12.15 -7.03
N GLY E 154 15.01 12.52 -8.11
CA GLY E 154 14.08 11.63 -8.77
C GLY E 154 14.06 11.80 -10.28
N PRO E 155 13.13 11.11 -10.93
CA PRO E 155 12.70 11.55 -12.26
C PRO E 155 11.83 12.79 -12.12
N PHE E 156 11.18 13.25 -13.17
CA PHE E 156 10.32 14.41 -13.03
C PHE E 156 9.14 14.07 -12.12
N PRO E 157 8.70 15.01 -11.27
CA PRO E 157 7.61 14.70 -10.33
C PRO E 157 6.26 14.57 -10.99
N THR E 158 5.83 13.33 -11.20
CA THR E 158 4.52 13.00 -11.76
C THR E 158 3.36 13.39 -10.84
N VAL E 159 3.64 13.96 -9.67
CA VAL E 159 2.59 14.40 -8.76
C VAL E 159 2.35 15.89 -8.96
N ALA E 160 3.40 16.62 -9.38
CA ALA E 160 3.24 18.02 -9.73
C ALA E 160 2.25 18.26 -10.85
N LEU E 161 1.71 17.20 -11.47
CA LEU E 161 0.71 17.29 -12.52
C LEU E 161 -0.70 17.11 -12.01
N SER E 162 -0.88 16.66 -10.76
CA SER E 162 -2.22 16.40 -10.25
C SER E 162 -2.92 17.66 -9.78
N TRP E 163 -2.21 18.56 -9.09
CA TRP E 163 -2.86 19.68 -8.43
C TRP E 163 -3.48 20.64 -9.45
N PRO E 164 -4.81 20.82 -9.46
CA PRO E 164 -5.40 21.72 -10.45
C PRO E 164 -5.11 23.18 -10.18
N SER E 165 -5.10 23.59 -8.91
CA SER E 165 -4.91 24.99 -8.55
C SER E 165 -3.46 25.43 -8.57
N LEU E 166 -2.53 24.54 -8.93
CA LEU E 166 -1.12 24.89 -8.94
C LEU E 166 -0.84 25.92 -10.02
N LYS E 167 -0.21 27.03 -9.61
CA LYS E 167 0.22 28.07 -10.54
C LYS E 167 1.68 28.44 -10.40
N PHE E 168 2.29 28.22 -9.24
CA PHE E 168 3.70 28.54 -9.00
C PHE E 168 4.44 27.24 -8.69
N LEU E 169 5.45 26.92 -9.51
CA LEU E 169 6.21 25.70 -9.36
C LEU E 169 7.69 25.98 -9.55
N ASP E 170 8.50 25.64 -8.53
CA ASP E 170 9.95 25.79 -8.58
C ASP E 170 10.62 24.49 -8.15
N ILE E 171 11.50 23.96 -8.99
CA ILE E 171 12.32 22.82 -8.61
C ILE E 171 13.78 23.22 -8.81
N ARG E 172 14.10 24.46 -8.48
CA ARG E 172 15.42 25.02 -8.75
C ARG E 172 16.50 24.29 -7.95
N TYR E 173 17.68 24.16 -8.56
CA TYR E 173 18.84 23.54 -7.92
C TYR E 173 18.52 22.16 -7.36
N ASN E 174 17.95 21.31 -8.20
CA ASN E 174 17.63 19.94 -7.84
C ASN E 174 18.25 18.99 -8.85
N ASP E 175 18.32 17.73 -8.47
CA ASP E 175 18.87 16.66 -9.31
C ASP E 175 17.78 15.80 -9.94
N PHE E 176 16.75 16.43 -10.49
CA PHE E 176 15.76 15.64 -11.22
C PHE E 176 16.35 15.24 -12.56
N GLU E 177 15.90 14.09 -13.08
CA GLU E 177 16.53 13.48 -14.23
C GLU E 177 15.51 13.07 -15.27
N GLY E 178 15.98 12.91 -16.50
CA GLY E 178 15.21 12.32 -17.57
C GLY E 178 14.41 13.32 -18.36
N LYS E 179 13.33 12.87 -18.97
CA LYS E 179 12.51 13.73 -19.82
C LYS E 179 11.50 14.48 -18.95
N LEU E 180 11.19 15.70 -19.37
CA LEU E 180 10.07 16.44 -18.77
C LEU E 180 8.82 16.17 -19.59
N PRO E 181 7.77 15.61 -19.00
CA PRO E 181 6.58 15.24 -19.78
C PRO E 181 5.89 16.47 -20.32
N PRO E 182 5.43 16.43 -21.58
CA PRO E 182 4.75 17.59 -22.16
C PRO E 182 3.44 17.95 -21.49
N GLU E 183 2.89 17.07 -20.64
CA GLU E 183 1.63 17.34 -19.97
C GLU E 183 1.71 18.49 -18.98
N ILE E 184 2.91 18.99 -18.69
CA ILE E 184 3.05 20.06 -17.69
C ILE E 184 2.50 21.37 -18.21
N PHE E 185 2.67 21.64 -19.50
CA PHE E 185 2.28 22.92 -20.07
C PHE E 185 0.79 23.02 -20.38
N ASP E 186 0.07 21.89 -20.39
CA ASP E 186 -1.36 21.94 -20.67
C ASP E 186 -2.13 22.68 -19.59
N LYS E 187 -1.60 22.77 -18.38
CA LYS E 187 -2.26 23.46 -17.29
C LYS E 187 -1.93 24.94 -17.29
N ASP E 188 -2.87 25.75 -16.81
CA ASP E 188 -2.68 27.19 -16.73
C ASP E 188 -1.73 27.53 -15.60
N LEU E 189 -0.43 27.52 -15.88
CA LEU E 189 0.59 27.86 -14.89
C LEU E 189 1.04 29.29 -15.10
N ASP E 190 1.56 29.90 -14.03
CA ASP E 190 2.02 31.28 -14.07
C ASP E 190 3.52 31.42 -13.92
N ALA E 191 4.19 30.47 -13.29
CA ALA E 191 5.64 30.54 -13.14
C ALA E 191 6.19 29.12 -13.05
N ILE E 192 7.25 28.86 -13.80
CA ILE E 192 7.91 27.55 -13.82
C ILE E 192 9.41 27.78 -13.77
N PHE E 193 10.09 27.21 -12.78
CA PHE E 193 11.53 27.31 -12.68
C PHE E 193 12.11 25.91 -12.67
N LEU E 194 13.03 25.64 -13.61
CA LEU E 194 13.57 24.30 -13.81
C LEU E 194 15.08 24.30 -14.01
N ASN E 195 15.78 25.35 -13.59
CA ASN E 195 17.19 25.49 -13.89
C ASN E 195 18.05 24.54 -13.07
N ASN E 196 19.22 24.20 -13.64
CA ASN E 196 20.24 23.38 -12.98
C ASN E 196 19.69 22.01 -12.58
N ASN E 197 19.02 21.36 -13.52
CA ASN E 197 18.48 20.02 -13.33
C ASN E 197 18.96 19.12 -14.47
N ARG E 198 19.36 17.90 -14.13
CA ARG E 198 19.90 16.97 -15.11
C ARG E 198 18.80 16.49 -16.05
N PHE E 199 18.49 17.31 -17.06
CA PHE E 199 17.57 16.94 -18.12
C PHE E 199 18.35 16.77 -19.41
N GLU E 200 17.97 15.76 -20.21
CA GLU E 200 18.77 15.36 -21.36
C GLU E 200 17.98 15.24 -22.65
N SER E 201 16.65 15.27 -22.62
CA SER E 201 15.84 15.22 -23.83
C SER E 201 15.74 16.58 -24.50
N THR E 202 14.76 16.72 -25.41
CA THR E 202 14.49 17.98 -26.08
C THR E 202 13.32 18.68 -25.39
N ILE E 203 13.21 19.97 -25.65
CA ILE E 203 12.07 20.72 -25.09
C ILE E 203 10.80 20.33 -25.84
N PRO E 204 9.73 19.92 -25.14
CA PRO E 204 8.52 19.51 -25.84
C PRO E 204 7.87 20.66 -26.59
N GLU E 205 7.18 20.30 -27.68
CA GLU E 205 6.46 21.29 -28.48
C GLU E 205 5.28 21.90 -27.72
N THR E 206 4.83 21.28 -26.63
CA THR E 206 3.69 21.80 -25.89
C THR E 206 3.96 23.10 -25.14
N ILE E 207 5.19 23.63 -25.21
CA ILE E 207 5.50 24.86 -24.47
C ILE E 207 4.60 26.01 -24.91
N GLY E 208 4.17 26.01 -26.18
CA GLY E 208 3.34 27.10 -26.67
C GLY E 208 1.94 27.13 -26.13
N LYS E 209 1.40 25.98 -25.70
CA LYS E 209 0.02 25.92 -25.25
C LYS E 209 -0.15 26.45 -23.83
N SER E 210 0.95 26.71 -23.13
CA SER E 210 0.94 27.12 -21.74
C SER E 210 0.92 28.64 -21.65
N THR E 211 0.25 29.15 -20.60
CA THR E 211 0.40 30.56 -20.30
C THR E 211 1.84 30.84 -19.89
N ALA E 212 2.28 30.23 -18.77
CA ALA E 212 3.68 30.25 -18.38
C ALA E 212 4.35 31.60 -18.52
N SER E 213 3.97 32.58 -17.67
CA SER E 213 4.55 33.90 -17.80
C SER E 213 6.07 33.86 -17.78
N VAL E 214 6.64 33.15 -16.82
CA VAL E 214 8.08 33.02 -16.72
C VAL E 214 8.42 31.53 -16.63
N VAL E 215 9.43 31.11 -17.40
CA VAL E 215 9.92 29.75 -17.36
C VAL E 215 11.44 29.78 -17.50
N THR E 216 12.10 28.83 -16.85
CA THR E 216 13.57 28.79 -16.82
C THR E 216 14.02 27.37 -17.07
N PHE E 217 14.79 27.18 -18.14
CA PHE E 217 15.36 25.88 -18.50
C PHE E 217 16.87 25.87 -18.37
N ALA E 218 17.44 26.75 -17.55
CA ALA E 218 18.85 27.02 -17.61
C ALA E 218 19.67 25.86 -17.05
N HIS E 219 20.99 25.96 -17.21
CA HIS E 219 21.97 25.00 -16.72
C HIS E 219 21.48 23.55 -16.83
N ASN E 220 20.97 23.19 -18.01
CA ASN E 220 20.52 21.84 -18.26
C ASN E 220 21.14 21.32 -19.55
N LYS E 221 21.02 20.00 -19.75
CA LYS E 221 21.62 19.32 -20.90
C LYS E 221 20.58 19.00 -21.97
N PHE E 222 19.67 19.93 -22.25
CA PHE E 222 18.67 19.73 -23.28
C PHE E 222 19.33 19.67 -24.65
N SER E 223 19.12 18.54 -25.34
CA SER E 223 19.61 18.36 -26.70
C SER E 223 18.49 18.74 -27.68
N GLY E 224 18.84 18.77 -28.97
CA GLY E 224 17.85 19.06 -29.98
C GLY E 224 17.79 20.54 -30.34
N CYS E 225 16.67 20.92 -30.96
CA CYS E 225 16.41 22.29 -31.36
C CYS E 225 15.37 22.93 -30.45
N ILE E 226 15.29 24.25 -30.53
CA ILE E 226 14.22 24.99 -29.86
C ILE E 226 12.91 24.67 -30.56
N PRO E 227 11.85 24.31 -29.85
CA PRO E 227 10.59 23.97 -30.53
C PRO E 227 10.03 25.14 -31.30
N LYS E 228 9.26 24.83 -32.34
CA LYS E 228 8.64 25.84 -33.19
C LYS E 228 7.24 26.22 -32.71
N THR E 229 7.00 26.16 -31.40
CA THR E 229 5.73 26.58 -30.81
C THR E 229 5.94 27.70 -29.81
N ILE E 230 7.14 28.28 -29.76
CA ILE E 230 7.49 29.31 -28.78
C ILE E 230 6.62 30.55 -28.89
N GLY E 231 5.81 30.68 -29.93
CA GLY E 231 5.08 31.93 -30.12
C GLY E 231 3.61 31.86 -29.82
N GLN E 232 3.10 30.69 -29.46
CA GLN E 232 1.73 30.58 -28.94
C GLN E 232 1.63 31.01 -27.48
N MET E 233 2.72 31.49 -26.87
CA MET E 233 2.72 31.90 -25.48
C MET E 233 2.31 33.37 -25.41
N LYS E 234 1.06 33.62 -25.06
CA LYS E 234 0.50 34.96 -25.06
C LYS E 234 0.81 35.74 -23.80
N ASN E 235 1.63 35.21 -22.90
CA ASN E 235 1.94 35.93 -21.67
C ASN E 235 3.18 36.81 -21.88
N LEU E 236 3.44 37.68 -20.90
CA LEU E 236 4.38 38.77 -21.10
C LEU E 236 5.72 38.65 -20.38
N ASN E 237 5.95 37.62 -19.58
CA ASN E 237 7.18 37.66 -18.81
C ASN E 237 8.35 36.93 -19.49
N GLU E 238 9.53 37.14 -18.90
CA GLU E 238 10.83 36.66 -19.36
C GLU E 238 10.90 35.13 -19.51
N ILE E 239 11.97 34.71 -20.20
CA ILE E 239 12.25 33.31 -20.49
C ILE E 239 13.74 33.18 -20.73
N VAL E 240 14.33 32.06 -20.33
CA VAL E 240 15.78 31.87 -20.37
C VAL E 240 16.10 30.44 -20.82
N PHE E 241 17.18 30.29 -21.59
CA PHE E 241 17.66 28.99 -22.05
C PHE E 241 19.19 28.91 -21.97
N ILE E 242 19.79 29.53 -20.95
CA ILE E 242 21.24 29.61 -20.90
C ILE E 242 21.84 28.26 -20.53
N GLY E 243 22.92 27.90 -21.21
CA GLY E 243 23.70 26.72 -20.85
C GLY E 243 23.10 25.38 -21.21
N ASN E 244 22.54 25.24 -22.41
CA ASN E 244 21.97 24.00 -22.89
C ASN E 244 22.78 23.46 -24.07
N ASN E 245 22.67 22.15 -24.28
CA ASN E 245 23.31 21.48 -25.40
C ASN E 245 22.36 21.39 -26.60
N LEU E 246 21.81 22.53 -26.99
CA LEU E 246 20.86 22.60 -28.09
C LEU E 246 21.55 22.93 -29.39
N SER E 247 20.94 22.49 -30.50
CA SER E 247 21.54 22.66 -31.82
C SER E 247 20.51 23.21 -32.81
N GLY E 248 20.85 23.23 -34.09
CA GLY E 248 20.00 23.84 -35.08
C GLY E 248 20.15 25.34 -35.09
N CYS E 249 19.14 26.02 -35.63
CA CYS E 249 19.13 27.47 -35.69
C CYS E 249 17.99 28.02 -34.82
N LEU E 250 17.89 29.34 -34.80
CA LEU E 250 16.88 30.01 -33.98
C LEU E 250 15.56 30.05 -34.74
N PRO E 251 14.49 29.45 -34.19
CA PRO E 251 13.17 29.57 -34.82
C PRO E 251 12.71 31.02 -34.92
N ASN E 252 12.63 31.53 -36.15
CA ASN E 252 12.29 32.93 -36.39
C ASN E 252 10.93 33.33 -35.83
N GLU E 253 10.14 32.36 -35.34
CA GLU E 253 8.82 32.67 -34.81
C GLU E 253 8.87 33.38 -33.45
N ILE E 254 10.06 33.62 -32.91
CA ILE E 254 10.17 34.28 -31.62
C ILE E 254 9.72 35.73 -31.70
N GLY E 255 9.64 36.29 -32.91
CA GLY E 255 9.22 37.66 -33.07
C GLY E 255 7.77 37.91 -32.68
N SER E 256 6.96 36.85 -32.62
CA SER E 256 5.58 37.00 -32.19
C SER E 256 5.46 37.29 -30.70
N LEU E 257 6.56 37.21 -29.97
CA LEU E 257 6.57 37.48 -28.52
C LEU E 257 6.62 38.99 -28.35
N ASN E 258 5.46 39.63 -28.53
CA ASN E 258 5.39 41.09 -28.48
C ASN E 258 5.67 41.62 -27.08
N ASN E 259 5.32 40.86 -26.05
CA ASN E 259 5.43 41.32 -24.68
C ASN E 259 6.64 40.78 -23.93
N VAL E 260 7.45 39.92 -24.56
CA VAL E 260 8.61 39.36 -23.87
C VAL E 260 9.53 40.49 -23.40
N THR E 261 10.13 40.31 -22.22
CA THR E 261 10.97 41.32 -21.61
C THR E 261 12.44 40.94 -21.56
N VAL E 262 12.76 39.71 -21.17
CA VAL E 262 14.14 39.24 -21.13
C VAL E 262 14.24 37.96 -21.97
N PHE E 263 15.13 37.96 -22.95
CA PHE E 263 15.36 36.79 -23.78
C PHE E 263 16.86 36.57 -23.93
N ASP E 264 17.34 35.42 -23.45
CA ASP E 264 18.75 35.09 -23.43
C ASP E 264 18.95 33.63 -23.81
N ALA E 265 19.96 33.36 -24.63
CA ALA E 265 20.27 32.02 -25.09
C ALA E 265 21.77 31.75 -24.99
N SER E 266 22.37 32.17 -23.87
CA SER E 266 23.81 32.09 -23.70
C SER E 266 24.26 30.65 -23.46
N SER E 267 25.54 30.40 -23.75
CA SER E 267 26.19 29.13 -23.48
C SER E 267 25.47 27.95 -24.14
N ASN E 268 24.88 28.20 -25.30
CA ASN E 268 24.22 27.17 -26.08
C ASN E 268 25.02 26.91 -27.34
N GLY E 269 24.71 25.82 -28.04
CA GLY E 269 25.40 25.49 -29.27
C GLY E 269 24.61 25.63 -30.55
N PHE E 270 23.47 26.31 -30.56
CA PHE E 270 22.74 26.47 -31.81
C PHE E 270 23.49 27.42 -32.72
N VAL E 271 23.47 27.12 -34.02
CA VAL E 271 24.24 27.84 -35.02
C VAL E 271 23.31 28.39 -36.10
N GLY E 272 23.77 29.43 -36.77
CA GLY E 272 23.07 30.10 -37.84
C GLY E 272 23.00 31.59 -37.60
N SER E 273 22.20 32.28 -38.39
CA SER E 273 22.08 33.73 -38.31
C SER E 273 20.82 34.14 -37.58
N LEU E 274 20.83 35.39 -37.10
CA LEU E 274 19.69 35.94 -36.37
C LEU E 274 18.58 36.31 -37.33
N PRO E 275 17.34 35.87 -37.08
CA PRO E 275 16.25 36.23 -37.98
C PRO E 275 15.85 37.69 -37.83
N SER E 276 15.30 38.23 -38.92
CA SER E 276 14.85 39.63 -38.91
C SER E 276 13.51 39.82 -38.22
N THR E 277 12.73 38.75 -38.02
CA THR E 277 11.40 38.89 -37.43
C THR E 277 11.42 39.19 -35.94
N LEU E 278 12.59 39.13 -35.30
CA LEU E 278 12.67 39.44 -33.87
C LEU E 278 12.39 40.90 -33.56
N SER E 279 12.22 41.75 -34.57
CA SER E 279 11.91 43.16 -34.32
C SER E 279 10.53 43.37 -33.71
N GLY E 280 9.68 42.34 -33.68
CA GLY E 280 8.36 42.50 -33.07
C GLY E 280 8.33 42.40 -31.57
N LEU E 281 9.41 41.94 -30.94
CA LEU E 281 9.50 41.90 -29.48
C LEU E 281 9.98 43.24 -28.92
N ALA E 282 9.14 44.26 -29.16
CA ALA E 282 9.48 45.64 -28.85
C ALA E 282 9.63 45.90 -27.36
N ASN E 283 9.01 45.09 -26.50
CA ASN E 283 9.01 45.34 -25.07
C ASN E 283 10.18 44.68 -24.36
N VAL E 284 11.14 44.16 -25.11
CA VAL E 284 12.30 43.49 -24.50
C VAL E 284 13.20 44.54 -23.84
N GLU E 285 13.71 44.21 -22.66
CA GLU E 285 14.56 45.11 -21.91
C GLU E 285 16.01 44.65 -21.81
N GLN E 286 16.26 43.35 -21.71
CA GLN E 286 17.62 42.82 -21.68
C GLN E 286 17.71 41.54 -22.48
N MET E 287 18.85 41.34 -23.13
CA MET E 287 19.12 40.15 -23.92
C MET E 287 20.59 39.76 -23.75
N ASP E 288 20.84 38.45 -23.80
CA ASP E 288 22.18 37.91 -23.66
C ASP E 288 22.37 36.78 -24.66
N PHE E 289 23.47 36.81 -25.42
CA PHE E 289 23.76 35.78 -26.40
C PHE E 289 25.22 35.36 -26.36
N SER E 290 25.88 35.49 -25.22
CA SER E 290 27.32 35.26 -25.15
C SER E 290 27.63 33.77 -25.11
N TYR E 291 28.91 33.44 -25.36
CA TYR E 291 29.43 32.08 -25.27
C TYR E 291 28.68 31.13 -26.20
N ASN E 292 28.36 31.60 -27.40
CA ASN E 292 27.62 30.82 -28.38
C ASN E 292 28.47 30.57 -29.64
N LYS E 293 27.84 29.99 -30.64
CA LYS E 293 28.42 29.59 -31.92
C LYS E 293 27.63 30.17 -33.08
N PHE E 294 27.42 31.48 -33.08
CA PHE E 294 26.59 32.10 -34.11
C PHE E 294 27.43 32.51 -35.31
N THR E 295 26.87 32.28 -36.50
CA THR E 295 27.48 32.69 -37.76
C THR E 295 27.03 34.06 -38.25
N GLY E 296 25.87 34.54 -37.81
CA GLY E 296 25.19 35.64 -38.47
C GLY E 296 25.87 36.98 -38.32
N PHE E 297 25.14 38.02 -38.71
CA PHE E 297 25.57 39.40 -38.60
C PHE E 297 24.45 40.22 -37.98
N VAL E 298 24.81 41.20 -37.16
CA VAL E 298 23.83 41.90 -36.34
C VAL E 298 23.05 42.89 -37.21
N THR E 299 21.72 42.79 -37.15
CA THR E 299 20.84 43.70 -37.85
C THR E 299 20.74 45.01 -37.08
N ASP E 300 20.62 46.12 -37.82
CA ASP E 300 20.53 47.41 -37.15
C ASP E 300 19.18 47.65 -36.49
N ASN E 301 18.17 46.83 -36.79
CA ASN E 301 16.87 47.02 -36.16
C ASN E 301 16.91 46.63 -34.68
N ILE E 302 17.79 45.71 -34.30
CA ILE E 302 17.80 45.21 -32.92
C ILE E 302 18.29 46.29 -31.96
N CYS E 303 19.28 47.08 -32.37
CA CYS E 303 19.74 48.19 -31.55
C CYS E 303 18.77 49.35 -31.54
N LYS E 304 17.76 49.33 -32.41
CA LYS E 304 16.73 50.37 -32.51
C LYS E 304 15.46 49.94 -31.79
N LEU E 305 15.60 49.34 -30.61
CA LEU E 305 14.45 49.03 -29.77
C LEU E 305 14.45 49.95 -28.57
N PRO E 306 13.36 50.68 -28.32
CA PRO E 306 13.38 51.71 -27.27
C PRO E 306 13.49 51.15 -25.86
N LYS E 307 13.14 49.88 -25.65
CA LYS E 307 13.12 49.30 -24.31
C LYS E 307 14.36 48.49 -24.00
N LEU E 308 15.09 48.05 -25.01
CA LEU E 308 16.29 47.25 -24.79
C LEU E 308 17.38 48.09 -24.12
N SER E 309 17.98 47.55 -23.07
CA SER E 309 19.03 48.25 -22.33
C SER E 309 20.33 47.47 -22.23
N ASN E 310 20.26 46.15 -22.09
CA ASN E 310 21.44 45.30 -21.96
C ASN E 310 21.37 44.24 -23.05
N PHE E 311 22.33 44.28 -23.98
CA PHE E 311 22.34 43.33 -25.10
C PHE E 311 23.78 42.87 -25.32
N THR E 312 24.11 41.70 -24.79
CA THR E 312 25.43 41.11 -24.92
C THR E 312 25.39 40.01 -25.98
N PHE E 313 26.29 40.09 -26.95
CA PHE E 313 26.39 39.10 -28.02
C PHE E 313 27.83 38.62 -28.22
N SER E 314 28.66 38.70 -27.19
CA SER E 314 30.08 38.42 -27.30
C SER E 314 30.33 36.93 -27.55
N TYR E 315 31.57 36.63 -27.97
CA TYR E 315 32.03 35.26 -28.20
C TYR E 315 31.24 34.57 -29.31
N ASN E 316 31.08 35.27 -30.43
CA ASN E 316 30.32 34.77 -31.56
C ASN E 316 31.10 35.06 -32.85
N PHE E 317 30.75 34.36 -33.91
CA PHE E 317 31.39 34.54 -35.21
C PHE E 317 30.57 35.49 -36.07
N PHE E 318 30.47 36.74 -35.62
CA PHE E 318 29.69 37.75 -36.31
C PHE E 318 30.52 38.44 -37.39
N ASN E 319 29.84 38.89 -38.43
CA ASN E 319 30.46 39.53 -39.59
C ASN E 319 29.69 40.78 -39.97
N GLY E 320 29.39 41.62 -38.98
CA GLY E 320 28.66 42.85 -39.24
C GLY E 320 28.69 43.83 -38.08
N GLU E 321 28.67 45.13 -38.40
CA GLU E 321 28.65 46.17 -37.39
C GLU E 321 27.22 46.59 -37.09
N ALA E 322 27.05 47.52 -36.16
CA ALA E 322 25.74 48.00 -35.76
C ALA E 322 25.86 49.46 -35.34
N GLN E 323 24.77 50.00 -34.79
CA GLN E 323 24.73 51.38 -34.37
C GLN E 323 25.11 51.52 -32.90
N GLY E 328 28.98 50.22 -31.27
CA GLY E 328 29.08 48.96 -30.56
C GLY E 328 29.04 49.13 -29.06
N SER E 329 29.51 50.30 -28.58
CA SER E 329 29.45 50.63 -27.16
C SER E 329 29.09 52.10 -26.95
N SER E 330 28.23 52.65 -27.81
CA SER E 330 28.13 54.08 -28.00
C SER E 330 27.82 54.88 -26.73
N GLN E 331 26.60 54.77 -26.21
CA GLN E 331 26.13 55.64 -25.12
C GLN E 331 24.78 55.15 -24.60
N GLU E 332 24.58 55.34 -23.30
CA GLU E 332 23.28 55.19 -22.63
C GLU E 332 22.76 53.75 -22.67
N LYS E 333 23.54 52.83 -23.23
CA LYS E 333 23.16 51.44 -23.33
C LYS E 333 24.41 50.59 -23.19
N GLN E 334 24.22 49.33 -22.80
CA GLN E 334 25.33 48.43 -22.50
C GLN E 334 25.28 47.28 -23.52
N PHE E 335 26.35 47.17 -24.31
CA PHE E 335 26.50 46.16 -25.34
C PHE E 335 27.86 45.49 -25.18
N ASP E 336 27.94 44.22 -25.58
CA ASP E 336 29.17 43.44 -25.47
C ASP E 336 29.49 42.89 -26.84
N ASP E 337 30.69 43.18 -27.34
CA ASP E 337 31.14 42.77 -28.67
C ASP E 337 32.56 42.22 -28.60
N THR E 338 32.76 41.17 -27.82
CA THR E 338 34.07 40.60 -27.56
C THR E 338 34.19 39.22 -28.18
N SER E 339 35.39 38.94 -28.74
CA SER E 339 35.67 37.67 -29.42
C SER E 339 34.76 37.47 -30.64
N ASN E 340 34.55 38.55 -31.39
CA ASN E 340 33.80 38.50 -32.63
C ASN E 340 34.75 38.61 -33.81
N CYS E 341 34.23 38.34 -35.00
CA CYS E 341 35.03 38.36 -36.23
C CYS E 341 34.83 39.64 -37.04
N LEU E 342 34.76 40.78 -36.35
CA LEU E 342 34.72 42.09 -37.00
C LEU E 342 36.12 42.69 -36.86
N GLN E 343 36.81 42.84 -37.99
CA GLN E 343 38.20 43.32 -37.97
C GLN E 343 38.30 44.71 -37.35
N ASN E 344 37.24 45.51 -37.44
CA ASN E 344 37.25 46.86 -36.90
C ASN E 344 37.17 46.86 -35.37
N ARG E 345 36.66 45.76 -34.75
CA ARG E 345 36.52 45.80 -33.30
C ARG E 345 37.75 45.20 -32.62
N PRO E 346 38.08 45.72 -31.44
CA PRO E 346 39.22 45.18 -30.68
C PRO E 346 38.88 43.92 -29.91
N ASN E 347 39.85 43.47 -29.10
CA ASN E 347 39.73 42.32 -28.17
C ASN E 347 39.22 41.05 -28.84
N GLN E 348 39.77 40.75 -30.02
CA GLN E 348 39.38 39.54 -30.72
C GLN E 348 40.35 38.42 -30.28
N LYS E 349 40.27 37.26 -30.90
CA LYS E 349 41.06 36.14 -30.40
C LYS E 349 41.28 35.09 -31.50
N SER E 350 42.52 34.63 -31.61
CA SER E 350 42.90 33.52 -32.48
C SER E 350 42.45 33.75 -33.92
N ALA E 351 43.09 34.74 -34.55
CA ALA E 351 42.79 35.07 -35.94
C ALA E 351 42.87 33.86 -36.86
N LYS E 352 43.61 32.81 -36.45
CA LYS E 352 43.59 31.55 -37.18
C LYS E 352 42.32 30.76 -36.95
N GLU E 353 41.65 30.98 -35.81
CA GLU E 353 40.36 30.35 -35.55
C GLU E 353 39.20 31.21 -36.03
N CYS E 354 39.40 32.52 -36.13
CA CYS E 354 38.39 33.39 -36.73
C CYS E 354 38.56 33.39 -38.25
N LEU E 355 37.43 33.45 -38.94
CA LEU E 355 37.38 33.36 -40.40
C LEU E 355 38.08 32.12 -40.96
N PRO E 356 37.82 30.91 -40.39
CA PRO E 356 38.24 29.69 -41.09
C PRO E 356 37.18 29.27 -42.09
N VAL E 357 37.29 28.04 -42.61
CA VAL E 357 36.23 27.55 -43.46
C VAL E 357 34.99 27.27 -42.61
N VAL E 358 35.19 26.99 -41.33
CA VAL E 358 34.08 26.84 -40.39
C VAL E 358 33.22 28.09 -40.35
N SER E 359 33.83 29.27 -40.48
CA SER E 359 33.10 30.54 -40.42
C SER E 359 32.36 30.80 -41.73
N ARG E 360 31.41 29.91 -42.03
CA ARG E 360 30.45 30.09 -43.11
C ARG E 360 29.09 29.69 -42.56
N PRO E 361 28.07 30.53 -42.71
CA PRO E 361 26.77 30.23 -42.12
C PRO E 361 26.06 29.09 -42.82
N VAL E 362 25.02 28.59 -42.16
CA VAL E 362 24.11 27.61 -42.72
C VAL E 362 22.84 28.33 -43.13
N ASP E 363 22.16 27.78 -44.14
CA ASP E 363 20.97 28.44 -44.67
C ASP E 363 19.83 28.52 -43.66
N CYS E 364 19.94 27.79 -42.54
CA CYS E 364 18.93 27.73 -41.47
C CYS E 364 17.53 27.37 -42.00
N SER E 365 17.45 26.79 -43.19
CA SER E 365 16.17 26.33 -43.73
C SER E 365 16.25 24.89 -44.22
N LYS E 366 17.18 24.11 -43.67
CA LYS E 366 17.29 22.70 -44.05
C LYS E 366 17.50 21.76 -42.87
N ASP E 367 17.79 22.27 -41.68
CA ASP E 367 17.88 21.43 -40.49
C ASP E 367 16.51 20.87 -40.13
N LYS E 368 16.51 19.77 -39.35
CA LYS E 368 15.26 19.12 -39.00
C LYS E 368 14.32 20.05 -38.24
N CYS E 369 14.84 21.15 -37.73
CA CYS E 369 14.06 22.21 -37.08
C CYS E 369 14.07 23.36 -38.09
N ALA E 370 13.09 23.33 -39.00
CA ALA E 370 13.05 24.26 -40.13
C ALA E 370 13.07 25.73 -39.71
N GLY E 371 12.95 26.03 -38.43
CA GLY E 371 13.02 27.42 -37.98
C GLY E 371 11.93 28.31 -38.55
N GLY E 372 10.78 27.74 -38.89
CA GLY E 372 9.70 28.50 -39.47
C GLY E 372 8.35 27.79 -39.34
N ARG F 10 17.67 45.95 -13.42
CA ARG F 10 18.36 44.80 -12.88
C ARG F 10 17.48 44.09 -11.85
N ARG F 11 16.21 44.48 -11.83
CA ARG F 11 15.25 43.91 -10.88
C ARG F 11 14.34 42.91 -11.59
N TYR F 12 14.96 41.81 -12.04
CA TYR F 12 14.23 40.76 -12.72
C TYR F 12 14.28 39.48 -11.90
N ILE F 13 13.21 38.68 -11.96
CA ILE F 13 13.16 37.43 -11.23
C ILE F 13 13.70 36.27 -12.06
N GLY F 14 13.73 36.39 -13.39
CA GLY F 14 14.33 35.36 -14.20
C GLY F 14 15.83 35.22 -14.02
N TYR F 15 16.52 36.32 -13.74
CA TYR F 15 17.97 36.28 -13.51
C TYR F 15 18.37 36.00 -12.08
N ASP F 16 17.59 36.47 -11.09
CA ASP F 16 17.92 36.19 -9.70
C ASP F 16 17.63 34.74 -9.30
N ALA F 17 17.10 33.93 -10.22
CA ALA F 17 16.85 32.53 -9.92
C ALA F 17 18.12 31.76 -9.65
N LEU F 18 19.27 32.25 -10.11
CA LEU F 18 20.55 31.69 -9.70
C LEU F 18 20.76 32.00 -8.22
N LYS F 19 21.89 31.56 -7.66
CA LYS F 19 22.18 31.85 -6.26
C LYS F 19 21.08 31.30 -5.35
N LYS F 20 21.21 30.03 -5.00
CA LYS F 20 20.22 29.23 -4.29
C LYS F 20 19.56 29.92 -3.10
N ASN F 21 20.20 30.94 -2.54
CA ASN F 21 19.77 31.52 -1.28
C ASN F 21 18.73 32.62 -1.44
N ASN F 22 18.51 33.15 -2.64
CA ASN F 22 17.65 34.30 -2.80
C ASN F 22 16.19 33.87 -2.95
N VAL F 23 15.29 34.69 -2.42
CA VAL F 23 13.85 34.46 -2.48
C VAL F 23 13.14 35.74 -2.89
N PRO F 24 11.99 35.65 -3.59
CA PRO F 24 11.25 36.87 -3.95
C PRO F 24 10.58 37.58 -2.78
N CYS F 25 10.44 36.94 -1.61
CA CYS F 25 9.76 37.57 -0.48
C CYS F 25 10.45 37.23 0.82
N SER F 26 10.87 38.27 1.55
CA SER F 26 11.52 38.09 2.84
C SER F 26 10.55 37.72 3.94
N ARG F 27 9.32 38.25 3.90
CA ARG F 27 8.33 37.95 4.92
C ARG F 27 7.93 36.48 4.85
N ARG F 28 8.18 35.74 5.94
CA ARG F 28 7.92 34.31 5.96
C ARG F 28 6.42 34.04 5.93
N GLY F 29 6.04 32.96 5.27
CA GLY F 29 4.66 32.50 5.21
C GLY F 29 3.78 33.11 4.14
N ARG F 30 3.91 34.42 3.94
CA ARG F 30 3.10 35.12 2.95
C ARG F 30 3.42 34.65 1.54
N SER F 31 2.43 34.77 0.66
CA SER F 31 2.61 34.35 -0.72
C SER F 31 3.50 35.33 -1.49
N TYR F 32 4.20 34.79 -2.49
CA TYR F 32 5.03 35.62 -3.35
C TYR F 32 4.20 36.61 -4.15
N TYR F 33 2.89 36.39 -4.24
CA TYR F 33 2.00 37.30 -4.96
C TYR F 33 1.54 38.46 -4.10
N ASP F 34 1.50 38.27 -2.78
CA ASP F 34 0.98 39.25 -1.83
C ASP F 34 2.05 39.82 -0.92
N CYS F 35 3.33 39.68 -1.28
CA CYS F 35 4.39 40.08 -0.36
C CYS F 35 4.36 41.57 -0.08
N LYS F 36 3.67 41.94 0.99
CA LYS F 36 3.54 43.32 1.45
C LYS F 36 3.42 43.28 2.98
N LYS F 37 2.75 44.26 3.58
CA LYS F 37 2.62 44.32 5.03
C LYS F 37 1.41 43.52 5.49
N ARG F 38 1.60 42.77 6.57
CA ARG F 38 0.66 41.74 7.01
C ARG F 38 -0.32 42.28 8.05
N ARG F 39 -1.51 41.67 8.08
CA ARG F 39 -2.48 42.02 9.11
C ARG F 39 -3.07 40.77 9.76
N ARG F 40 -3.13 39.65 9.01
CA ARG F 40 -3.50 38.36 9.60
C ARG F 40 -2.80 37.21 8.92
N ASN F 41 -1.56 37.41 8.45
CA ASN F 41 -0.73 36.40 7.81
C ASN F 41 -1.50 35.35 7.02
N ASN F 42 -2.31 35.79 6.05
CA ASN F 42 -3.10 34.86 5.24
C ASN F 42 -2.26 34.51 4.03
N PRO F 43 -1.74 33.29 3.91
CA PRO F 43 -0.86 32.98 2.78
C PRO F 43 -1.56 32.93 1.43
N TYR F 44 -2.88 32.77 1.39
CA TYR F 44 -3.63 32.73 0.13
C TYR F 44 -4.54 33.96 0.00
N ARG F 45 -4.02 35.02 -0.62
CA ARG F 45 -4.80 36.22 -0.86
C ARG F 45 -4.66 36.62 -2.34
N ARG F 46 -5.30 37.73 -2.72
CA ARG F 46 -5.39 38.16 -4.11
C ARG F 46 -4.04 38.34 -4.79
N GLY F 47 -3.23 39.30 -4.34
CA GLY F 47 -1.92 39.56 -4.91
C GLY F 47 -1.98 39.85 -6.41
N CYS F 48 -0.79 39.90 -7.01
CA CYS F 48 -0.65 40.15 -8.43
C CYS F 48 -0.86 38.85 -9.19
N SER F 49 -0.95 38.94 -10.51
CA SER F 49 -1.29 37.75 -11.29
C SER F 49 -0.05 37.02 -11.78
N ALA F 50 0.96 37.74 -12.27
CA ALA F 50 2.21 37.13 -12.69
C ALA F 50 3.34 37.79 -11.93
N ILE F 51 4.34 37.01 -11.51
CA ILE F 51 5.31 37.59 -10.56
C ILE F 51 6.52 38.13 -11.31
N THR F 52 6.35 39.24 -11.98
CA THR F 52 7.48 40.06 -12.45
C THR F 52 7.30 41.53 -12.11
N HIS F 53 6.06 42.03 -12.18
CA HIS F 53 5.74 43.38 -11.76
C HIS F 53 5.51 43.49 -10.26
N CYS F 54 5.38 42.36 -9.56
CA CYS F 54 5.19 42.33 -8.11
C CYS F 54 6.34 41.50 -7.55
N TYR F 55 7.50 42.13 -7.39
CA TYR F 55 8.69 41.45 -6.90
C TYR F 55 9.11 41.95 -5.52
N ARG F 56 9.34 43.25 -5.37
CA ARG F 56 9.68 43.81 -4.07
C ARG F 56 9.46 45.31 -4.03
N LEU G 35 9.04 -15.92 -5.35
CA LEU G 35 10.04 -16.38 -4.40
C LEU G 35 10.39 -17.85 -4.64
N ASP G 36 10.16 -18.31 -5.87
CA ASP G 36 10.42 -19.70 -6.25
C ASP G 36 11.82 -19.87 -6.84
N LEU G 37 12.78 -19.11 -6.36
CA LEU G 37 14.16 -19.14 -6.85
C LEU G 37 15.02 -19.92 -5.87
N LYS G 38 15.99 -20.65 -6.41
CA LYS G 38 16.88 -21.47 -5.61
C LYS G 38 18.30 -20.92 -5.71
N PHE G 39 18.97 -20.85 -4.56
CA PHE G 39 20.30 -20.28 -4.46
C PHE G 39 21.29 -21.35 -4.04
N ALA G 40 22.59 -21.02 -4.12
CA ALA G 40 23.62 -21.97 -3.73
C ALA G 40 23.56 -22.27 -2.24
N ASN G 41 23.27 -21.26 -1.42
CA ASN G 41 23.13 -21.44 0.01
C ASN G 41 22.10 -20.45 0.53
N ASN G 42 22.03 -20.31 1.86
CA ASN G 42 21.14 -19.32 2.47
C ASN G 42 21.79 -17.95 2.58
N ARG G 43 23.09 -17.89 2.83
CA ARG G 43 23.75 -16.60 2.99
C ARG G 43 23.77 -15.80 1.69
N LEU G 44 23.87 -16.47 0.54
CA LEU G 44 23.70 -15.76 -0.72
C LEU G 44 22.23 -15.48 -1.00
N LYS G 45 21.33 -16.30 -0.46
CA LYS G 45 19.90 -16.02 -0.55
C LYS G 45 19.54 -14.76 0.22
N ARG G 46 20.13 -14.57 1.40
CA ARG G 46 19.87 -13.36 2.19
C ARG G 46 20.38 -12.11 1.49
N ALA G 47 21.45 -12.23 0.71
CA ALA G 47 21.95 -11.07 -0.03
C ALA G 47 20.96 -10.63 -1.11
N TYR G 48 20.30 -11.59 -1.76
CA TYR G 48 19.29 -11.24 -2.76
C TYR G 48 18.15 -10.44 -2.14
N ILE G 49 17.72 -10.82 -0.94
CA ILE G 49 16.64 -10.09 -0.27
C ILE G 49 17.07 -8.66 0.04
N ALA G 50 18.31 -8.48 0.51
CA ALA G 50 18.78 -7.14 0.85
C ALA G 50 19.00 -6.29 -0.39
N LEU G 51 19.68 -6.84 -1.40
CA LEU G 51 20.00 -6.05 -2.58
C LEU G 51 18.74 -5.66 -3.37
N GLN G 52 17.79 -6.59 -3.53
CA GLN G 52 16.58 -6.26 -4.26
C GLN G 52 15.74 -5.24 -3.52
N ALA G 53 15.65 -5.35 -2.19
CA ALA G 53 14.98 -4.32 -1.41
C ALA G 53 15.72 -2.99 -1.49
N TRP G 54 17.06 -3.04 -1.49
CA TRP G 54 17.86 -1.85 -1.66
C TRP G 54 17.85 -1.35 -3.10
N LYS G 55 17.55 -2.23 -4.06
CA LYS G 55 17.28 -1.78 -5.42
C LYS G 55 15.99 -0.97 -5.48
N LYS G 56 14.98 -1.37 -4.72
CA LYS G 56 13.73 -0.62 -4.67
C LYS G 56 13.91 0.76 -4.03
N ALA G 57 15.03 0.97 -3.32
CA ALA G 57 15.34 2.27 -2.75
C ALA G 57 16.23 3.11 -3.65
N PHE G 58 16.60 2.61 -4.83
CA PHE G 58 17.42 3.36 -5.77
C PHE G 58 16.53 4.35 -6.51
N TYR G 59 16.71 5.64 -6.20
CA TYR G 59 15.93 6.69 -6.83
C TYR G 59 16.53 7.18 -8.14
N SER G 60 17.82 6.94 -8.38
CA SER G 60 18.45 7.39 -9.62
C SER G 60 19.72 6.61 -9.87
N ASP G 61 20.04 6.44 -11.15
CA ASP G 61 21.27 5.79 -11.60
C ASP G 61 21.59 6.21 -13.03
N PRO G 62 22.29 7.33 -13.23
CA PRO G 62 22.59 7.76 -14.60
C PRO G 62 23.45 6.78 -15.38
N PHE G 63 24.26 5.97 -14.68
CA PHE G 63 25.08 4.98 -15.33
C PHE G 63 24.36 3.64 -15.52
N ASN G 64 23.16 3.51 -14.97
CA ASN G 64 22.37 2.28 -15.06
C ASN G 64 23.13 1.07 -14.52
N THR G 65 23.99 1.29 -13.54
CA THR G 65 24.73 0.20 -12.92
C THR G 65 23.85 -0.70 -12.07
N ALA G 66 22.64 -0.27 -11.75
CA ALA G 66 21.73 -1.08 -10.94
C ALA G 66 20.67 -1.80 -11.78
N ALA G 67 20.62 -1.55 -13.10
CA ALA G 67 19.69 -2.26 -13.95
C ALA G 67 20.04 -3.74 -14.06
N ASN G 68 21.29 -4.10 -13.76
CA ASN G 68 21.75 -5.48 -13.82
C ASN G 68 21.29 -6.31 -12.62
N TRP G 69 20.75 -5.70 -11.57
CA TRP G 69 20.43 -6.40 -10.35
C TRP G 69 19.07 -7.11 -10.48
N VAL G 70 19.07 -8.13 -11.35
CA VAL G 70 17.94 -9.04 -11.51
C VAL G 70 18.49 -10.43 -11.72
N GLY G 71 17.89 -11.42 -11.06
CA GLY G 71 18.32 -12.79 -11.19
C GLY G 71 19.02 -13.29 -9.93
N PRO G 72 19.15 -14.62 -9.82
CA PRO G 72 19.78 -15.20 -8.62
C PRO G 72 21.30 -15.14 -8.62
N ASP G 73 21.92 -14.95 -9.78
CA ASP G 73 23.39 -14.91 -9.88
C ASP G 73 23.87 -13.57 -9.32
N VAL G 74 23.85 -13.47 -8.00
CA VAL G 74 24.22 -12.22 -7.34
C VAL G 74 25.69 -11.89 -7.59
N CYS G 75 26.53 -12.92 -7.63
CA CYS G 75 27.97 -12.71 -7.81
C CYS G 75 28.31 -12.09 -9.16
N SER G 76 27.39 -12.09 -10.11
CA SER G 76 27.61 -11.45 -11.41
C SER G 76 27.04 -10.04 -11.48
N TYR G 77 26.39 -9.57 -10.43
CA TYR G 77 25.91 -8.20 -10.40
C TYR G 77 27.09 -7.23 -10.46
N LYS G 78 26.90 -6.12 -11.18
CA LYS G 78 27.93 -5.10 -11.25
C LYS G 78 28.04 -4.39 -9.91
N GLY G 79 29.26 -4.37 -9.35
CA GLY G 79 29.55 -3.67 -8.12
C GLY G 79 29.76 -4.60 -6.93
N VAL G 80 29.11 -5.75 -6.90
CA VAL G 80 29.25 -6.70 -5.80
C VAL G 80 30.21 -7.79 -6.23
N PHE G 81 30.87 -8.40 -5.25
CA PHE G 81 31.90 -9.40 -5.52
C PHE G 81 31.85 -10.50 -4.46
N CYS G 82 32.07 -11.73 -4.89
CA CYS G 82 31.96 -12.90 -4.04
C CYS G 82 33.34 -13.53 -3.83
N ALA G 83 33.43 -14.28 -2.73
CA ALA G 83 34.66 -14.98 -2.36
C ALA G 83 34.27 -16.17 -1.50
N PRO G 84 35.11 -17.21 -1.44
CA PRO G 84 34.84 -18.32 -0.51
C PRO G 84 34.80 -17.81 0.92
N ALA G 85 33.73 -18.18 1.63
CA ALA G 85 33.51 -17.66 2.98
C ALA G 85 34.62 -18.11 3.92
N LEU G 86 35.09 -17.18 4.75
CA LEU G 86 36.10 -17.54 5.75
C LEU G 86 35.56 -18.53 6.77
N ASP G 87 34.23 -18.60 6.95
CA ASP G 87 33.64 -19.62 7.80
C ASP G 87 33.84 -21.00 7.20
N ASP G 88 33.52 -21.16 5.92
CA ASP G 88 33.69 -22.43 5.22
C ASP G 88 33.93 -22.19 3.74
N PRO G 89 35.04 -22.68 3.19
CA PRO G 89 35.28 -22.52 1.74
C PRO G 89 34.29 -23.28 0.87
N SER G 90 33.46 -24.14 1.44
CA SER G 90 32.49 -24.90 0.64
C SER G 90 31.45 -23.98 0.02
N VAL G 91 31.04 -22.95 0.74
CA VAL G 91 30.00 -22.03 0.29
C VAL G 91 30.64 -20.70 -0.07
N LEU G 92 30.10 -20.07 -1.12
CA LEU G 92 30.54 -18.74 -1.53
C LEU G 92 29.47 -17.73 -1.14
N VAL G 93 29.92 -16.54 -0.70
CA VAL G 93 29.02 -15.52 -0.17
C VAL G 93 29.41 -14.15 -0.72
N VAL G 94 28.46 -13.22 -0.64
CA VAL G 94 28.71 -11.83 -1.00
C VAL G 94 29.66 -11.25 0.05
N ALA G 95 30.90 -10.96 -0.37
CA ALA G 95 31.93 -10.51 0.55
C ALA G 95 32.13 -9.00 0.54
N GLY G 96 31.78 -8.32 -0.56
CA GLY G 96 31.98 -6.89 -0.63
C GLY G 96 31.10 -6.24 -1.66
N ILE G 97 30.84 -4.95 -1.45
CA ILE G 97 30.07 -4.13 -2.39
C ILE G 97 30.87 -2.87 -2.67
N ASP G 98 31.12 -2.60 -3.95
CA ASP G 98 31.89 -1.43 -4.38
C ASP G 98 31.11 -0.75 -5.50
N LEU G 99 30.65 0.48 -5.24
CA LEU G 99 29.89 1.25 -6.22
C LEU G 99 30.46 2.66 -6.32
N ASN G 100 31.78 2.76 -6.42
CA ASN G 100 32.42 4.06 -6.48
C ASN G 100 32.16 4.72 -7.82
N HIS G 101 31.89 6.03 -7.79
CA HIS G 101 31.68 6.88 -8.96
C HIS G 101 30.43 6.54 -9.75
N ALA G 102 29.67 5.51 -9.37
CA ALA G 102 28.46 5.15 -10.09
C ALA G 102 27.38 6.22 -9.99
N ASP G 103 27.55 7.19 -9.10
CA ASP G 103 26.59 8.27 -8.86
C ASP G 103 25.16 7.72 -8.74
N ILE G 104 24.94 6.97 -7.68
CA ILE G 104 23.66 6.31 -7.40
C ILE G 104 23.02 6.99 -6.20
N ALA G 105 21.73 7.30 -6.34
CA ALA G 105 21.02 8.06 -5.32
C ALA G 105 19.97 7.19 -4.63
N GLY G 106 19.67 7.54 -3.39
CA GLY G 106 18.71 6.80 -2.60
C GLY G 106 19.09 6.87 -1.13
N TYR G 107 18.61 5.89 -0.38
CA TYR G 107 18.94 5.74 1.04
C TYR G 107 19.29 4.29 1.32
N LEU G 108 19.92 4.07 2.48
CA LEU G 108 20.30 2.73 2.90
C LEU G 108 19.21 2.14 3.77
N PRO G 109 18.48 1.13 3.31
CA PRO G 109 17.42 0.55 4.13
C PRO G 109 17.98 -0.35 5.22
N PRO G 110 17.23 -0.60 6.28
CA PRO G 110 17.73 -1.48 7.35
C PRO G 110 17.86 -2.95 6.93
N GLU G 111 17.31 -3.34 5.79
CA GLU G 111 17.41 -4.72 5.33
C GLU G 111 18.82 -5.11 4.93
N LEU G 112 19.77 -4.17 4.93
CA LEU G 112 21.16 -4.49 4.60
C LEU G 112 21.86 -5.30 5.70
N GLY G 113 21.22 -5.47 6.85
CA GLY G 113 21.80 -6.28 7.92
C GLY G 113 21.95 -7.74 7.58
N LEU G 114 21.21 -8.23 6.58
CA LEU G 114 21.32 -9.62 6.17
C LEU G 114 22.68 -9.94 5.53
N LEU G 115 23.44 -8.92 5.15
CA LEU G 115 24.75 -9.13 4.53
C LEU G 115 25.77 -9.42 5.63
N THR G 116 25.61 -10.61 6.25
CA THR G 116 26.41 -10.95 7.41
C THR G 116 27.84 -11.31 7.08
N ASP G 117 28.19 -11.43 5.80
CA ASP G 117 29.54 -11.79 5.39
C ASP G 117 30.27 -10.67 4.67
N VAL G 118 29.62 -9.54 4.41
CA VAL G 118 30.28 -8.45 3.71
C VAL G 118 31.32 -7.80 4.61
N ALA G 119 32.45 -7.43 4.03
CA ALA G 119 33.53 -6.79 4.77
C ALA G 119 33.93 -5.43 4.24
N LEU G 120 33.85 -5.20 2.93
CA LEU G 120 34.20 -3.93 2.32
C LEU G 120 32.98 -3.32 1.62
N PHE G 121 32.71 -2.04 1.92
CA PHE G 121 31.52 -1.34 1.41
C PHE G 121 31.98 0.02 0.87
N HIS G 122 32.50 0.03 -0.35
CA HIS G 122 33.07 1.23 -0.96
C HIS G 122 32.00 1.95 -1.78
N VAL G 123 31.47 3.05 -1.25
CA VAL G 123 30.42 3.82 -1.93
C VAL G 123 30.88 5.29 -2.00
N ASN G 124 31.66 5.61 -3.04
CA ASN G 124 32.12 6.98 -3.25
C ASN G 124 31.22 7.68 -4.28
N SER G 125 31.06 8.99 -4.11
CA SER G 125 30.42 9.85 -5.12
C SER G 125 29.02 9.36 -5.46
N ASN G 126 28.32 8.83 -4.47
CA ASN G 126 26.99 8.25 -4.65
C ASN G 126 25.99 9.07 -3.86
N ARG G 127 25.04 9.69 -4.57
CA ARG G 127 24.12 10.63 -3.95
C ARG G 127 23.16 9.95 -2.97
N PHE G 128 23.70 9.18 -2.03
CA PHE G 128 22.87 8.61 -0.98
C PHE G 128 22.56 9.66 0.07
N CYS G 129 21.43 9.46 0.76
CA CYS G 129 21.00 10.34 1.83
C CYS G 129 20.49 9.50 2.99
N GLY G 130 20.05 10.19 4.05
CA GLY G 130 19.57 9.50 5.22
C GLY G 130 20.69 9.00 6.11
N VAL G 131 20.45 8.91 7.41
CA VAL G 131 21.48 8.44 8.32
C VAL G 131 21.75 6.95 8.06
N ILE G 132 22.95 6.52 8.42
CA ILE G 132 23.30 5.10 8.31
C ILE G 132 22.34 4.28 9.16
N PRO G 133 21.76 3.20 8.63
CA PRO G 133 20.73 2.47 9.38
C PRO G 133 21.31 1.79 10.62
N LYS G 134 20.50 1.76 11.68
CA LYS G 134 20.91 1.09 12.91
C LYS G 134 21.07 -0.40 12.71
N SER G 135 20.27 -1.01 11.83
CA SER G 135 20.35 -2.45 11.59
C SER G 135 21.65 -2.86 10.92
N LEU G 136 22.44 -1.91 10.42
CA LEU G 136 23.73 -2.22 9.80
C LEU G 136 24.77 -2.68 10.82
N SER G 137 24.45 -2.63 12.12
CA SER G 137 25.39 -3.10 13.14
C SER G 137 25.64 -4.61 13.06
N LYS G 138 24.77 -5.35 12.38
CA LYS G 138 24.94 -6.79 12.25
C LYS G 138 26.12 -7.17 11.34
N LEU G 139 26.80 -6.20 10.75
CA LEU G 139 27.92 -6.49 9.84
C LEU G 139 29.19 -6.68 10.67
N THR G 140 29.20 -7.77 11.43
CA THR G 140 30.31 -8.03 12.34
C THR G 140 31.64 -8.19 11.62
N LEU G 141 31.62 -8.50 10.32
CA LEU G 141 32.82 -8.69 9.54
C LEU G 141 33.24 -7.44 8.76
N MET G 142 32.62 -6.30 9.06
CA MET G 142 32.95 -5.07 8.33
C MET G 142 34.41 -4.69 8.58
N TYR G 143 35.17 -4.60 7.49
CA TYR G 143 36.60 -4.30 7.56
C TYR G 143 36.97 -2.96 6.94
N GLU G 144 36.32 -2.57 5.84
CA GLU G 144 36.53 -1.28 5.21
C GLU G 144 35.18 -0.66 4.87
N PHE G 145 34.99 0.58 5.30
CA PHE G 145 33.73 1.29 5.11
C PHE G 145 34.05 2.66 4.54
N ASP G 146 33.60 2.93 3.31
CA ASP G 146 34.03 4.11 2.55
C ASP G 146 32.80 4.88 2.07
N VAL G 147 32.24 5.69 2.97
CA VAL G 147 31.14 6.58 2.61
C VAL G 147 31.69 7.97 2.32
N SER G 148 32.38 8.11 1.19
CA SER G 148 32.99 9.38 0.80
C SER G 148 32.16 10.10 -0.25
N ASN G 149 32.18 11.43 -0.18
CA ASN G 149 31.51 12.31 -1.15
C ASN G 149 30.05 11.93 -1.33
N ASN G 150 29.32 11.93 -0.22
CA ASN G 150 27.91 11.55 -0.22
C ASN G 150 27.11 12.60 0.55
N ARG G 151 25.78 12.48 0.44
CA ARG G 151 24.84 13.41 1.05
C ARG G 151 24.26 12.88 2.36
N PHE G 152 24.97 11.97 3.03
CA PHE G 152 24.53 11.45 4.31
C PHE G 152 24.42 12.56 5.35
N VAL G 153 23.23 12.74 5.90
CA VAL G 153 22.97 13.78 6.88
C VAL G 153 22.51 13.10 8.18
N GLY G 154 23.43 12.94 9.12
CA GLY G 154 23.08 12.48 10.45
C GLY G 154 23.90 13.12 11.54
N PRO G 155 23.72 12.65 12.77
CA PRO G 155 24.77 12.81 13.80
C PRO G 155 25.91 11.85 13.49
N PHE G 156 26.87 11.70 14.40
CA PHE G 156 27.96 10.76 14.13
C PHE G 156 27.41 9.33 14.08
N PRO G 157 27.94 8.50 13.17
CA PRO G 157 27.43 7.13 13.06
C PRO G 157 27.85 6.23 14.21
N THR G 158 27.03 6.21 15.27
CA THR G 158 27.24 5.36 16.44
C THR G 158 27.09 3.87 16.12
N VAL G 159 26.84 3.52 14.87
CA VAL G 159 26.73 2.12 14.46
C VAL G 159 28.08 1.65 13.91
N ALA G 160 28.84 2.58 13.35
CA ALA G 160 30.17 2.30 12.82
C ALA G 160 31.16 1.94 13.92
N LEU G 161 30.73 2.02 15.18
CA LEU G 161 31.61 1.66 16.29
C LEU G 161 31.42 0.24 16.80
N SER G 162 30.31 -0.41 16.43
CA SER G 162 30.05 -1.78 16.87
C SER G 162 30.77 -2.82 16.01
N TRP G 163 31.45 -2.38 14.96
CA TRP G 163 32.15 -3.23 14.00
C TRP G 163 33.54 -3.56 14.51
N PRO G 164 33.76 -4.78 15.03
CA PRO G 164 35.07 -5.07 15.63
C PRO G 164 36.22 -5.04 14.64
N SER G 165 36.00 -5.51 13.42
CA SER G 165 37.05 -5.62 12.42
C SER G 165 37.34 -4.32 11.68
N LEU G 166 36.68 -3.22 12.01
CA LEU G 166 36.87 -1.99 11.26
C LEU G 166 38.30 -1.46 11.45
N LYS G 167 38.99 -1.22 10.33
CA LYS G 167 40.33 -0.65 10.36
C LYS G 167 40.43 0.59 9.50
N PHE G 168 39.58 0.68 8.46
CA PHE G 168 39.56 1.84 7.57
C PHE G 168 38.16 2.47 7.64
N LEU G 169 38.09 3.71 8.09
CA LEU G 169 36.81 4.40 8.19
C LEU G 169 36.98 5.84 7.73
N ASP G 170 36.23 6.22 6.71
CA ASP G 170 36.17 7.59 6.24
C ASP G 170 34.71 7.96 5.99
N ILE G 171 34.28 9.05 6.63
CA ILE G 171 32.93 9.58 6.43
C ILE G 171 33.10 11.02 5.94
N ARG G 172 34.03 11.20 5.00
CA ARG G 172 34.47 12.52 4.58
C ARG G 172 33.64 13.04 3.42
N TYR G 173 33.53 14.37 3.38
CA TYR G 173 32.67 15.08 2.42
C TYR G 173 31.22 14.61 2.55
N ASN G 174 30.75 14.59 3.80
CA ASN G 174 29.37 14.30 4.15
C ASN G 174 28.87 15.41 5.07
N ASP G 175 27.56 15.49 5.22
CA ASP G 175 26.96 16.49 6.11
C ASP G 175 26.55 15.84 7.43
N PHE G 176 27.56 15.45 8.19
CA PHE G 176 27.34 14.98 9.56
C PHE G 176 27.33 16.17 10.51
N GLU G 177 26.65 16.01 11.63
CA GLU G 177 26.45 17.11 12.57
C GLU G 177 26.75 16.64 13.99
N GLY G 178 27.01 17.61 14.86
CA GLY G 178 27.07 17.29 16.28
C GLY G 178 28.44 16.94 16.82
N LYS G 179 28.43 16.11 17.85
CA LYS G 179 29.63 15.76 18.60
C LYS G 179 30.43 14.67 17.89
N LEU G 180 31.75 14.74 18.06
CA LEU G 180 32.61 13.63 17.71
C LEU G 180 32.82 12.79 18.96
N PRO G 181 32.37 11.54 18.99
CA PRO G 181 32.46 10.76 20.22
C PRO G 181 33.90 10.41 20.54
N PRO G 182 34.32 10.55 21.81
CA PRO G 182 35.68 10.17 22.17
C PRO G 182 35.93 8.67 22.07
N GLU G 183 34.86 7.87 21.97
CA GLU G 183 34.98 6.42 21.89
C GLU G 183 35.57 5.94 20.57
N ILE G 184 35.70 6.81 19.57
CA ILE G 184 36.19 6.36 18.27
C ILE G 184 37.67 6.05 18.33
N PHE G 185 38.44 6.85 19.09
CA PHE G 185 39.88 6.67 19.13
C PHE G 185 40.30 5.57 20.10
N ASP G 186 39.40 5.18 21.01
CA ASP G 186 39.74 4.08 21.92
C ASP G 186 39.83 2.75 21.19
N LYS G 187 39.20 2.64 20.03
CA LYS G 187 39.22 1.41 19.25
C LYS G 187 40.44 1.40 18.32
N ASP G 188 40.90 0.19 18.02
CA ASP G 188 42.07 -0.01 17.15
C ASP G 188 41.69 0.26 15.69
N LEU G 189 41.73 1.53 15.30
CA LEU G 189 41.52 1.93 13.92
C LEU G 189 42.86 2.21 13.25
N ASP G 190 42.88 2.10 11.92
CA ASP G 190 44.10 2.32 11.16
C ASP G 190 44.05 3.58 10.30
N ALA G 191 42.86 4.04 9.91
CA ALA G 191 42.75 5.24 9.10
C ALA G 191 41.42 5.92 9.40
N ILE G 192 41.46 7.24 9.58
CA ILE G 192 40.27 8.04 9.87
C ILE G 192 40.32 9.31 9.02
N PHE G 193 39.28 9.53 8.22
CA PHE G 193 39.15 10.74 7.41
C PHE G 193 37.84 11.42 7.78
N LEU G 194 37.90 12.69 8.19
CA LEU G 194 36.71 13.36 8.69
C LEU G 194 36.55 14.79 8.18
N ASN G 195 37.21 15.16 7.08
CA ASN G 195 37.17 16.56 6.65
C ASN G 195 35.83 16.88 6.01
N ASN G 196 35.43 18.15 6.10
CA ASN G 196 34.19 18.66 5.49
C ASN G 196 32.98 17.87 5.98
N ASN G 197 32.91 17.67 7.30
CA ASN G 197 31.78 16.93 7.88
C ASN G 197 31.08 17.68 9.00
N ARG G 198 31.21 19.00 9.06
CA ARG G 198 30.52 19.84 10.05
C ARG G 198 30.53 19.28 11.47
N PHE G 199 31.66 19.29 12.14
CA PHE G 199 31.71 18.89 13.54
C PHE G 199 32.03 20.10 14.41
N GLU G 200 31.35 20.19 15.55
CA GLU G 200 31.40 21.36 16.43
C GLU G 200 31.68 20.88 17.86
N SER G 201 32.95 20.68 18.17
CA SER G 201 33.38 20.29 19.51
C SER G 201 34.91 20.36 19.54
N THR G 202 35.47 20.01 20.68
CA THR G 202 36.91 19.92 20.84
C THR G 202 37.40 18.53 20.42
N ILE G 203 38.69 18.43 20.16
CA ILE G 203 39.28 17.13 19.85
C ILE G 203 39.31 16.28 21.12
N PRO G 204 38.78 15.06 21.10
CA PRO G 204 38.74 14.26 22.33
C PRO G 204 40.13 13.92 22.84
N GLU G 205 40.24 13.80 24.16
CA GLU G 205 41.50 13.42 24.77
C GLU G 205 41.90 11.98 24.45
N THR G 206 40.94 11.15 24.02
CA THR G 206 41.22 9.77 23.69
C THR G 206 42.00 9.60 22.39
N ILE G 207 42.35 10.70 21.71
CA ILE G 207 43.04 10.61 20.43
C ILE G 207 44.37 9.86 20.57
N GLY G 208 44.99 9.93 21.75
CA GLY G 208 46.26 9.27 21.94
C GLY G 208 46.18 7.76 21.95
N LYS G 209 45.03 7.19 22.28
CA LYS G 209 44.89 5.74 22.35
C LYS G 209 44.72 5.08 21.00
N SER G 210 44.59 5.86 19.92
CA SER G 210 44.27 5.31 18.61
C SER G 210 45.53 4.94 17.83
N THR G 211 45.50 3.77 17.21
CA THR G 211 46.49 3.32 16.23
C THR G 211 46.26 3.92 14.85
N ALA G 212 45.50 5.01 14.75
CA ALA G 212 45.16 5.64 13.48
C ALA G 212 46.39 6.16 12.75
N SER G 213 46.81 5.44 11.70
CA SER G 213 47.96 5.86 10.90
C SER G 213 47.76 7.24 10.31
N VAL G 214 46.59 7.50 9.73
CA VAL G 214 46.26 8.77 9.10
C VAL G 214 44.98 9.31 9.72
N VAL G 215 44.94 10.62 9.95
CA VAL G 215 43.77 11.29 10.50
C VAL G 215 43.56 12.59 9.74
N THR G 216 42.29 12.95 9.51
CA THR G 216 41.94 14.15 8.77
C THR G 216 40.79 14.82 9.49
N PHE G 217 41.02 16.04 9.99
CA PHE G 217 39.99 16.83 10.66
C PHE G 217 39.66 18.11 9.91
N ALA G 218 39.92 18.17 8.61
CA ALA G 218 39.95 19.45 7.95
C ALA G 218 38.55 20.03 7.75
N HIS G 219 38.52 21.21 7.10
CA HIS G 219 37.37 22.01 6.71
C HIS G 219 36.09 21.83 7.53
N ASN G 220 36.21 21.84 8.86
CA ASN G 220 35.06 21.83 9.74
C ASN G 220 35.39 22.67 10.98
N LYS G 221 34.39 22.92 11.80
CA LYS G 221 34.50 23.89 12.90
C LYS G 221 34.89 23.26 14.24
N PHE G 222 35.93 22.43 14.28
CA PHE G 222 36.44 21.93 15.56
C PHE G 222 37.00 23.11 16.35
N SER G 223 36.47 23.34 17.55
CA SER G 223 36.99 24.41 18.39
C SER G 223 38.03 23.90 19.39
N GLY G 224 38.68 24.84 20.06
CA GLY G 224 39.64 24.53 21.09
C GLY G 224 41.07 24.43 20.57
N CYS G 225 41.93 23.87 21.41
CA CYS G 225 43.33 23.62 21.08
C CYS G 225 43.56 22.12 20.95
N ILE G 226 44.71 21.77 20.38
CA ILE G 226 45.07 20.36 20.28
C ILE G 226 45.34 19.80 21.66
N PRO G 227 44.73 18.68 22.04
CA PRO G 227 44.98 18.10 23.37
C PRO G 227 46.42 17.67 23.54
N LYS G 228 46.82 17.49 24.80
CA LYS G 228 48.17 17.05 25.11
C LYS G 228 48.29 15.53 25.07
N THR G 229 47.49 14.89 24.24
CA THR G 229 47.56 13.44 24.04
C THR G 229 47.93 13.10 22.60
N ILE G 230 48.25 14.11 21.79
CA ILE G 230 48.60 13.88 20.39
C ILE G 230 49.85 13.02 20.26
N GLY G 231 50.62 12.87 21.34
CA GLY G 231 51.90 12.21 21.25
C GLY G 231 51.88 10.82 21.84
N GLN G 232 50.75 10.42 22.40
CA GLN G 232 50.56 9.01 22.75
C GLN G 232 50.20 8.16 21.54
N MET G 233 50.36 8.70 20.33
CA MET G 233 50.02 7.99 19.11
C MET G 233 51.24 7.21 18.65
N LYS G 234 51.09 5.89 18.55
CA LYS G 234 52.23 5.01 18.34
C LYS G 234 52.58 4.77 16.87
N ASN G 235 51.66 4.99 15.93
CA ASN G 235 51.97 4.79 14.53
C ASN G 235 51.55 5.93 13.60
N LEU G 236 50.92 6.98 14.13
CA LEU G 236 50.39 8.07 13.32
C LEU G 236 51.37 8.54 12.25
N ASN G 237 50.98 8.35 10.99
CA ASN G 237 51.82 8.78 9.86
C ASN G 237 51.44 10.18 9.40
N GLU G 238 50.25 10.33 8.81
CA GLU G 238 49.77 11.61 8.33
C GLU G 238 48.66 12.14 9.24
N ILE G 239 48.49 13.47 9.20
CA ILE G 239 47.45 14.14 9.99
C ILE G 239 47.23 15.51 9.39
N VAL G 240 45.99 15.99 9.44
CA VAL G 240 45.58 17.22 8.78
C VAL G 240 44.61 17.98 9.67
N PHE G 241 44.75 19.31 9.71
CA PHE G 241 43.85 20.19 10.46
C PHE G 241 43.53 21.44 9.64
N ILE G 242 43.39 21.29 8.32
CA ILE G 242 43.22 22.46 7.45
C ILE G 242 41.83 23.07 7.64
N GLY G 243 41.78 24.38 7.79
CA GLY G 243 40.50 25.08 7.76
C GLY G 243 39.62 24.80 8.95
N ASN G 244 40.19 24.75 10.14
CA ASN G 244 39.44 24.49 11.36
C ASN G 244 39.50 25.70 12.29
N ASN G 245 38.54 25.75 13.21
CA ASN G 245 38.48 26.84 14.20
C ASN G 245 39.22 26.48 15.48
N LEU G 246 40.49 26.08 15.35
CA LEU G 246 41.31 25.76 16.50
C LEU G 246 42.15 26.97 16.88
N SER G 247 42.45 27.10 18.18
CA SER G 247 43.17 28.24 18.70
C SER G 247 44.25 27.76 19.67
N GLY G 248 44.97 28.71 20.26
CA GLY G 248 45.97 28.42 21.26
C GLY G 248 47.34 28.15 20.69
N CYS G 249 48.27 27.83 21.59
CA CYS G 249 49.61 27.42 21.20
C CYS G 249 49.64 25.92 20.93
N LEU G 250 50.57 25.50 20.08
CA LEU G 250 50.69 24.10 19.76
C LEU G 250 51.22 23.33 20.97
N PRO G 251 50.65 22.16 21.28
CA PRO G 251 51.10 21.41 22.45
C PRO G 251 52.47 20.81 22.23
N ASN G 252 53.33 20.94 23.26
CA ASN G 252 54.70 20.46 23.18
C ASN G 252 54.80 18.95 22.96
N GLU G 253 53.70 18.21 23.05
CA GLU G 253 53.76 16.76 22.90
C GLU G 253 53.91 16.30 21.46
N ILE G 254 53.95 17.21 20.48
CA ILE G 254 54.05 16.78 19.09
C ILE G 254 55.41 16.19 18.75
N GLY G 255 56.43 16.46 19.57
CA GLY G 255 57.77 15.96 19.27
C GLY G 255 57.91 14.45 19.37
N SER G 256 57.00 13.79 20.09
CA SER G 256 57.06 12.33 20.19
C SER G 256 56.63 11.66 18.90
N LEU G 257 56.11 12.42 17.93
CA LEU G 257 55.63 11.87 16.66
C LEU G 257 56.82 11.66 15.73
N ASN G 258 57.59 10.60 16.00
CA ASN G 258 58.77 10.31 15.20
C ASN G 258 58.41 9.82 13.80
N ASN G 259 57.30 9.09 13.67
CA ASN G 259 56.91 8.47 12.40
C ASN G 259 55.84 9.26 11.67
N VAL G 260 55.88 10.59 11.74
CA VAL G 260 54.91 11.43 11.03
C VAL G 260 55.55 11.92 9.73
N THR G 261 54.77 11.94 8.67
CA THR G 261 55.22 12.38 7.35
C THR G 261 54.57 13.68 6.90
N VAL G 262 53.27 13.83 7.12
CA VAL G 262 52.54 15.04 6.76
C VAL G 262 51.90 15.58 8.03
N PHE G 263 52.19 16.84 8.35
CA PHE G 263 51.62 17.53 9.50
C PHE G 263 51.16 18.91 9.04
N ASP G 264 49.86 19.17 9.13
CA ASP G 264 49.30 20.41 8.62
C ASP G 264 48.29 20.98 9.59
N ALA G 265 48.37 22.29 9.81
CA ALA G 265 47.47 23.02 10.71
C ALA G 265 47.08 24.34 10.06
N SER G 266 46.79 24.33 8.76
CA SER G 266 46.53 25.54 8.01
C SER G 266 45.15 26.11 8.31
N SER G 267 45.01 27.42 8.07
CA SER G 267 43.72 28.12 8.14
C SER G 267 43.07 27.96 9.52
N ASN G 268 43.89 27.95 10.56
CA ASN G 268 43.42 27.86 11.93
C ASN G 268 43.64 29.19 12.64
N GLY G 269 43.11 29.26 13.87
CA GLY G 269 43.23 30.47 14.68
C GLY G 269 44.27 30.33 15.76
N PHE G 270 45.23 29.42 15.56
CA PHE G 270 46.28 29.21 16.55
C PHE G 270 47.11 30.47 16.71
N VAL G 271 47.49 30.76 17.96
CA VAL G 271 48.30 31.93 18.29
C VAL G 271 49.51 31.42 19.06
N GLY G 272 50.63 32.12 18.94
CA GLY G 272 51.81 31.78 19.68
C GLY G 272 53.00 31.52 18.78
N SER G 273 54.04 30.96 19.39
CA SER G 273 55.30 30.63 18.73
C SER G 273 55.35 29.13 18.46
N LEU G 274 56.31 28.73 17.63
CA LEU G 274 56.46 27.33 17.28
C LEU G 274 56.98 26.55 18.47
N PRO G 275 56.40 25.40 18.78
CA PRO G 275 56.83 24.63 19.96
C PRO G 275 58.24 24.09 19.78
N SER G 276 58.90 23.87 20.91
CA SER G 276 60.28 23.41 20.91
C SER G 276 60.41 21.94 20.52
N THR G 277 59.35 21.18 20.60
CA THR G 277 59.39 19.77 20.24
C THR G 277 59.47 19.53 18.74
N LEU G 278 59.42 20.57 17.93
CA LEU G 278 59.42 20.41 16.47
C LEU G 278 60.69 19.77 15.93
N SER G 279 61.75 19.65 16.74
CA SER G 279 62.93 18.93 16.28
C SER G 279 62.74 17.42 16.27
N GLY G 280 61.67 16.93 16.91
CA GLY G 280 61.40 15.51 16.98
C GLY G 280 60.71 14.91 15.76
N LEU G 281 60.21 15.74 14.85
CA LEU G 281 59.56 15.26 13.64
C LEU G 281 60.60 14.94 12.57
N ALA G 282 61.47 13.97 12.89
CA ALA G 282 62.61 13.69 12.01
C ALA G 282 62.16 13.11 10.67
N ASN G 283 61.02 12.42 10.64
CA ASN G 283 60.54 11.75 9.45
C ASN G 283 59.52 12.58 8.68
N VAL G 284 59.29 13.84 9.07
CA VAL G 284 58.27 14.64 8.39
C VAL G 284 58.76 14.99 7.00
N GLU G 285 57.86 14.90 6.02
CA GLU G 285 58.19 15.16 4.63
C GLU G 285 57.56 16.43 4.09
N GLN G 286 56.35 16.77 4.53
CA GLN G 286 55.70 18.02 4.17
C GLN G 286 54.99 18.58 5.39
N MET G 287 55.01 19.90 5.52
CA MET G 287 54.39 20.59 6.63
C MET G 287 53.76 21.89 6.13
N ASP G 288 52.65 22.27 6.73
CA ASP G 288 51.99 23.52 6.36
C ASP G 288 51.43 24.16 7.63
N PHE G 289 51.72 25.46 7.80
CA PHE G 289 51.24 26.24 8.93
C PHE G 289 50.68 27.57 8.44
N SER G 290 50.18 27.59 7.20
CA SER G 290 49.76 28.83 6.56
C SER G 290 48.40 29.29 7.06
N TYR G 291 48.09 30.54 6.77
CA TYR G 291 46.79 31.14 7.07
C TYR G 291 46.46 31.06 8.55
N ASN G 292 47.47 31.28 9.39
CA ASN G 292 47.31 31.28 10.83
C ASN G 292 47.62 32.69 11.36
N LYS G 293 47.63 32.81 12.68
CA LYS G 293 47.91 34.06 13.39
C LYS G 293 49.01 33.81 14.42
N PHE G 294 50.12 33.26 13.94
CA PHE G 294 51.22 32.88 14.82
C PHE G 294 52.16 34.07 15.05
N THR G 295 52.57 34.22 16.31
CA THR G 295 53.59 35.17 16.70
C THR G 295 54.95 34.49 16.64
N GLY G 296 55.95 35.10 17.24
CA GLY G 296 57.26 34.48 17.35
C GLY G 296 58.05 34.58 16.06
N PHE G 297 58.97 33.63 15.87
CA PHE G 297 59.90 33.69 14.75
C PHE G 297 60.51 32.30 14.52
N VAL G 298 60.41 31.84 13.26
CA VAL G 298 60.69 30.45 12.90
C VAL G 298 62.08 30.01 13.36
N THR G 299 62.13 28.84 13.98
CA THR G 299 63.39 28.28 14.46
C THR G 299 64.21 27.73 13.30
N ASP G 300 65.54 27.87 13.43
CA ASP G 300 66.50 27.43 12.41
C ASP G 300 66.70 25.92 12.37
N ASN G 301 66.17 25.17 13.34
CA ASN G 301 66.37 23.73 13.41
C ASN G 301 65.76 22.99 12.22
N ILE G 302 64.75 23.58 11.57
CA ILE G 302 64.03 22.88 10.50
C ILE G 302 64.91 22.68 9.28
N CYS G 303 65.88 23.56 9.02
CA CYS G 303 66.70 23.39 7.83
C CYS G 303 67.65 22.19 7.92
N LYS G 304 67.85 21.61 9.11
CA LYS G 304 68.64 20.41 9.25
C LYS G 304 67.77 19.17 9.45
N LEU G 305 66.65 19.09 8.74
CA LEU G 305 65.81 17.91 8.74
C LEU G 305 65.87 17.24 7.37
N PRO G 306 66.26 15.96 7.29
CA PRO G 306 66.50 15.37 5.96
C PRO G 306 65.27 15.12 5.12
N LYS G 307 64.08 14.99 5.72
CA LYS G 307 62.91 14.59 4.95
C LYS G 307 61.94 15.70 4.58
N LEU G 308 61.95 16.84 5.29
CA LEU G 308 60.97 17.89 5.00
C LEU G 308 61.20 18.50 3.62
N SER G 309 60.11 18.67 2.87
CA SER G 309 60.17 19.24 1.53
C SER G 309 59.34 20.50 1.37
N ASN G 310 58.05 20.46 1.70
CA ASN G 310 57.22 21.65 1.49
C ASN G 310 57.43 22.70 2.58
N PHE G 311 57.06 22.39 3.82
CA PHE G 311 57.22 23.30 4.95
C PHE G 311 56.75 24.72 4.63
N THR G 312 55.43 24.87 4.50
CA THR G 312 54.83 26.16 4.17
C THR G 312 54.37 26.84 5.47
N PHE G 313 54.81 28.08 5.67
CA PHE G 313 54.48 28.86 6.85
C PHE G 313 53.96 30.26 6.52
N SER G 314 53.40 30.46 5.33
CA SER G 314 53.02 31.78 4.87
C SER G 314 51.85 32.33 5.69
N TYR G 315 51.66 33.65 5.57
CA TYR G 315 50.55 34.36 6.22
C TYR G 315 50.61 34.23 7.74
N ASN G 316 51.81 34.44 8.29
CA ASN G 316 52.04 34.31 9.73
C ASN G 316 52.92 35.45 10.20
N PHE G 317 52.45 36.18 11.20
CA PHE G 317 53.20 37.32 11.75
C PHE G 317 54.51 36.89 12.39
N PHE G 318 55.51 36.55 11.57
CA PHE G 318 56.88 36.37 12.04
C PHE G 318 57.71 37.59 11.65
N ASN G 319 58.66 37.95 12.52
CA ASN G 319 59.53 39.09 12.26
C ASN G 319 60.89 38.67 11.71
N GLY G 320 60.93 37.61 10.92
CA GLY G 320 62.19 37.18 10.32
C GLY G 320 62.00 35.84 9.62
N GLU G 321 63.13 35.30 9.16
CA GLU G 321 63.17 34.06 8.41
C GLU G 321 64.18 33.09 9.01
N ALA G 322 64.07 31.83 8.59
CA ALA G 322 65.10 30.83 8.81
C ALA G 322 65.59 30.35 7.46
N GLN G 323 66.91 30.19 7.34
CA GLN G 323 67.51 29.78 6.08
C GLN G 323 67.65 28.27 5.98
N VAL G 326 63.67 34.40 1.22
CA VAL G 326 63.48 33.53 2.38
C VAL G 326 63.72 32.06 2.02
N PRO G 327 63.10 31.56 0.95
CA PRO G 327 63.44 30.19 0.53
C PRO G 327 64.79 30.16 -0.16
N GLY G 328 65.72 29.42 0.43
CA GLY G 328 67.02 29.23 -0.19
C GLY G 328 66.90 28.53 -1.53
N SER G 329 68.02 28.48 -2.23
CA SER G 329 68.09 27.85 -3.55
C SER G 329 68.24 26.34 -3.47
N SER G 330 67.87 25.75 -2.33
CA SER G 330 67.97 24.31 -2.13
C SER G 330 67.31 23.55 -3.28
N GLN G 331 67.93 22.43 -3.66
CA GLN G 331 67.47 21.67 -4.82
C GLN G 331 66.19 20.92 -4.47
N GLU G 332 65.13 21.20 -5.24
CA GLU G 332 63.84 20.52 -5.11
C GLU G 332 63.23 20.69 -3.72
N LYS G 333 63.60 21.78 -3.03
CA LYS G 333 63.04 22.12 -1.73
C LYS G 333 62.33 23.46 -1.87
N GLN G 334 61.01 23.46 -1.73
CA GLN G 334 60.20 24.65 -1.93
C GLN G 334 59.41 24.95 -0.67
N PHE G 335 59.68 26.10 -0.05
CA PHE G 335 58.93 26.58 1.09
C PHE G 335 58.54 28.03 0.83
N ASP G 336 57.41 28.45 1.42
CA ASP G 336 56.74 29.68 1.03
C ASP G 336 56.58 30.63 2.20
N ASP G 337 56.98 31.89 1.99
CA ASP G 337 56.94 32.96 2.97
C ASP G 337 56.35 34.18 2.28
N THR G 338 55.16 34.60 2.70
CA THR G 338 54.45 35.69 2.04
C THR G 338 53.40 36.27 2.97
N SER G 339 53.25 37.60 2.93
CA SER G 339 52.31 38.34 3.77
C SER G 339 52.63 38.16 5.25
N ASN G 340 53.91 38.13 5.57
CA ASN G 340 54.44 38.06 6.92
C ASN G 340 55.02 39.43 7.30
N CYS G 341 55.81 39.45 8.38
CA CYS G 341 56.43 40.67 8.89
C CYS G 341 57.95 40.62 8.82
N LEU G 342 58.50 40.25 7.66
CA LEU G 342 59.94 40.13 7.46
C LEU G 342 60.51 41.38 6.80
N GLN G 343 61.34 42.11 7.54
CA GLN G 343 61.91 43.36 7.02
C GLN G 343 62.85 43.10 5.84
N ASN G 344 63.53 41.94 5.82
CA ASN G 344 64.50 41.69 4.75
C ASN G 344 63.85 41.30 3.43
N ARG G 345 62.69 40.63 3.47
CA ARG G 345 62.04 40.15 2.26
C ARG G 345 60.89 41.06 1.85
N PRO G 346 60.59 41.17 0.56
CA PRO G 346 59.39 41.92 0.14
C PRO G 346 58.11 41.09 0.30
N ASN G 347 56.98 41.65 -0.17
CA ASN G 347 55.66 41.02 -0.11
C ASN G 347 55.30 40.64 1.33
N GLN G 348 55.63 41.54 2.25
CA GLN G 348 55.33 41.43 3.67
C GLN G 348 54.11 42.31 3.99
N LYS G 349 53.86 42.54 5.27
CA LYS G 349 52.67 43.26 5.69
C LYS G 349 53.06 44.66 6.13
N SER G 350 52.32 45.65 5.61
CA SER G 350 52.44 47.06 5.97
C SER G 350 52.62 47.28 7.46
N ALA G 351 53.70 47.98 7.82
CA ALA G 351 53.99 48.31 9.21
C ALA G 351 52.81 48.96 9.93
N LYS G 352 51.85 49.55 9.21
CA LYS G 352 50.65 50.02 9.90
C LYS G 352 49.71 48.87 10.24
N GLU G 353 49.72 47.80 9.45
CA GLU G 353 48.98 46.58 9.77
C GLU G 353 49.86 45.54 10.47
N CYS G 354 51.16 45.57 10.19
CA CYS G 354 52.15 44.73 10.86
C CYS G 354 52.64 45.39 12.14
N LEU G 355 53.02 44.54 13.09
CA LEU G 355 53.47 44.96 14.42
C LEU G 355 52.45 45.81 15.18
N PRO G 356 51.16 45.38 15.28
CA PRO G 356 50.27 45.96 16.28
C PRO G 356 50.49 45.28 17.62
N VAL G 357 49.54 45.41 18.55
CA VAL G 357 49.65 44.71 19.81
C VAL G 357 49.57 43.20 19.60
N VAL G 358 49.06 42.76 18.45
CA VAL G 358 49.10 41.33 18.11
C VAL G 358 50.55 40.84 18.11
N SER G 359 51.51 41.71 17.82
CA SER G 359 52.92 41.34 17.84
C SER G 359 53.50 41.35 19.24
N ARG G 360 52.64 41.34 20.26
CA ARG G 360 53.04 41.06 21.62
C ARG G 360 52.63 39.62 21.89
N PRO G 361 53.53 38.67 21.68
CA PRO G 361 53.17 37.26 21.81
C PRO G 361 52.90 36.85 23.25
N VAL G 362 52.33 35.66 23.38
CA VAL G 362 52.17 35.00 24.67
C VAL G 362 53.27 33.97 24.77
N ASP G 363 53.72 33.70 25.99
CA ASP G 363 54.85 32.80 26.21
C ASP G 363 54.55 31.36 25.81
N CYS G 364 53.30 31.02 25.48
CA CYS G 364 52.89 29.65 25.23
C CYS G 364 53.14 28.74 26.42
N SER G 365 53.26 29.35 27.61
CA SER G 365 53.39 28.62 28.87
C SER G 365 52.28 29.10 29.80
N LYS G 366 51.92 30.38 29.68
CA LYS G 366 50.80 30.93 30.44
C LYS G 366 49.47 30.69 29.75
N ASP G 367 49.48 30.23 28.49
CA ASP G 367 48.25 29.89 27.79
C ASP G 367 47.60 28.69 28.47
N LYS G 368 46.38 28.89 28.97
CA LYS G 368 45.67 27.84 29.68
C LYS G 368 45.28 26.66 28.82
N CYS G 369 45.34 26.78 27.49
CA CYS G 369 44.95 25.70 26.58
C CYS G 369 46.21 25.09 25.98
N ALA G 370 46.70 24.01 26.62
CA ALA G 370 47.89 23.27 26.22
C ALA G 370 49.20 24.05 26.36
N GLY G 371 49.12 25.33 26.72
CA GLY G 371 50.33 26.11 26.91
C GLY G 371 51.18 25.63 28.08
N GLY G 372 50.58 25.58 29.27
CA GLY G 372 51.29 25.15 30.45
C GLY G 372 51.22 23.65 30.70
N ARG H 10 55.04 15.46 -4.57
CA ARG H 10 54.73 14.17 -3.95
C ARG H 10 53.21 14.00 -3.79
N ARG H 11 52.76 12.75 -3.79
CA ARG H 11 51.35 12.40 -3.69
C ARG H 11 51.09 11.74 -2.35
N TYR H 12 50.42 12.45 -1.44
CA TYR H 12 50.08 11.94 -0.13
C TYR H 12 48.57 11.77 0.00
N ILE H 13 48.15 10.83 0.86
CA ILE H 13 46.73 10.55 1.01
C ILE H 13 46.08 11.51 2.00
N GLY H 14 46.85 12.14 2.89
CA GLY H 14 46.29 13.16 3.75
C GLY H 14 45.82 14.38 2.98
N TYR H 15 46.50 14.71 1.88
CA TYR H 15 46.09 15.80 1.00
C TYR H 15 45.08 15.34 -0.05
N ASP H 16 45.16 14.08 -0.48
CA ASP H 16 44.20 13.57 -1.46
C ASP H 16 42.81 13.37 -0.85
N ALA H 17 42.68 13.51 0.47
CA ALA H 17 41.36 13.46 1.10
C ALA H 17 40.55 14.69 0.76
N LEU H 18 41.22 15.78 0.36
CA LEU H 18 40.53 16.98 -0.12
C LEU H 18 39.78 16.69 -1.40
N LYS H 19 40.47 16.16 -2.41
CA LYS H 19 39.82 15.78 -3.67
C LYS H 19 38.62 14.88 -3.41
N LYS H 20 37.41 15.43 -3.54
CA LYS H 20 36.19 14.70 -3.27
C LYS H 20 36.06 13.43 -4.08
N ASN H 21 36.72 13.36 -5.24
CA ASN H 21 36.54 12.30 -6.21
C ASN H 21 37.52 11.14 -6.05
N ASN H 22 38.57 11.31 -5.24
CA ASN H 22 39.66 10.35 -5.23
C ASN H 22 39.40 9.20 -4.26
N VAL H 23 39.94 8.04 -4.63
CA VAL H 23 39.84 6.80 -3.86
C VAL H 23 41.23 6.19 -3.75
N PRO H 24 41.54 5.42 -2.70
CA PRO H 24 42.87 4.80 -2.61
C PRO H 24 43.12 3.74 -3.68
N CYS H 25 42.08 3.23 -4.34
CA CYS H 25 42.25 2.21 -5.37
C CYS H 25 41.23 2.43 -6.48
N SER H 26 41.72 2.59 -7.71
CA SER H 26 40.83 2.81 -8.85
C SER H 26 40.11 1.52 -9.24
N ARG H 27 40.77 0.37 -9.11
CA ARG H 27 40.17 -0.91 -9.47
C ARG H 27 38.99 -1.20 -8.54
N ARG H 28 37.79 -1.33 -9.13
CA ARG H 28 36.60 -1.56 -8.33
C ARG H 28 36.65 -2.95 -7.69
N GLY H 29 36.09 -3.05 -6.49
CA GLY H 29 36.02 -4.32 -5.78
C GLY H 29 37.22 -4.66 -4.93
N ARG H 30 38.41 -4.34 -5.43
CA ARG H 30 39.65 -4.67 -4.72
C ARG H 30 39.72 -3.90 -3.40
N SER H 31 40.39 -4.50 -2.43
CA SER H 31 40.58 -3.86 -1.13
C SER H 31 41.62 -2.75 -1.23
N TYR H 32 41.44 -1.72 -0.39
CA TYR H 32 42.41 -0.62 -0.35
C TYR H 32 43.77 -1.05 0.16
N TYR H 33 43.87 -2.21 0.81
CA TYR H 33 45.14 -2.64 1.37
C TYR H 33 46.06 -3.31 0.35
N ASP H 34 45.51 -3.83 -0.76
CA ASP H 34 46.33 -4.52 -1.75
C ASP H 34 46.43 -3.70 -3.03
N CYS H 35 45.30 -3.39 -3.66
CA CYS H 35 45.22 -2.67 -4.93
C CYS H 35 46.36 -3.07 -5.87
N LYS H 36 46.41 -4.35 -6.15
CA LYS H 36 47.38 -4.96 -7.06
C LYS H 36 46.57 -5.61 -8.19
N LYS H 37 47.22 -6.47 -8.97
CA LYS H 37 46.53 -7.08 -10.09
C LYS H 37 45.62 -8.18 -9.56
N ARG H 38 44.40 -8.23 -10.09
CA ARG H 38 43.30 -8.97 -9.48
C ARG H 38 43.17 -10.39 -10.03
N ARG H 39 44.25 -11.17 -9.99
CA ARG H 39 44.16 -12.59 -10.35
C ARG H 39 42.99 -13.28 -9.69
N ARG H 40 42.43 -12.67 -8.63
CA ARG H 40 41.18 -13.09 -8.03
C ARG H 40 40.73 -11.94 -7.14
N ASN H 41 39.59 -11.34 -7.47
CA ASN H 41 39.05 -10.22 -6.70
C ASN H 41 38.49 -10.68 -5.36
N ASN H 42 39.38 -11.19 -4.49
CA ASN H 42 38.98 -11.75 -3.21
C ASN H 42 38.92 -10.63 -2.17
N PRO H 43 37.74 -10.27 -1.66
CA PRO H 43 37.65 -9.21 -0.65
C PRO H 43 38.28 -9.57 0.69
N TYR H 44 38.63 -10.84 0.93
CA TYR H 44 39.25 -11.25 2.19
C TYR H 44 40.74 -11.45 2.01
N ARG H 45 41.40 -10.51 1.33
CA ARG H 45 42.84 -10.53 1.12
C ARG H 45 43.42 -9.18 1.52
N ARG H 46 44.57 -9.22 2.19
CA ARG H 46 45.18 -7.99 2.70
C ARG H 46 46.66 -8.27 2.92
N GLY H 47 47.50 -7.63 2.11
CA GLY H 47 48.94 -7.78 2.26
C GLY H 47 49.54 -6.65 3.07
N CYS H 48 49.22 -5.42 2.70
CA CYS H 48 49.75 -4.25 3.37
C CYS H 48 48.95 -3.93 4.64
N SER H 49 49.57 -3.19 5.54
CA SER H 49 49.01 -2.87 6.85
C SER H 49 48.51 -1.45 7.00
N ALA H 50 49.27 -0.47 6.52
CA ALA H 50 48.96 0.94 6.66
C ALA H 50 48.87 1.61 5.29
N ILE H 51 48.00 2.60 5.18
CA ILE H 51 47.61 3.16 3.89
C ILE H 51 48.48 4.39 3.63
N THR H 52 49.73 4.32 4.09
CA THR H 52 50.73 5.31 3.72
C THR H 52 51.95 4.70 3.04
N HIS H 53 52.34 3.47 3.40
CA HIS H 53 53.41 2.79 2.69
C HIS H 53 52.92 2.14 1.40
N CYS H 54 51.61 1.95 1.25
CA CYS H 54 51.01 1.34 0.05
C CYS H 54 49.90 2.24 -0.47
N TYR H 55 50.27 3.30 -1.18
CA TYR H 55 49.31 4.23 -1.77
C TYR H 55 49.43 4.16 -3.28
N ARG H 56 48.39 3.65 -3.94
CA ARG H 56 48.31 3.58 -5.39
C ARG H 56 49.51 2.85 -6.00
N LEU I 35 37.78 1.01 33.44
CA LEU I 35 38.52 -0.24 33.31
C LEU I 35 40.00 0.03 33.08
N ASP I 36 40.83 -0.39 34.04
CA ASP I 36 42.28 -0.20 34.00
C ASP I 36 43.02 -1.41 33.48
N LEU I 37 42.43 -2.13 32.53
CA LEU I 37 43.02 -3.36 32.00
C LEU I 37 43.28 -3.22 30.50
N LYS I 38 44.40 -3.79 30.06
CA LYS I 38 44.79 -3.78 28.65
C LYS I 38 44.85 -5.21 28.17
N PHE I 39 44.28 -5.45 26.99
CA PHE I 39 44.20 -6.79 26.42
C PHE I 39 45.00 -6.85 25.12
N ALA I 40 45.17 -8.08 24.61
CA ALA I 40 45.93 -8.26 23.38
C ALA I 40 45.21 -7.63 22.19
N ASN I 41 43.88 -7.71 22.16
CA ASN I 41 43.11 -7.07 21.10
C ASN I 41 41.77 -6.63 21.66
N ASN I 42 41.03 -5.86 20.86
CA ASN I 42 39.75 -5.32 21.29
C ASN I 42 38.66 -6.39 21.33
N ARG I 43 38.80 -7.47 20.56
CA ARG I 43 37.69 -8.40 20.41
C ARG I 43 37.49 -9.26 21.65
N LEU I 44 38.58 -9.66 22.31
CA LEU I 44 38.45 -10.37 23.58
C LEU I 44 38.17 -9.43 24.75
N LYS I 45 38.53 -8.15 24.63
CA LYS I 45 38.16 -7.19 25.66
C LYS I 45 36.65 -7.09 25.80
N ARG I 46 35.93 -7.07 24.68
CA ARG I 46 34.48 -7.10 24.74
C ARG I 46 34.00 -8.44 25.28
N ALA I 47 34.73 -9.52 25.00
CA ALA I 47 34.40 -10.83 25.55
C ALA I 47 34.61 -10.84 27.06
N TYR I 48 35.65 -10.16 27.53
CA TYR I 48 35.87 -10.04 28.97
C TYR I 48 34.71 -9.34 29.65
N ILE I 49 34.18 -8.29 29.02
CA ILE I 49 33.02 -7.59 29.58
C ILE I 49 31.83 -8.53 29.65
N ALA I 50 31.62 -9.33 28.61
CA ALA I 50 30.50 -10.26 28.60
C ALA I 50 30.70 -11.36 29.63
N LEU I 51 31.89 -11.96 29.67
CA LEU I 51 32.14 -13.05 30.60
C LEU I 51 32.08 -12.56 32.04
N GLN I 52 32.65 -11.39 32.33
CA GLN I 52 32.63 -10.86 33.68
C GLN I 52 31.20 -10.49 34.10
N ALA I 53 30.44 -9.88 33.18
CA ALA I 53 29.04 -9.60 33.45
C ALA I 53 28.23 -10.88 33.57
N TRP I 54 28.56 -11.90 32.77
CA TRP I 54 27.89 -13.19 32.87
C TRP I 54 28.33 -13.95 34.11
N LYS I 55 29.50 -13.62 34.67
CA LYS I 55 29.86 -14.14 35.98
C LYS I 55 28.96 -13.53 37.06
N LYS I 56 28.63 -12.24 36.91
CA LYS I 56 27.74 -11.58 37.86
C LYS I 56 26.33 -12.17 37.82
N ALA I 57 25.99 -12.91 36.76
CA ALA I 57 24.71 -13.59 36.66
C ALA I 57 24.76 -15.02 37.16
N PHE I 58 25.92 -15.49 37.64
CA PHE I 58 26.04 -16.85 38.17
C PHE I 58 25.49 -16.87 39.60
N TYR I 59 24.35 -17.53 39.77
CA TYR I 59 23.74 -17.64 41.08
C TYR I 59 24.26 -18.83 41.88
N SER I 60 24.83 -19.83 41.20
CA SER I 60 25.38 -21.00 41.88
C SER I 60 26.31 -21.73 40.93
N ASP I 61 27.32 -22.38 41.49
CA ASP I 61 28.25 -23.19 40.71
C ASP I 61 28.90 -24.22 41.63
N PRO I 62 28.27 -25.39 41.82
CA PRO I 62 28.84 -26.39 42.74
C PRO I 62 30.19 -26.92 42.29
N PHE I 63 30.47 -26.92 40.98
CA PHE I 63 31.76 -27.40 40.49
C PHE I 63 32.81 -26.30 40.43
N ASN I 64 32.42 -25.03 40.62
CA ASN I 64 33.35 -23.90 40.58
C ASN I 64 34.12 -23.84 39.27
N THR I 65 33.51 -24.27 38.17
CA THR I 65 34.17 -24.22 36.88
C THR I 65 34.35 -22.78 36.39
N ALA I 66 33.65 -21.82 36.98
CA ALA I 66 33.75 -20.41 36.62
C ALA I 66 34.60 -19.61 37.61
N ALA I 67 35.09 -20.24 38.68
CA ALA I 67 35.89 -19.52 39.68
C ALA I 67 37.21 -19.02 39.11
N ASN I 68 37.69 -19.59 38.01
CA ASN I 68 38.94 -19.15 37.38
C ASN I 68 38.76 -17.86 36.59
N TRP I 69 37.54 -17.37 36.43
CA TRP I 69 37.25 -16.27 35.52
C TRP I 69 37.63 -14.93 36.15
N VAL I 70 38.94 -14.75 36.33
CA VAL I 70 39.52 -13.47 36.74
C VAL I 70 40.86 -13.31 36.02
N GLY I 71 41.14 -12.09 35.57
CA GLY I 71 42.39 -11.79 34.89
C GLY I 71 42.25 -11.52 33.41
N PRO I 72 43.30 -10.92 32.82
CA PRO I 72 43.24 -10.57 31.40
C PRO I 72 43.49 -11.73 30.45
N ASP I 73 44.10 -12.82 30.91
CA ASP I 73 44.39 -13.97 30.05
C ASP I 73 43.07 -14.72 29.81
N VAL I 74 42.26 -14.16 28.91
CA VAL I 74 40.92 -14.70 28.67
C VAL I 74 41.00 -16.12 28.13
N CYS I 75 42.00 -16.40 27.30
CA CYS I 75 42.14 -17.74 26.72
C CYS I 75 42.42 -18.82 27.76
N SER I 76 42.80 -18.45 28.98
CA SER I 76 43.03 -19.41 30.05
C SER I 76 41.82 -19.59 30.95
N TYR I 77 40.73 -18.86 30.69
CA TYR I 77 39.50 -19.05 31.42
C TYR I 77 38.99 -20.48 31.24
N LYS I 78 38.45 -21.05 32.32
CA LYS I 78 37.89 -22.39 32.24
C LYS I 78 36.60 -22.38 31.42
N GLY I 79 36.55 -23.22 30.39
CA GLY I 79 35.35 -23.38 29.57
C GLY I 79 35.47 -22.72 28.20
N VAL I 80 36.29 -21.68 28.08
CA VAL I 80 36.42 -20.95 26.84
C VAL I 80 37.66 -21.43 26.10
N PHE I 81 37.64 -21.25 24.78
CA PHE I 81 38.70 -21.74 23.90
C PHE I 81 38.95 -20.70 22.82
N CYS I 82 40.22 -20.52 22.48
CA CYS I 82 40.63 -19.49 21.52
C CYS I 82 41.17 -20.13 20.25
N ALA I 83 41.13 -19.35 19.17
CA ALA I 83 41.61 -19.78 17.87
C ALA I 83 42.01 -18.53 17.07
N PRO I 84 42.91 -18.67 16.11
CA PRO I 84 43.24 -17.52 15.25
C PRO I 84 42.01 -17.05 14.49
N ALA I 85 41.78 -15.74 14.52
CA ALA I 85 40.57 -15.18 13.95
C ALA I 85 40.51 -15.45 12.44
N LEU I 86 39.33 -15.84 11.97
CA LEU I 86 39.12 -16.10 10.55
C LEU I 86 39.30 -14.85 9.71
N ASP I 87 39.14 -13.66 10.28
CA ASP I 87 39.41 -12.43 9.55
C ASP I 87 40.89 -12.33 9.20
N ASP I 88 41.76 -12.51 10.19
CA ASP I 88 43.20 -12.50 10.01
C ASP I 88 43.81 -13.37 11.11
N PRO I 89 44.63 -14.36 10.74
CA PRO I 89 45.25 -15.22 11.76
C PRO I 89 46.17 -14.50 12.74
N SER I 90 46.48 -13.23 12.50
CA SER I 90 47.39 -12.52 13.39
C SER I 90 46.82 -12.36 14.80
N VAL I 91 45.51 -12.17 14.91
CA VAL I 91 44.86 -11.92 16.19
C VAL I 91 44.09 -13.17 16.61
N LEU I 92 44.09 -13.44 17.91
CA LEU I 92 43.31 -14.54 18.50
C LEU I 92 42.11 -13.95 19.22
N VAL I 93 40.98 -14.65 19.14
CA VAL I 93 39.71 -14.16 19.66
C VAL I 93 39.02 -15.29 20.40
N VAL I 94 38.07 -14.93 21.26
CA VAL I 94 37.24 -15.92 21.94
C VAL I 94 36.36 -16.57 20.88
N ALA I 95 36.65 -17.82 20.57
CA ALA I 95 35.98 -18.52 19.48
C ALA I 95 34.91 -19.50 19.92
N GLY I 96 34.99 -20.04 21.14
CA GLY I 96 34.00 -20.99 21.60
C GLY I 96 33.95 -21.08 23.10
N ILE I 97 32.78 -21.47 23.62
CA ILE I 97 32.56 -21.67 25.04
C ILE I 97 31.87 -23.02 25.23
N ASP I 98 32.46 -23.86 26.09
CA ASP I 98 31.92 -25.19 26.36
C ASP I 98 31.87 -25.40 27.88
N LEU I 99 30.66 -25.50 28.41
CA LEU I 99 30.42 -25.72 29.84
C LEU I 99 29.41 -26.83 30.04
N ASN I 100 29.60 -27.93 29.33
CA ASN I 100 28.67 -29.04 29.42
C ASN I 100 28.80 -29.73 30.78
N HIS I 101 27.71 -30.38 31.20
CA HIS I 101 27.59 -31.14 32.44
C HIS I 101 27.70 -30.27 33.69
N ALA I 102 28.00 -28.98 33.55
CA ALA I 102 28.10 -28.05 34.69
C ALA I 102 26.74 -27.80 35.28
N ASP I 103 26.68 -27.72 36.61
CA ASP I 103 25.47 -27.48 37.39
C ASP I 103 25.33 -26.02 37.76
N ILE I 104 25.69 -25.14 36.83
CA ILE I 104 25.77 -23.71 37.08
C ILE I 104 24.43 -23.06 36.76
N ALA I 105 23.96 -22.23 37.69
CA ALA I 105 22.64 -21.60 37.63
C ALA I 105 22.78 -20.09 37.48
N GLY I 106 21.73 -19.48 36.95
CA GLY I 106 21.71 -18.06 36.73
C GLY I 106 20.82 -17.72 35.55
N TYR I 107 21.09 -16.57 34.94
CA TYR I 107 20.39 -16.14 33.75
C TYR I 107 21.39 -15.65 32.72
N LEU I 108 20.92 -15.56 31.47
CA LEU I 108 21.77 -15.08 30.38
C LEU I 108 21.53 -13.59 30.20
N PRO I 109 22.49 -12.73 30.54
CA PRO I 109 22.28 -11.29 30.39
C PRO I 109 22.39 -10.87 28.95
N PRO I 110 21.81 -9.72 28.57
CA PRO I 110 21.93 -9.25 27.19
C PRO I 110 23.33 -8.83 26.80
N GLU I 111 24.25 -8.70 27.76
CA GLU I 111 25.64 -8.34 27.49
C GLU I 111 26.40 -9.42 26.74
N LEU I 112 25.80 -10.59 26.51
CA LEU I 112 26.47 -11.66 25.76
C LEU I 112 26.62 -11.33 24.28
N GLY I 113 26.02 -10.24 23.81
CA GLY I 113 26.18 -9.83 22.42
C GLY I 113 27.59 -9.45 22.04
N LEU I 114 28.42 -9.09 23.02
CA LEU I 114 29.82 -8.77 22.74
C LEU I 114 30.61 -9.97 22.28
N LEU I 115 30.10 -11.18 22.51
CA LEU I 115 30.75 -12.41 22.06
C LEU I 115 30.47 -12.60 20.57
N THR I 116 31.07 -11.72 19.77
CA THR I 116 30.74 -11.68 18.35
C THR I 116 31.36 -12.85 17.58
N ASP I 117 32.69 -12.99 17.64
CA ASP I 117 33.39 -14.03 16.90
C ASP I 117 33.18 -15.44 17.46
N VAL I 118 32.42 -15.61 18.55
CA VAL I 118 32.25 -16.94 19.11
C VAL I 118 31.36 -17.77 18.19
N ALA I 119 31.69 -19.06 18.04
CA ALA I 119 30.98 -19.99 17.20
C ALA I 119 30.46 -21.21 17.93
N LEU I 120 31.11 -21.62 19.03
CA LEU I 120 30.74 -22.80 19.78
C LEU I 120 30.20 -22.40 21.14
N PHE I 121 29.00 -22.87 21.47
CA PHE I 121 28.28 -22.47 22.67
C PHE I 121 27.70 -23.71 23.37
N HIS I 122 28.55 -24.63 23.78
CA HIS I 122 28.10 -25.92 24.31
C HIS I 122 27.83 -25.78 25.81
N VAL I 123 26.56 -25.64 26.17
CA VAL I 123 26.16 -25.53 27.58
C VAL I 123 25.07 -26.56 27.88
N ASN I 124 25.48 -27.78 28.19
CA ASN I 124 24.56 -28.87 28.48
C ASN I 124 24.38 -29.04 29.99
N SER I 125 23.19 -29.50 30.37
CA SER I 125 22.93 -29.96 31.74
C SER I 125 23.16 -28.86 32.77
N ASN I 126 22.79 -27.63 32.42
CA ASN I 126 23.01 -26.50 33.30
C ASN I 126 21.67 -26.01 33.85
N ARG I 127 21.73 -24.99 34.70
CA ARG I 127 20.56 -24.57 35.45
C ARG I 127 20.33 -23.08 35.31
N PHE I 128 20.45 -22.58 34.09
CA PHE I 128 20.14 -21.20 33.76
C PHE I 128 18.63 -20.99 33.61
N CYS I 129 18.22 -19.73 33.72
CA CYS I 129 16.82 -19.37 33.54
C CYS I 129 16.74 -18.18 32.59
N GLY I 130 15.52 -17.75 32.30
CA GLY I 130 15.30 -16.66 31.37
C GLY I 130 15.38 -17.05 29.91
N VAL I 131 14.62 -16.37 29.06
CA VAL I 131 14.63 -16.64 27.63
C VAL I 131 15.96 -16.22 27.02
N ILE I 132 16.30 -16.84 25.89
CA ILE I 132 17.51 -16.45 25.16
C ILE I 132 17.40 -14.98 24.79
N PRO I 133 18.42 -14.16 25.05
CA PRO I 133 18.28 -12.72 24.82
C PRO I 133 18.15 -12.39 23.34
N LYS I 134 17.34 -11.36 23.04
CA LYS I 134 17.17 -10.91 21.67
C LYS I 134 18.47 -10.33 21.12
N SER I 135 19.29 -9.72 21.98
CA SER I 135 20.54 -9.11 21.55
C SER I 135 21.56 -10.13 21.06
N LEU I 136 21.31 -11.42 21.28
CA LEU I 136 22.21 -12.47 20.82
C LEU I 136 22.25 -12.60 19.29
N SER I 137 21.41 -11.86 18.57
CA SER I 137 21.43 -11.89 17.11
C SER I 137 22.71 -11.35 16.52
N LYS I 138 23.53 -10.64 17.31
CA LYS I 138 24.81 -10.15 16.81
C LYS I 138 25.85 -11.24 16.65
N LEU I 139 25.51 -12.49 16.98
CA LEU I 139 26.45 -13.61 16.89
C LEU I 139 26.33 -14.30 15.54
N THR I 140 26.68 -13.54 14.49
CA THR I 140 26.53 -14.02 13.13
C THR I 140 27.38 -15.25 12.81
N LEU I 141 28.45 -15.49 13.58
CA LEU I 141 29.36 -16.59 13.32
C LEU I 141 29.03 -17.85 14.14
N MET I 142 27.90 -17.88 14.82
CA MET I 142 27.54 -19.04 15.64
C MET I 142 27.33 -20.26 14.75
N TYR I 143 28.06 -21.34 15.05
CA TYR I 143 27.99 -22.58 14.28
C TYR I 143 27.38 -23.74 15.05
N GLU I 144 27.61 -23.82 16.37
CA GLU I 144 27.06 -24.90 17.17
C GLU I 144 26.40 -24.33 18.42
N PHE I 145 25.15 -24.76 18.66
CA PHE I 145 24.33 -24.29 19.76
C PHE I 145 23.82 -25.53 20.47
N ASP I 146 24.17 -25.67 21.74
CA ASP I 146 24.03 -26.93 22.48
C ASP I 146 23.24 -26.71 23.75
N VAL I 147 21.98 -26.34 23.59
CA VAL I 147 21.06 -26.14 24.69
C VAL I 147 20.31 -27.44 24.93
N SER I 148 20.61 -28.10 26.05
CA SER I 148 19.97 -29.36 26.36
C SER I 148 20.01 -29.55 27.87
N ASN I 149 18.94 -30.16 28.40
CA ASN I 149 18.82 -30.42 29.83
C ASN I 149 19.03 -29.13 30.63
N ASN I 150 18.26 -28.10 30.29
CA ASN I 150 18.37 -26.82 30.96
C ASN I 150 16.98 -26.38 31.38
N ARG I 151 16.91 -25.47 32.35
CA ARG I 151 15.62 -25.01 32.83
C ARG I 151 15.28 -23.57 32.44
N PHE I 152 16.08 -22.94 31.57
CA PHE I 152 15.69 -21.62 31.07
C PHE I 152 14.54 -21.81 30.10
N VAL I 153 13.41 -21.17 30.37
CA VAL I 153 12.18 -21.39 29.63
C VAL I 153 11.68 -20.10 28.98
N GLY I 154 11.81 -20.03 27.66
CA GLY I 154 11.19 -18.97 26.89
C GLY I 154 9.97 -19.51 26.17
N PRO I 155 9.34 -18.68 25.34
CA PRO I 155 8.40 -19.24 24.34
C PRO I 155 9.13 -20.02 23.25
N PHE I 156 10.06 -19.34 22.57
CA PHE I 156 10.89 -19.93 21.53
C PHE I 156 11.94 -18.92 21.09
N PRO I 157 13.17 -19.34 20.81
CA PRO I 157 14.20 -18.35 20.42
C PRO I 157 14.00 -17.83 19.01
N THR I 158 13.39 -16.66 18.88
CA THR I 158 13.27 -16.00 17.59
C THR I 158 14.60 -15.52 17.03
N VAL I 159 15.69 -15.74 17.76
CA VAL I 159 17.04 -15.35 17.34
C VAL I 159 17.75 -16.55 16.72
N ALA I 160 17.57 -17.74 17.30
CA ALA I 160 18.14 -18.96 16.72
C ALA I 160 17.84 -19.13 15.23
N LEU I 161 16.97 -18.31 14.64
CA LEU I 161 16.69 -18.37 13.22
C LEU I 161 17.44 -17.32 12.41
N SER I 162 17.99 -16.30 13.07
CA SER I 162 18.71 -15.25 12.36
C SER I 162 20.13 -15.66 12.03
N TRP I 163 20.74 -16.52 12.84
CA TRP I 163 22.08 -17.03 12.64
C TRP I 163 22.18 -17.73 11.30
N PRO I 164 22.88 -17.14 10.32
CA PRO I 164 22.89 -17.77 8.98
C PRO I 164 23.77 -19.00 8.90
N SER I 165 24.91 -19.00 9.58
CA SER I 165 25.83 -20.13 9.51
C SER I 165 25.45 -21.25 10.47
N LEU I 166 24.43 -21.06 11.29
CA LEU I 166 24.06 -22.09 12.26
C LEU I 166 23.49 -23.31 11.55
N LYS I 167 24.07 -24.47 11.82
CA LYS I 167 23.58 -25.73 11.28
C LYS I 167 23.30 -26.79 12.33
N PHE I 168 23.86 -26.68 13.52
CA PHE I 168 23.64 -27.63 14.60
C PHE I 168 22.89 -26.91 15.71
N LEU I 169 21.69 -27.42 16.02
CA LEU I 169 20.81 -26.82 17.02
C LEU I 169 20.21 -27.92 17.87
N ASP I 170 20.33 -27.77 19.18
CA ASP I 170 19.78 -28.73 20.13
C ASP I 170 18.93 -27.97 21.14
N ILE I 171 17.66 -28.36 21.24
CA ILE I 171 16.73 -27.88 22.26
C ILE I 171 16.04 -29.08 22.86
N ARG I 172 16.45 -29.51 24.05
CA ARG I 172 15.85 -30.71 24.61
C ARG I 172 15.74 -30.60 26.12
N TYR I 173 14.68 -31.22 26.66
CA TYR I 173 14.36 -31.18 28.09
C TYR I 173 14.27 -29.75 28.60
N ASN I 174 13.51 -28.93 27.86
CA ASN I 174 13.20 -27.57 28.28
C ASN I 174 11.70 -27.38 28.17
N ASP I 175 11.19 -26.37 28.87
CA ASP I 175 9.76 -26.05 28.79
C ASP I 175 9.57 -24.80 27.90
N PHE I 176 9.84 -24.98 26.62
CA PHE I 176 9.51 -23.98 25.63
C PHE I 176 8.07 -24.20 25.19
N GLU I 177 7.43 -23.13 24.71
CA GLU I 177 5.99 -23.16 24.49
C GLU I 177 5.60 -22.68 23.11
N GLY I 178 4.41 -23.09 22.70
CA GLY I 178 3.74 -22.55 21.54
C GLY I 178 4.03 -23.28 20.24
N LYS I 179 3.84 -22.55 19.15
CA LYS I 179 3.97 -23.06 17.80
C LYS I 179 5.41 -22.99 17.32
N LEU I 180 5.77 -23.94 16.45
CA LEU I 180 7.04 -23.87 15.75
C LEU I 180 6.87 -23.09 14.45
N PRO I 181 7.56 -21.98 14.26
CA PRO I 181 7.35 -21.16 13.06
C PRO I 181 7.82 -21.88 11.82
N PRO I 182 7.06 -21.80 10.72
CA PRO I 182 7.47 -22.50 9.49
C PRO I 182 8.77 -21.97 8.88
N GLU I 183 9.26 -20.81 9.33
CA GLU I 183 10.48 -20.24 8.79
C GLU I 183 11.72 -21.04 9.15
N ILE I 184 11.62 -22.02 10.07
CA ILE I 184 12.79 -22.75 10.50
C ILE I 184 13.25 -23.74 9.44
N PHE I 185 12.32 -24.37 8.72
CA PHE I 185 12.69 -25.43 7.80
C PHE I 185 13.19 -24.92 6.45
N ASP I 186 12.96 -23.66 6.11
CA ASP I 186 13.46 -23.12 4.86
C ASP I 186 14.98 -23.03 4.82
N LYS I 187 15.63 -23.01 5.98
CA LYS I 187 17.07 -22.87 6.08
C LYS I 187 17.79 -24.21 5.98
N ASP I 188 19.01 -24.18 5.46
CA ASP I 188 19.87 -25.36 5.32
C ASP I 188 20.44 -25.71 6.69
N LEU I 189 19.70 -26.48 7.45
CA LEU I 189 20.12 -26.94 8.77
C LEU I 189 20.64 -28.38 8.69
N ASP I 190 21.47 -28.75 9.67
CA ASP I 190 22.03 -30.09 9.73
C ASP I 190 21.50 -30.92 10.90
N ALA I 191 21.05 -30.28 11.98
CA ALA I 191 20.53 -31.00 13.12
C ALA I 191 19.51 -30.15 13.85
N ILE I 192 18.39 -30.77 14.21
CA ILE I 192 17.31 -30.09 14.94
C ILE I 192 16.86 -31.03 16.06
N PHE I 193 16.92 -30.56 17.30
CA PHE I 193 16.47 -31.34 18.45
C PHE I 193 15.37 -30.58 19.16
N LEU I 194 14.21 -31.23 19.34
CA LEU I 194 13.08 -30.58 19.98
C LEU I 194 12.35 -31.52 20.93
N ASN I 195 12.98 -32.62 21.33
CA ASN I 195 12.30 -33.63 22.14
C ASN I 195 12.17 -33.20 23.59
N ASN I 196 11.14 -33.74 24.26
CA ASN I 196 10.88 -33.49 25.67
C ASN I 196 10.67 -32.01 25.95
N ASN I 197 9.88 -31.36 25.09
CA ASN I 197 9.52 -29.96 25.25
C ASN I 197 8.00 -29.84 25.16
N ARG I 198 7.47 -28.63 25.05
CA ARG I 198 6.03 -28.40 24.94
C ARG I 198 5.77 -27.47 23.75
N PHE I 199 5.69 -28.06 22.57
CA PHE I 199 5.38 -27.34 21.34
C PHE I 199 3.97 -27.72 20.89
N GLU I 200 3.27 -26.76 20.29
CA GLU I 200 1.82 -26.85 20.20
C GLU I 200 1.24 -26.73 18.79
N SER I 201 0.16 -27.49 18.60
CA SER I 201 -0.83 -27.52 17.53
C SER I 201 -0.47 -28.12 16.17
N THR I 202 0.81 -28.20 15.78
CA THR I 202 1.19 -28.91 14.55
C THR I 202 2.67 -28.81 14.17
N ILE I 203 3.12 -29.75 13.36
CA ILE I 203 4.39 -29.62 12.65
C ILE I 203 4.16 -28.76 11.41
N PRO I 204 4.98 -27.73 11.16
CA PRO I 204 4.72 -26.86 10.00
C PRO I 204 4.79 -27.62 8.68
N GLU I 205 4.01 -27.16 7.71
CA GLU I 205 4.01 -27.77 6.39
C GLU I 205 5.32 -27.56 5.65
N THR I 206 6.12 -26.58 6.05
CA THR I 206 7.40 -26.29 5.41
C THR I 206 8.47 -27.33 5.73
N ILE I 207 8.14 -28.38 6.49
CA ILE I 207 9.12 -29.37 6.92
C ILE I 207 9.85 -30.00 5.74
N GLY I 208 9.20 -30.09 4.58
CA GLY I 208 9.83 -30.73 3.44
C GLY I 208 11.04 -30.02 2.89
N LYS I 209 11.14 -28.70 3.13
CA LYS I 209 12.24 -27.90 2.61
C LYS I 209 13.53 -28.00 3.41
N SER I 210 13.54 -28.74 4.52
CA SER I 210 14.69 -28.73 5.43
C SER I 210 15.76 -29.74 5.01
N THR I 211 17.01 -29.28 5.06
CA THR I 211 18.19 -30.13 4.89
C THR I 211 18.51 -30.96 6.13
N ALA I 212 17.94 -30.61 7.29
CA ALA I 212 18.19 -31.26 8.58
C ALA I 212 18.39 -32.77 8.48
N SER I 213 19.64 -33.21 8.69
CA SER I 213 19.94 -34.64 8.67
C SER I 213 19.17 -35.39 9.75
N VAL I 214 19.14 -34.85 10.96
CA VAL I 214 18.44 -35.46 12.08
C VAL I 214 17.48 -34.44 12.67
N VAL I 215 16.27 -34.89 12.99
CA VAL I 215 15.28 -34.04 13.64
C VAL I 215 14.53 -34.88 14.67
N THR I 216 14.16 -34.24 15.78
CA THR I 216 13.50 -34.93 16.90
C THR I 216 12.34 -34.07 17.38
N PHE I 217 11.13 -34.63 17.32
CA PHE I 217 9.93 -33.96 17.81
C PHE I 217 9.33 -34.68 19.02
N ALA I 218 10.14 -35.44 19.75
CA ALA I 218 9.60 -36.38 20.71
C ALA I 218 9.03 -35.67 21.94
N HIS I 219 8.12 -36.37 22.63
CA HIS I 219 7.49 -35.89 23.86
C HIS I 219 7.04 -34.43 23.73
N ASN I 220 6.31 -34.14 22.66
CA ASN I 220 5.77 -32.82 22.41
C ASN I 220 4.27 -32.93 22.19
N LYS I 221 3.59 -31.79 22.24
CA LYS I 221 2.12 -31.75 22.16
C LYS I 221 1.63 -31.30 20.79
N PHE I 222 2.26 -31.74 19.70
CA PHE I 222 1.73 -31.43 18.37
C PHE I 222 0.42 -32.17 18.18
N SER I 223 -0.66 -31.45 17.96
CA SER I 223 -1.95 -32.08 17.72
C SER I 223 -2.19 -32.24 16.22
N GLY I 224 -3.25 -33.00 15.90
CA GLY I 224 -3.62 -33.20 14.52
C GLY I 224 -2.93 -34.42 13.95
N CYS I 225 -2.94 -34.50 12.62
CA CYS I 225 -2.24 -35.56 11.90
C CYS I 225 -1.01 -34.98 11.23
N ILE I 226 -0.07 -35.86 10.88
CA ILE I 226 1.10 -35.42 10.14
C ILE I 226 0.67 -35.09 8.71
N PRO I 227 0.94 -33.89 8.22
CA PRO I 227 0.62 -33.58 6.83
C PRO I 227 1.50 -34.38 5.89
N LYS I 228 1.01 -34.61 4.67
CA LYS I 228 1.80 -35.30 3.67
C LYS I 228 2.63 -34.28 2.87
N THR I 229 3.52 -33.63 3.62
CA THR I 229 4.42 -32.61 3.08
C THR I 229 5.87 -33.07 3.13
N ILE I 230 6.11 -34.34 3.42
CA ILE I 230 7.44 -34.93 3.47
C ILE I 230 8.00 -34.83 2.05
N GLY I 231 9.31 -35.05 1.89
CA GLY I 231 9.90 -34.72 0.60
C GLY I 231 11.29 -34.13 0.73
N GLN I 232 11.82 -34.11 1.94
CA GLN I 232 13.20 -33.68 2.15
C GLN I 232 14.16 -34.61 1.42
N MET I 233 14.79 -34.09 0.37
CA MET I 233 15.70 -34.83 -0.48
C MET I 233 17.14 -34.74 0.00
N LYS I 234 17.95 -35.73 -0.42
CA LYS I 234 19.37 -35.90 -0.06
C LYS I 234 19.67 -35.55 1.39
N ASN I 235 18.80 -35.95 2.31
CA ASN I 235 19.00 -35.65 3.72
C ASN I 235 18.20 -36.67 4.54
N LEU I 236 17.96 -36.35 5.80
CA LEU I 236 17.26 -37.22 6.74
C LEU I 236 17.94 -38.58 6.93
N ASN I 237 19.01 -38.59 7.70
CA ASN I 237 19.68 -39.85 8.00
C ASN I 237 19.05 -40.53 9.21
N GLU I 238 18.39 -39.75 10.07
CA GLU I 238 17.67 -40.26 11.22
C GLU I 238 16.50 -39.32 11.48
N ILE I 239 15.46 -39.83 12.12
CA ILE I 239 14.31 -39.01 12.46
C ILE I 239 13.50 -39.72 13.53
N VAL I 240 12.99 -38.95 14.49
CA VAL I 240 12.22 -39.50 15.60
C VAL I 240 11.19 -38.47 16.04
N PHE I 241 9.98 -38.95 16.33
CA PHE I 241 8.92 -38.14 16.93
C PHE I 241 8.15 -38.97 17.95
N ILE I 242 8.88 -39.77 18.72
CA ILE I 242 8.28 -40.74 19.64
C ILE I 242 7.57 -40.03 20.78
N GLY I 243 6.39 -40.54 21.13
CA GLY I 243 5.67 -40.04 22.29
C GLY I 243 5.01 -38.69 22.09
N ASN I 244 4.38 -38.49 20.94
CA ASN I 244 3.66 -37.26 20.64
C ASN I 244 2.17 -37.55 20.55
N ASN I 245 1.36 -36.54 20.79
CA ASN I 245 -0.09 -36.70 20.70
C ASN I 245 -0.60 -36.30 19.32
N LEU I 246 0.02 -36.84 18.28
CA LEU I 246 -0.39 -36.61 16.90
C LEU I 246 -1.25 -37.77 16.43
N SER I 247 -2.15 -37.49 15.49
CA SER I 247 -3.07 -38.51 15.00
C SER I 247 -3.14 -38.50 13.48
N PRO I 251 -0.20 -40.03 4.42
CA PRO I 251 1.24 -39.78 4.32
C PRO I 251 1.97 -40.86 3.52
N ASN I 252 1.34 -41.34 2.45
CA ASN I 252 1.91 -42.40 1.63
C ASN I 252 3.24 -42.02 0.98
N GLU I 253 3.65 -40.77 1.08
CA GLU I 253 4.87 -40.22 0.48
C GLU I 253 6.15 -40.68 1.20
N ILE I 254 6.07 -41.57 2.19
CA ILE I 254 7.24 -41.99 2.94
C ILE I 254 8.24 -42.75 2.07
N GLY I 255 7.82 -43.22 0.89
CA GLY I 255 8.73 -43.97 0.03
C GLY I 255 9.89 -43.15 -0.50
N SER I 256 9.78 -41.82 -0.47
CA SER I 256 10.85 -40.94 -0.93
C SER I 256 12.06 -40.91 -0.01
N LEU I 257 11.99 -41.55 1.16
CA LEU I 257 13.09 -41.54 2.12
C LEU I 257 14.13 -42.57 1.68
N ASN I 258 14.89 -42.21 0.65
CA ASN I 258 15.88 -43.14 0.11
C ASN I 258 17.08 -43.30 1.05
N ASN I 259 17.51 -42.21 1.68
CA ASN I 259 18.70 -42.21 2.54
C ASN I 259 18.35 -42.13 4.03
N VAL I 260 17.29 -42.79 4.45
CA VAL I 260 16.91 -42.80 5.86
C VAL I 260 17.47 -44.05 6.53
N THR I 261 17.98 -43.89 7.75
CA THR I 261 18.56 -44.98 8.51
C THR I 261 17.77 -45.32 9.77
N VAL I 262 17.33 -44.30 10.51
CA VAL I 262 16.56 -44.48 11.74
C VAL I 262 15.23 -43.76 11.55
N PHE I 263 14.14 -44.49 11.74
CA PHE I 263 12.78 -43.96 11.61
C PHE I 263 11.97 -44.44 12.80
N ASP I 264 11.39 -43.50 13.56
CA ASP I 264 10.67 -43.85 14.77
C ASP I 264 9.34 -43.11 14.78
N ALA I 265 8.26 -43.84 15.04
CA ALA I 265 6.90 -43.28 15.09
C ALA I 265 6.12 -43.89 16.24
N SER I 266 6.78 -44.13 17.37
CA SER I 266 6.13 -44.81 18.47
C SER I 266 5.22 -43.86 19.25
N SER I 267 4.25 -44.45 19.96
CA SER I 267 3.40 -43.74 20.92
C SER I 267 2.61 -42.60 20.27
N ASN I 268 2.15 -42.81 19.04
CA ASN I 268 1.34 -41.81 18.36
C ASN I 268 -0.10 -42.29 18.24
N GLY I 269 -0.97 -41.38 17.81
CA GLY I 269 -2.38 -41.65 17.67
C GLY I 269 -2.82 -41.78 16.21
N PHE I 270 -1.87 -42.07 15.33
CA PHE I 270 -2.17 -42.18 13.90
C PHE I 270 -3.14 -43.32 13.64
N VAL I 271 -4.03 -43.11 12.68
CA VAL I 271 -5.03 -44.11 12.32
C VAL I 271 -4.92 -44.41 10.82
N GLY I 272 -5.26 -45.63 10.44
CA GLY I 272 -5.26 -46.08 9.07
C GLY I 272 -4.40 -47.31 8.88
N SER I 273 -4.21 -47.68 7.62
CA SER I 273 -3.40 -48.83 7.25
C SER I 273 -2.06 -48.38 6.70
N LEU I 274 -1.12 -49.31 6.67
CA LEU I 274 0.22 -49.02 6.17
C LEU I 274 0.19 -48.96 4.64
N PRO I 275 0.74 -47.91 4.03
CA PRO I 275 0.76 -47.83 2.57
C PRO I 275 1.74 -48.83 1.96
N SER I 276 1.49 -49.16 0.69
CA SER I 276 2.35 -50.10 -0.02
C SER I 276 3.69 -49.47 -0.36
N THR I 277 3.81 -48.14 -0.27
CA THR I 277 5.04 -47.43 -0.58
C THR I 277 6.11 -47.64 0.48
N LEU I 278 5.81 -48.36 1.56
CA LEU I 278 6.77 -48.60 2.62
C LEU I 278 7.98 -49.41 2.15
N SER I 279 7.92 -49.99 0.96
CA SER I 279 9.06 -50.70 0.39
C SER I 279 10.18 -49.78 -0.07
N GLY I 280 9.94 -48.47 -0.16
CA GLY I 280 10.99 -47.57 -0.62
C GLY I 280 12.00 -47.14 0.42
N LEU I 281 11.74 -47.35 1.70
CA LEU I 281 12.72 -47.04 2.75
C LEU I 281 13.67 -48.22 2.96
N ALA I 282 14.40 -48.54 1.88
CA ALA I 282 15.25 -49.72 1.87
C ALA I 282 16.45 -49.58 2.80
N ASN I 283 16.87 -48.35 3.10
CA ASN I 283 18.08 -48.12 3.86
C ASN I 283 17.84 -47.98 5.37
N VAL I 284 16.63 -48.24 5.85
CA VAL I 284 16.36 -48.09 7.27
C VAL I 284 17.08 -49.18 8.04
N GLU I 285 17.70 -48.81 9.16
CA GLU I 285 18.48 -49.74 9.96
C GLU I 285 17.83 -50.08 11.30
N GLN I 286 17.13 -49.13 11.91
CA GLN I 286 16.36 -49.40 13.12
C GLN I 286 15.06 -48.62 13.02
N MET I 287 13.96 -49.24 13.46
CA MET I 287 12.67 -48.58 13.41
C MET I 287 11.82 -49.01 14.60
N ASP I 288 11.03 -48.07 15.11
CA ASP I 288 10.11 -48.32 16.21
C ASP I 288 8.81 -47.57 15.94
N PHE I 289 7.67 -48.26 16.03
CA PHE I 289 6.38 -47.59 15.88
C PHE I 289 5.38 -48.11 16.89
N SER I 290 5.85 -48.58 18.04
CA SER I 290 5.06 -49.27 19.05
C SER I 290 4.19 -48.29 19.84
N TYR I 291 3.29 -48.84 20.64
CA TYR I 291 2.41 -48.06 21.51
C TYR I 291 1.49 -47.13 20.73
N ASN I 292 0.91 -47.64 19.64
CA ASN I 292 0.01 -46.84 18.81
C ASN I 292 -1.42 -47.37 18.96
N LYS I 293 -2.34 -46.75 18.21
CA LYS I 293 -3.76 -47.10 18.28
C LYS I 293 -4.34 -47.32 16.89
N PHE I 294 -3.69 -48.13 16.07
CA PHE I 294 -4.20 -48.42 14.74
C PHE I 294 -3.74 -49.82 14.33
N THR I 295 -4.63 -50.50 13.60
CA THR I 295 -4.35 -51.82 13.01
C THR I 295 -2.92 -52.01 12.53
N VAL I 298 -0.48 -56.80 8.09
CA VAL I 298 0.95 -56.56 8.10
C VAL I 298 1.58 -57.03 6.78
N THR I 299 2.37 -56.15 6.17
CA THR I 299 3.05 -56.48 4.92
C THR I 299 4.26 -57.37 5.19
N ASP I 300 4.49 -58.31 4.28
CA ASP I 300 5.62 -59.23 4.38
C ASP I 300 6.95 -58.58 4.02
N ASN I 301 6.91 -57.36 3.48
CA ASN I 301 8.12 -56.66 3.03
C ASN I 301 9.07 -56.28 4.16
N ILE I 302 8.77 -56.61 5.41
CA ILE I 302 9.66 -56.20 6.49
C ILE I 302 10.96 -56.98 6.43
N CYS I 303 10.90 -58.25 6.03
CA CYS I 303 12.09 -59.07 5.83
C CYS I 303 12.84 -58.69 4.56
N LYS I 304 12.26 -57.82 3.72
CA LYS I 304 12.88 -57.37 2.50
C LYS I 304 13.61 -56.04 2.69
N LEU I 305 13.92 -55.68 3.94
CA LEU I 305 14.76 -54.53 4.19
C LEU I 305 16.10 -55.05 4.71
N PRO I 306 17.20 -54.79 3.99
CA PRO I 306 18.48 -55.41 4.37
C PRO I 306 19.11 -54.82 5.62
N LYS I 307 18.78 -53.59 5.99
CA LYS I 307 19.46 -52.92 7.09
C LYS I 307 18.71 -52.97 8.42
N LEU I 308 17.41 -53.24 8.39
CA LEU I 308 16.63 -53.25 9.63
C LEU I 308 17.11 -54.34 10.56
N SER I 309 17.35 -53.97 11.82
CA SER I 309 17.82 -54.91 12.84
C SER I 309 16.90 -54.98 14.05
N ASN I 310 16.53 -53.85 14.64
CA ASN I 310 15.66 -53.80 15.81
C ASN I 310 14.34 -53.18 15.39
N PHE I 311 13.26 -53.96 15.50
CA PHE I 311 11.93 -53.50 15.10
C PHE I 311 10.93 -53.89 16.17
N THR I 312 10.15 -52.91 16.64
CA THR I 312 9.13 -53.12 17.66
C THR I 312 7.75 -53.18 17.03
N PHE I 313 6.96 -54.18 17.43
CA PHE I 313 5.57 -54.29 17.00
C PHE I 313 4.65 -54.30 18.21
N SER I 314 5.14 -53.90 19.37
CA SER I 314 4.36 -54.06 20.58
C SER I 314 3.21 -53.06 20.67
N TYR I 315 2.18 -53.45 21.42
CA TYR I 315 1.05 -52.58 21.75
C TYR I 315 0.40 -51.98 20.51
N ASN I 316 0.14 -52.83 19.52
CA ASN I 316 -0.41 -52.41 18.23
C ASN I 316 -1.54 -53.35 17.85
N PHE I 317 -2.72 -52.78 17.61
CA PHE I 317 -3.88 -53.55 17.17
C PHE I 317 -3.59 -54.31 15.88
N ALA I 322 3.94 -60.82 9.53
CA ALA I 322 5.38 -60.67 9.40
C ALA I 322 6.00 -61.94 8.84
N GLN I 323 7.15 -61.79 8.17
CA GLN I 323 7.86 -62.91 7.58
C GLN I 323 8.87 -63.48 8.57
N SER I 324 9.14 -64.78 8.44
CA SER I 324 9.87 -65.60 9.40
C SER I 324 11.37 -65.26 9.52
N CYS I 325 11.93 -64.23 8.89
CA CYS I 325 13.37 -63.97 9.03
C CYS I 325 13.72 -63.53 10.45
N LYS I 333 18.47 -60.65 13.13
CA LYS I 333 17.59 -59.52 13.37
C LYS I 333 16.75 -59.74 14.63
N GLN I 334 16.35 -58.64 15.27
CA GLN I 334 15.62 -58.69 16.53
C GLN I 334 14.30 -57.95 16.37
N PHE I 335 13.19 -58.67 16.60
CA PHE I 335 11.87 -58.09 16.51
C PHE I 335 11.06 -58.42 17.76
N ASP I 336 10.14 -57.51 18.10
CA ASP I 336 9.31 -57.64 19.29
C ASP I 336 7.85 -57.52 18.86
N ASP I 337 7.05 -58.53 19.21
CA ASP I 337 5.65 -58.60 18.79
C ASP I 337 4.75 -58.99 19.96
N THR I 338 4.73 -58.16 21.00
CA THR I 338 4.00 -58.43 22.22
C THR I 338 2.83 -57.47 22.36
N SER I 339 1.71 -57.98 22.89
CA SER I 339 0.48 -57.20 23.04
C SER I 339 -0.07 -56.75 21.69
N ASN I 340 -0.02 -57.63 20.70
CA ASN I 340 -0.60 -57.42 19.38
C ASN I 340 -1.89 -58.23 19.26
N CYS I 341 -2.43 -58.31 18.04
CA CYS I 341 -3.66 -59.05 17.77
C CYS I 341 -3.43 -60.28 16.90
N LEU I 342 -2.38 -61.04 17.18
CA LEU I 342 -2.15 -62.32 16.51
C LEU I 342 -2.55 -63.43 17.47
N GLN I 343 -3.68 -64.07 17.23
CA GLN I 343 -4.19 -65.08 18.15
C GLN I 343 -3.29 -66.32 18.20
N ASN I 344 -2.56 -66.60 17.13
CA ASN I 344 -1.73 -67.80 17.09
C ASN I 344 -0.49 -67.70 17.98
N ARG I 345 -0.02 -66.49 18.26
CA ARG I 345 1.17 -66.21 19.06
C ARG I 345 0.78 -65.96 20.51
N PRO I 346 1.64 -66.25 21.48
CA PRO I 346 1.34 -65.95 22.88
C PRO I 346 1.59 -64.49 23.22
N ASN I 347 1.33 -64.15 24.49
CA ASN I 347 1.53 -62.81 25.04
C ASN I 347 0.88 -61.74 24.17
N GLN I 348 -0.31 -62.04 23.67
CA GLN I 348 -1.10 -61.17 22.83
C GLN I 348 -2.21 -60.51 23.64
N LYS I 349 -3.16 -59.88 22.95
CA LYS I 349 -4.22 -59.10 23.57
C LYS I 349 -5.52 -59.88 23.46
N SER I 350 -6.25 -59.95 24.59
CA SER I 350 -7.56 -60.57 24.70
C SER I 350 -8.42 -60.35 23.47
N ALA I 351 -8.76 -61.46 22.79
CA ALA I 351 -9.59 -61.42 21.60
C ALA I 351 -10.91 -60.67 21.80
N LYS I 352 -11.41 -60.58 23.04
CA LYS I 352 -12.60 -59.77 23.30
C LYS I 352 -12.30 -58.28 23.32
N GLU I 353 -11.05 -57.90 23.59
CA GLU I 353 -10.65 -56.50 23.54
C GLU I 353 -10.12 -56.11 22.17
N CYS I 354 -9.59 -57.06 21.42
CA CYS I 354 -9.14 -56.82 20.06
C CYS I 354 -10.32 -56.93 19.09
N LEU I 355 -10.11 -56.39 17.88
CA LEU I 355 -11.11 -56.29 16.84
C LEU I 355 -12.36 -55.52 17.28
N PRO I 356 -12.21 -54.28 17.80
CA PRO I 356 -13.39 -53.42 17.94
C PRO I 356 -13.78 -52.77 16.62
N VAL I 357 -14.63 -51.75 16.69
CA VAL I 357 -15.08 -51.06 15.48
C VAL I 357 -13.90 -50.37 14.79
N VAL I 358 -13.11 -49.60 15.55
CA VAL I 358 -11.92 -48.95 14.97
C VAL I 358 -11.02 -49.97 14.27
N SER I 359 -10.92 -51.19 14.82
CA SER I 359 -10.07 -52.22 14.24
C SER I 359 -10.71 -52.95 13.05
N ARG I 360 -11.72 -52.39 12.41
CA ARG I 360 -12.19 -52.91 11.13
C ARG I 360 -11.55 -52.02 10.07
N PRO I 361 -11.70 -52.28 8.77
CA PRO I 361 -11.00 -51.45 7.79
C PRO I 361 -11.54 -50.03 7.78
N VAL I 362 -10.75 -49.15 7.17
CA VAL I 362 -11.10 -47.75 7.00
C VAL I 362 -10.56 -47.25 5.67
N ASP I 363 -11.23 -46.23 5.12
CA ASP I 363 -10.87 -45.67 3.82
C ASP I 363 -9.46 -45.07 3.82
N CYS I 364 -8.81 -44.97 4.97
CA CYS I 364 -7.52 -44.31 5.13
C CYS I 364 -7.55 -42.85 4.71
N SER I 365 -8.74 -42.25 4.65
CA SER I 365 -8.91 -40.83 4.38
C SER I 365 -9.82 -40.19 5.43
N LYS I 366 -9.89 -40.79 6.62
CA LYS I 366 -10.66 -40.24 7.73
C LYS I 366 -9.77 -39.60 8.79
N ASP I 367 -8.46 -39.81 8.69
CA ASP I 367 -7.52 -39.17 9.59
C ASP I 367 -7.53 -37.66 9.37
N LYS I 368 -7.21 -36.93 10.44
CA LYS I 368 -7.27 -35.46 10.43
C LYS I 368 -6.40 -34.83 9.34
N CYS I 369 -5.52 -35.60 8.72
CA CYS I 369 -4.67 -35.11 7.64
C CYS I 369 -5.20 -35.64 6.31
N ALA I 370 -4.49 -35.32 5.23
CA ALA I 370 -4.98 -35.69 3.90
C ALA I 370 -4.87 -37.18 3.61
N GLY I 371 -4.20 -37.95 4.47
CA GLY I 371 -4.11 -39.39 4.30
C GLY I 371 -3.61 -39.86 2.95
N GLY I 372 -4.52 -40.38 2.13
CA GLY I 372 -4.16 -40.89 0.82
C GLY I 372 -5.12 -41.93 0.31
N ARG J 10 26.55 -48.78 16.24
CA ARG J 10 25.52 -49.70 16.71
C ARG J 10 24.43 -48.92 17.43
N ARG J 11 24.86 -47.90 18.19
CA ARG J 11 23.96 -47.01 18.90
C ARG J 11 24.01 -45.63 18.25
N TYR J 12 22.86 -44.98 18.15
CA TYR J 12 22.77 -43.66 17.52
C TYR J 12 22.35 -42.60 18.54
N ILE J 13 22.04 -41.41 18.03
CA ILE J 13 21.69 -40.27 18.87
C ILE J 13 20.25 -40.29 19.34
N GLY J 14 19.40 -41.11 18.72
CA GLY J 14 18.04 -41.24 19.20
C GLY J 14 17.97 -41.72 20.64
N TYR J 15 18.97 -42.48 21.08
CA TYR J 15 19.03 -42.86 22.48
C TYR J 15 19.72 -41.79 23.32
N ASP J 16 20.71 -41.10 22.76
CA ASP J 16 21.35 -40.03 23.51
C ASP J 16 20.51 -38.77 23.59
N ALA J 17 19.49 -38.63 22.73
CA ALA J 17 18.59 -37.48 22.83
C ALA J 17 17.56 -37.65 23.93
N LEU J 18 17.18 -38.89 24.25
CA LEU J 18 16.28 -39.14 25.37
C LEU J 18 17.00 -38.89 26.69
N LYS J 19 18.12 -39.59 26.92
CA LYS J 19 18.94 -39.34 28.11
C LYS J 19 19.43 -37.90 28.14
N LYS J 20 18.80 -37.08 28.99
CA LYS J 20 19.13 -35.66 29.08
C LYS J 20 20.58 -35.38 29.43
N ASN J 21 21.28 -36.32 30.08
CA ASN J 21 22.58 -36.00 30.69
C ASN J 21 23.79 -36.28 29.80
N ASN J 22 23.67 -37.10 28.75
CA ASN J 22 24.86 -37.49 28.00
C ASN J 22 25.12 -36.53 26.85
N VAL J 23 26.39 -36.49 26.43
CA VAL J 23 26.84 -35.60 25.36
C VAL J 23 27.55 -36.47 24.32
N PRO J 24 27.52 -36.13 23.02
CA PRO J 24 28.24 -36.95 22.05
C PRO J 24 29.75 -36.90 22.20
N CYS J 25 30.29 -35.93 22.95
CA CYS J 25 31.71 -35.82 23.18
C CYS J 25 31.92 -35.36 24.62
N SER J 26 32.61 -36.18 25.42
CA SER J 26 32.82 -35.81 26.82
C SER J 26 33.90 -34.75 26.96
N ARG J 27 34.95 -34.82 26.16
CA ARG J 27 36.02 -33.83 26.23
C ARG J 27 35.52 -32.48 25.73
N ARG J 28 35.55 -31.48 26.60
CA ARG J 28 35.02 -30.16 26.30
C ARG J 28 35.84 -29.45 25.23
N GLY J 29 35.16 -28.58 24.49
CA GLY J 29 35.77 -27.76 23.44
C GLY J 29 35.76 -28.28 22.02
N ARG J 30 35.99 -29.58 21.82
CA ARG J 30 35.98 -30.11 20.48
C ARG J 30 34.58 -30.03 19.87
N SER J 31 34.53 -29.88 18.56
CA SER J 31 33.26 -29.80 17.85
C SER J 31 32.63 -31.18 17.73
N TYR J 32 31.29 -31.21 17.74
CA TYR J 32 30.58 -32.47 17.54
C TYR J 32 30.78 -33.02 16.14
N TYR J 33 31.23 -32.18 15.21
CA TYR J 33 31.49 -32.58 13.83
C TYR J 33 32.85 -33.22 13.65
N ASP J 34 33.77 -32.99 14.58
CA ASP J 34 35.14 -33.48 14.49
C ASP J 34 35.41 -34.61 15.47
N CYS J 35 35.14 -34.38 16.76
CA CYS J 35 35.42 -35.34 17.84
C CYS J 35 36.75 -36.06 17.63
N LYS J 36 37.80 -35.25 17.43
CA LYS J 36 39.17 -35.76 17.30
C LYS J 36 40.02 -35.04 18.34
N LYS J 37 41.34 -35.11 18.19
CA LYS J 37 42.22 -34.45 19.13
C LYS J 37 42.46 -33.03 18.65
N ARG J 38 42.39 -32.08 19.58
CA ARG J 38 42.36 -30.65 19.27
C ARG J 38 43.33 -29.90 20.18
N ARG J 39 44.55 -30.43 20.28
CA ARG J 39 45.63 -29.84 21.06
C ARG J 39 45.86 -28.35 20.82
N ARG J 40 45.27 -27.77 19.77
CA ARG J 40 45.34 -26.33 19.57
C ARG J 40 43.96 -25.70 19.66
N ASN J 41 43.11 -26.24 20.55
CA ASN J 41 41.78 -25.75 20.90
C ASN J 41 41.07 -25.02 19.77
N ASN J 42 40.96 -25.62 18.58
CA ASN J 42 40.36 -24.92 17.46
C ASN J 42 38.88 -25.29 17.31
N PRO J 43 37.95 -24.41 17.69
CA PRO J 43 36.53 -24.67 17.39
C PRO J 43 36.19 -24.47 15.92
N TYR J 44 37.09 -23.89 15.13
CA TYR J 44 36.85 -23.61 13.72
C TYR J 44 37.47 -24.67 12.84
N ARG J 45 37.41 -25.92 13.28
CA ARG J 45 37.87 -27.08 12.51
C ARG J 45 36.75 -28.11 12.62
N ARG J 46 36.09 -28.39 11.50
CA ARG J 46 34.89 -29.23 11.50
C ARG J 46 35.16 -30.59 10.86
N GLY J 47 35.61 -30.63 9.61
CA GLY J 47 35.96 -31.89 8.99
C GLY J 47 34.81 -32.71 8.44
N CYS J 48 34.15 -33.46 9.31
CA CYS J 48 33.09 -34.36 8.90
C CYS J 48 31.79 -33.59 8.67
N SER J 49 30.86 -34.21 7.94
CA SER J 49 29.70 -33.49 7.39
C SER J 49 28.37 -33.74 8.10
N ALA J 50 28.02 -34.98 8.43
CA ALA J 50 26.70 -35.29 8.96
C ALA J 50 26.78 -35.94 10.32
N ILE J 51 25.77 -35.67 11.17
CA ILE J 51 25.88 -35.99 12.59
C ILE J 51 25.30 -37.38 12.79
N THR J 52 25.42 -38.20 11.76
CA THR J 52 25.26 -39.64 11.80
C THR J 52 26.49 -40.35 11.28
N HIS J 53 27.18 -39.73 10.31
CA HIS J 53 28.48 -40.17 9.81
C HIS J 53 29.62 -39.70 10.72
N CYS J 54 29.32 -38.86 11.71
CA CYS J 54 30.33 -38.36 12.64
C CYS J 54 30.04 -38.82 14.06
N TYR J 55 29.02 -39.64 14.26
CA TYR J 55 28.61 -40.16 15.56
C TYR J 55 28.82 -41.67 15.53
N ARG J 56 30.08 -42.09 15.75
CA ARG J 56 30.48 -43.49 15.83
C ARG J 56 30.53 -44.11 14.43
C1 NAG K . -56.97 -20.08 -11.15
C2 NAG K . -55.94 -20.23 -10.03
C3 NAG K . -55.95 -18.98 -9.16
C4 NAG K . -55.71 -17.74 -10.02
C5 NAG K . -56.73 -17.70 -11.15
C6 NAG K . -56.49 -16.51 -12.07
C7 NAG K . -55.43 -22.45 -9.17
C8 NAG K . -53.96 -22.16 -9.26
N2 NAG K . -56.23 -21.39 -9.22
O3 NAG K . -54.92 -19.08 -8.18
O4 NAG K . -55.85 -16.58 -9.19
O5 NAG K . -56.65 -18.90 -11.92
O6 NAG K . -55.21 -16.66 -12.72
O7 NAG K . -55.87 -23.59 -9.04
C1 NAG K . -54.59 -15.88 -9.11
C2 NAG K . -54.82 -14.49 -8.54
C3 NAG K . -53.50 -13.73 -8.47
C4 NAG K . -52.49 -14.53 -7.66
C5 NAG K . -52.37 -15.94 -8.24
C6 NAG K . -51.41 -16.79 -7.41
C7 NAG K . -56.57 -12.83 -8.80
C8 NAG K . -57.62 -12.26 -9.72
N2 NAG K . -55.80 -13.77 -9.33
O3 NAG K . -53.72 -12.45 -7.86
O4 NAG K . -51.21 -13.90 -7.75
O5 NAG K . -53.65 -16.57 -8.28
O6 NAG K . -51.27 -18.08 -8.02
O7 NAG K . -56.45 -12.45 -7.65
C1 BMA K . -50.91 -13.16 -6.56
C2 BMA K . -49.37 -13.01 -6.48
C3 BMA K . -48.97 -12.01 -5.40
C4 BMA K . -49.81 -10.73 -5.46
C5 BMA K . -51.30 -11.07 -5.43
C6 BMA K . -52.19 -9.85 -5.51
O2 BMA K . -48.85 -12.51 -7.71
O3 BMA K . -47.58 -11.67 -5.48
O4 BMA K . -49.50 -9.88 -4.35
O5 BMA K . -51.57 -11.90 -6.57
O6 BMA K . -53.55 -10.28 -5.35
C1 MAN K . -46.91 -12.11 -4.28
C2 MAN K . -45.74 -11.13 -4.03
C3 MAN K . -44.65 -11.34 -5.08
C4 MAN K . -44.24 -12.82 -5.17
C5 MAN K . -45.49 -13.68 -5.45
C6 MAN K . -45.19 -15.15 -5.49
O2 MAN K . -45.10 -11.37 -2.77
O3 MAN K . -43.50 -10.53 -4.83
O4 MAN K . -43.30 -13.00 -6.21
O5 MAN K . -46.46 -13.45 -4.42
O6 MAN K . -44.85 -15.58 -4.16
C1 NAG L . -28.00 21.47 23.49
C2 NAG L . -26.57 21.87 23.20
C3 NAG L . -26.35 23.32 23.63
C4 NAG L . -27.39 24.24 23.03
C5 NAG L . -28.78 23.72 23.37
C6 NAG L . -29.87 24.62 22.76
C7 NAG L . -25.89 20.64 25.22
C8 NAG L . -26.06 19.18 25.48
N2 NAG L . -25.67 21.00 23.95
O3 NAG L . -25.01 23.83 23.42
O4 NAG L . -27.24 25.55 23.59
O5 NAG L . -28.91 22.39 22.88
O6 NAG L . -29.69 25.96 23.24
O7 NAG L . -25.95 21.46 26.12
C1 NAG L . -24.40 23.75 22.12
C2 NAG L . -24.11 25.19 21.67
C3 NAG L . -23.17 25.26 20.48
C4 NAG L . -21.89 24.51 20.82
C5 NAG L . -22.25 23.08 21.22
C6 NAG L . -20.99 22.32 21.61
C7 NAG L . -25.53 27.16 21.77
C8 NAG L . -26.28 28.07 20.84
N2 NAG L . -25.32 25.92 21.33
O3 NAG L . -22.85 26.64 20.21
O4 NAG L . -20.99 24.52 19.71
O5 NAG L . -23.14 23.10 22.33
O6 NAG L . -20.44 22.90 22.81
O7 NAG L . -25.14 27.53 22.86
C1 NAG M . -48.01 8.85 16.65
C2 NAG M . -48.47 9.62 15.41
C3 NAG M . -49.46 8.80 14.61
C4 NAG M . -48.83 7.47 14.26
C5 NAG M . -48.36 6.77 15.53
C6 NAG M . -47.72 5.43 15.18
C7 NAG M . -48.93 11.97 15.03
C8 NAG M . -49.25 13.29 15.69
N2 NAG M . -49.06 10.90 15.80
O3 NAG M . -49.80 9.50 13.41
O4 NAG M . -49.78 6.64 13.58
O5 NAG M . -47.44 7.61 16.23
O6 NAG M . -48.50 4.76 14.19
O7 NAG M . -48.57 11.91 13.86
C1 NAG M . -47.71 3.68 13.64
C2 NAG M . -48.60 2.47 13.38
C3 NAG M . -47.74 1.33 12.85
C4 NAG M . -46.98 1.75 11.60
C5 NAG M . -46.22 3.05 11.88
C6 NAG M . -45.56 3.60 10.62
C7 NAG M . -50.54 1.73 14.64
C8 NAG M . -51.12 1.49 16.00
N2 NAG M . -49.26 2.06 14.61
O3 NAG M . -48.59 0.21 12.55
O4 NAG M . -46.03 0.71 11.38
O5 NAG M . -47.10 4.05 12.38
O6 NAG M . -45.01 4.88 10.90
O7 NAG M . -51.20 1.62 13.62
C1 BMA M . -46.02 0.08 10.05
C2 BMA M . -47.11 -1.05 9.99
C3 BMA M . -47.02 -1.73 8.62
C4 BMA M . -47.02 -0.71 7.46
C5 BMA M . -45.98 0.40 7.70
C6 BMA M . -45.99 1.49 6.64
O2 BMA M . -48.43 -0.52 10.06
O3 BMA M . -48.06 -2.68 8.44
O4 BMA M . -46.75 -1.36 6.24
O5 BMA M . -46.24 1.01 8.99
O6 BMA M . -44.66 1.91 6.42
C1 NAG N . 0.51 41.16 -24.75
C2 NAG N . -0.16 40.01 -25.48
C3 NAG N . -1.63 40.31 -25.73
C4 NAG N . -2.31 40.64 -24.41
C5 NAG N . -1.59 41.79 -23.72
C6 NAG N . -2.16 42.09 -22.34
C7 NAG N . 0.54 38.54 -27.30
C8 NAG N . 1.60 38.31 -28.33
N2 NAG N . 0.53 39.74 -26.73
O3 NAG N . -2.27 39.17 -26.33
O4 NAG N . -3.71 40.91 -24.62
O5 NAG N . -0.22 41.42 -23.55
O6 NAG N . -1.25 41.61 -21.34
O7 NAG N . -0.26 37.66 -26.99
C1 NAG N . -3.90 42.14 -25.36
C2 NAG N . -4.94 41.90 -26.46
C3 NAG N . -5.21 43.20 -27.22
C4 NAG N . -5.59 44.30 -26.23
C5 NAG N . -4.52 44.43 -25.16
C6 NAG N . -4.89 45.49 -24.13
C7 NAG N . -5.31 40.19 -28.15
C8 NAG N . -4.66 39.25 -29.13
N2 NAG N . -4.49 40.86 -27.36
O3 NAG N . -6.27 43.02 -28.16
O4 NAG N . -5.74 45.54 -26.93
O5 NAG N . -4.34 43.18 -24.50
O6 NAG N . -5.85 44.95 -23.22
O7 NAG N . -6.53 40.31 -28.09
C1 NAG O . 24.22 42.92 -18.61
C2 NAG O . 24.40 43.04 -17.10
C3 NAG O . 25.73 42.40 -16.69
C4 NAG O . 25.80 40.97 -17.19
C5 NAG O . 25.55 40.94 -18.71
C6 NAG O . 25.53 39.53 -19.27
C7 NAG O . 23.26 45.08 -16.41
C8 NAG O . 23.39 46.56 -16.24
N2 NAG O . 24.39 44.43 -16.69
O3 NAG O . 25.83 42.41 -15.26
O4 NAG O . 27.13 40.49 -16.91
O5 NAG O . 24.29 41.55 -19.00
O6 NAG O . 24.32 38.87 -18.89
O7 NAG O . 22.20 44.50 -16.29
C1 NAG O . 27.09 39.28 -16.15
C2 NAG O . 28.31 38.43 -16.53
C3 NAG O . 28.29 37.12 -15.77
C4 NAG O . 28.26 37.41 -14.27
C5 NAG O . 27.06 38.31 -13.96
C6 NAG O . 27.01 38.67 -12.47
C7 NAG O . 28.99 39.01 -18.79
C8 NAG O . 29.17 38.51 -20.18
N2 NAG O . 28.33 38.20 -17.96
O3 NAG O . 29.47 36.37 -16.10
O4 NAG O . 28.14 36.19 -13.53
O5 NAG O . 27.13 39.51 -14.73
O6 NAG O . 25.83 39.43 -12.20
O7 NAG O . 29.41 40.10 -18.42
C1 BMA O . 29.44 35.84 -12.99
C2 BMA O . 29.22 34.87 -11.80
C3 BMA O . 30.57 34.32 -11.32
C4 BMA O . 31.42 33.80 -12.49
C5 BMA O . 31.57 34.90 -13.54
C6 BMA O . 32.39 34.46 -14.75
O2 BMA O . 28.44 33.76 -12.21
O3 BMA O . 30.39 33.29 -10.35
O4 BMA O . 32.69 33.40 -12.02
O5 BMA O . 30.26 35.27 -13.99
O6 BMA O . 31.61 33.52 -15.48
C1 NAG P . -48.03 -29.63 -32.68
C2 NAG P . -46.65 -30.27 -32.53
C3 NAG P . -45.86 -30.10 -33.83
C4 NAG P . -46.67 -30.65 -35.00
C5 NAG P . -48.04 -29.97 -35.04
C6 NAG P . -48.88 -30.51 -36.20
C7 NAG P . -45.95 -30.06 -30.20
C8 NAG P . -46.26 -31.51 -30.00
N2 NAG P . -45.91 -29.64 -31.46
O3 NAG P . -44.62 -30.82 -33.73
O4 NAG P . -45.98 -30.38 -36.22
O5 NAG P . -48.71 -30.20 -33.80
O6 NAG P . -48.38 -31.78 -36.61
O7 NAG P . -45.74 -29.31 -29.26
C1 NAG Q . 58.05 4.19 14.49
C2 NAG Q . 57.64 3.76 15.91
C3 NAG Q . 58.53 2.62 16.38
C4 NAG Q . 58.47 1.47 15.38
C5 NAG Q . 58.86 1.98 14.00
C6 NAG Q . 58.74 0.87 12.96
C7 NAG Q . 56.68 5.56 17.22
C8 NAG Q . 56.53 5.76 18.70
N2 NAG Q . 57.74 4.87 16.83
O3 NAG Q . 58.08 2.17 17.67
O4 NAG Q . 59.36 0.44 15.79
O5 NAG Q . 58.00 3.05 13.62
O6 NAG Q . 57.36 0.58 12.74
O7 NAG Q . 55.88 6.02 16.42
C1 NAG R . 52.76 22.72 -0.37
C2 NAG R . 52.73 22.36 -1.86
C3 NAG R . 51.81 23.32 -2.60
C4 NAG R . 50.44 23.31 -1.97
C5 NAG R . 50.55 23.64 -0.49
C6 NAG R . 49.19 23.58 0.20
C7 NAG R . 54.77 21.29 -2.62
C8 NAG R . 56.26 21.47 -2.64
N2 NAG R . 54.06 22.40 -2.43
O3 NAG R . 51.71 22.92 -3.99
O4 NAG R . 49.60 24.28 -2.61
O5 NAG R . 51.43 22.69 0.14
O6 NAG R . 48.69 22.24 0.17
O7 NAG R . 54.24 20.20 -2.76
#